data_8CSO
#
_entry.id   8CSO
#
_cell.length_a   61.710
_cell.length_b   91.310
_cell.length_c   127.730
_cell.angle_alpha   100.942
_cell.angle_beta   100.364
_cell.angle_gamma   91.113
#
_symmetry.space_group_name_H-M   'P 1'
#
loop_
_entity.id
_entity.type
_entity.pdbx_description
1 polymer "Orotidine 5'-phosphate decarboxylase"
2 non-polymer "URIDINE-5'-MONOPHOSPHATE"
3 non-polymer 1,2-ETHANEDIOL
4 water water
#
_entity_poly.entity_id   1
_entity_poly.type   'polypeptide(L)'
_entity_poly.pdbx_seq_one_letter_code
;MAHHHHHMVVALDYDNRDKALAFVDRIDPRDCRLKVGKEMFTLLGPQFVRDLHQRGFEVFLDLKFHDIPNTTARAVAAAA
ELGVWMVNVHASGGARMMTAAREALLPFGKDAPLLIAVTVLTSMESSDLQDLGITLSPADYAAKLAALTQRCGLDGVVCS
AQEAVRFKHELGQAFKLVTPGIRPQGSDAGDQRRIMTPEQAQEAGVDYMVIGRPVTQSADPAATLRAINDSLRKGA
;
_entity_poly.pdbx_strand_id   A,B,C,D,E,F,G,H,I,J
#
loop_
_chem_comp.id
_chem_comp.type
_chem_comp.name
_chem_comp.formula
EDO non-polymer 1,2-ETHANEDIOL 'C2 H6 O2'
U5P non-polymer URIDINE-5'-MONOPHOSPHATE 'C9 H13 N2 O9 P'
#
# COMPACT_ATOMS: atom_id res chain seq x y z
N HIS A 6 49.16 22.54 -5.12
CA HIS A 6 49.01 21.99 -6.46
C HIS A 6 48.85 20.47 -6.42
N HIS A 7 48.65 19.86 -7.58
CA HIS A 7 48.52 18.40 -7.69
C HIS A 7 49.57 17.77 -8.60
N MET A 8 50.01 18.46 -9.65
CA MET A 8 50.85 17.83 -10.66
C MET A 8 52.27 17.57 -10.13
N VAL A 9 52.78 16.37 -10.38
CA VAL A 9 54.16 15.98 -10.06
C VAL A 9 54.82 15.41 -11.31
N VAL A 10 55.95 15.98 -11.72
CA VAL A 10 56.66 15.57 -12.93
C VAL A 10 57.80 14.63 -12.56
N ALA A 11 57.87 13.47 -13.21
CA ALA A 11 58.91 12.49 -12.93
C ALA A 11 60.20 12.88 -13.66
N LEU A 12 61.28 13.12 -12.90
CA LEU A 12 62.58 13.39 -13.52
C LEU A 12 63.31 12.06 -13.68
N ASP A 13 63.15 11.45 -14.86
CA ASP A 13 63.78 10.19 -15.18
C ASP A 13 64.79 10.37 -16.31
N TYR A 14 65.88 11.05 -16.00
CA TYR A 14 66.96 11.24 -16.96
C TYR A 14 68.15 10.36 -16.59
N ASP A 15 69.01 10.11 -17.58
CA ASP A 15 70.23 9.39 -17.30
C ASP A 15 71.44 10.32 -17.30
N ASN A 16 71.18 11.62 -17.26
CA ASN A 16 72.22 12.64 -17.36
C ASN A 16 71.72 13.87 -16.62
N ARG A 17 72.57 14.43 -15.75
CA ARG A 17 72.14 15.57 -14.93
C ARG A 17 71.83 16.79 -15.79
N ASP A 18 72.61 17.04 -16.84
CA ASP A 18 72.37 18.19 -17.70
C ASP A 18 71.01 18.11 -18.39
N LYS A 19 70.64 16.91 -18.86
CA LYS A 19 69.35 16.77 -19.54
C LYS A 19 68.20 17.10 -18.59
N ALA A 20 68.28 16.64 -17.34
CA ALA A 20 67.22 16.93 -16.38
C ALA A 20 67.13 18.42 -16.11
N LEU A 21 68.28 19.05 -15.83
CA LEU A 21 68.27 20.47 -15.56
C LEU A 21 67.88 21.27 -16.78
N ALA A 22 68.08 20.72 -17.98
CA ALA A 22 67.60 21.40 -19.17
C ALA A 22 66.08 21.53 -19.14
N PHE A 23 65.40 20.52 -18.62
CA PHE A 23 63.95 20.66 -18.46
C PHE A 23 63.62 21.53 -17.24
N VAL A 24 64.28 21.27 -16.11
CA VAL A 24 63.94 21.97 -14.87
C VAL A 24 64.18 23.46 -15.02
N ASP A 25 65.21 23.85 -15.75
CA ASP A 25 65.46 25.27 -15.91
C ASP A 25 64.37 25.97 -16.71
N ARG A 26 63.58 25.22 -17.47
CA ARG A 26 62.52 25.81 -18.29
C ARG A 26 61.18 25.88 -17.55
N ILE A 27 61.05 25.28 -16.38
CA ILE A 27 59.79 25.32 -15.64
C ILE A 27 60.02 26.02 -14.31
N ASP A 28 58.91 26.25 -13.61
CA ASP A 28 58.80 27.01 -12.39
C ASP A 28 58.11 26.16 -11.34
N PRO A 29 58.44 26.33 -10.06
CA PRO A 29 57.76 25.54 -9.01
C PRO A 29 56.25 25.66 -9.00
N ARG A 30 55.69 26.76 -9.51
CA ARG A 30 54.24 26.85 -9.59
C ARG A 30 53.67 25.88 -10.62
N ASP A 31 54.51 25.34 -11.51
CA ASP A 31 54.01 24.43 -12.53
C ASP A 31 53.83 23.02 -12.00
N CYS A 32 54.68 22.59 -11.07
CA CYS A 32 54.66 21.22 -10.61
C CYS A 32 55.62 21.07 -9.44
N ARG A 33 55.51 19.93 -8.77
CA ARG A 33 56.58 19.41 -7.94
C ARG A 33 57.35 18.39 -8.77
N LEU A 34 58.52 18.00 -8.27
CA LEU A 34 59.39 17.12 -9.02
C LEU A 34 59.53 15.81 -8.29
N LYS A 35 59.64 14.73 -9.05
CA LYS A 35 59.87 13.39 -8.53
C LYS A 35 61.26 12.93 -8.95
N VAL A 36 62.07 12.54 -7.96
CA VAL A 36 63.40 11.97 -8.14
C VAL A 36 63.31 10.49 -7.82
N GLY A 37 63.67 9.65 -8.78
CA GLY A 37 63.50 8.22 -8.67
C GLY A 37 64.79 7.46 -8.49
N LYS A 38 64.67 6.14 -8.65
CA LYS A 38 65.82 5.26 -8.45
C LYS A 38 66.94 5.59 -9.43
N GLU A 39 66.61 5.94 -10.65
CA GLU A 39 67.68 6.18 -11.61
C GLU A 39 68.51 7.40 -11.25
N MET A 40 67.85 8.57 -11.15
CA MET A 40 68.61 9.78 -10.94
C MET A 40 69.28 9.76 -9.59
N PHE A 41 68.65 9.15 -8.59
CA PHE A 41 69.27 9.10 -7.29
C PHE A 41 70.48 8.18 -7.29
N THR A 42 70.42 7.07 -8.03
CA THR A 42 71.58 6.19 -8.12
C THR A 42 72.73 6.85 -8.85
N LEU A 43 72.43 7.75 -9.81
CA LEU A 43 73.50 8.41 -10.56
C LEU A 43 74.07 9.60 -9.82
N LEU A 44 73.21 10.36 -9.12
CA LEU A 44 73.59 11.65 -8.56
C LEU A 44 73.52 11.71 -7.05
N GLY A 45 72.65 10.93 -6.42
CA GLY A 45 72.53 10.91 -4.98
C GLY A 45 71.83 12.12 -4.43
N PRO A 46 72.00 12.36 -3.13
CA PRO A 46 71.20 13.41 -2.47
C PRO A 46 71.52 14.81 -2.95
N GLN A 47 72.74 15.05 -3.46
CA GLN A 47 73.08 16.39 -3.91
C GLN A 47 72.12 16.88 -5.00
N PHE A 48 71.63 15.96 -5.82
CA PHE A 48 70.67 16.38 -6.84
C PHE A 48 69.37 16.87 -6.22
N VAL A 49 68.89 16.21 -5.16
CA VAL A 49 67.71 16.70 -4.47
C VAL A 49 67.97 18.09 -3.88
N ARG A 50 69.15 18.28 -3.30
CA ARG A 50 69.46 19.60 -2.75
C ARG A 50 69.46 20.66 -3.84
N ASP A 51 69.98 20.33 -5.03
CA ASP A 51 69.95 21.26 -6.15
C ASP A 51 68.53 21.69 -6.49
N LEU A 52 67.58 20.75 -6.46
CA LEU A 52 66.20 21.08 -6.77
C LEU A 52 65.59 21.94 -5.68
N HIS A 53 65.90 21.65 -4.41
CA HIS A 53 65.42 22.50 -3.32
C HIS A 53 65.99 23.91 -3.47
N GLN A 54 67.26 24.01 -3.88
CA GLN A 54 67.85 25.32 -4.10
C GLN A 54 67.13 26.10 -5.19
N ARG A 55 66.45 25.41 -6.08
CA ARG A 55 65.67 26.07 -7.13
C ARG A 55 64.21 26.29 -6.73
N GLY A 56 63.85 25.92 -5.50
CA GLY A 56 62.52 26.24 -4.99
C GLY A 56 61.48 25.17 -5.19
N PHE A 57 61.88 23.98 -5.61
CA PHE A 57 60.93 22.91 -5.88
C PHE A 57 60.79 22.01 -4.66
N GLU A 58 59.57 21.51 -4.46
CA GLU A 58 59.35 20.44 -3.51
C GLU A 58 59.50 19.10 -4.22
N VAL A 59 60.13 18.14 -3.55
CA VAL A 59 60.60 16.92 -4.20
C VAL A 59 59.92 15.71 -3.57
N PHE A 60 59.36 14.85 -4.41
CA PHE A 60 58.89 13.53 -4.01
C PHE A 60 60.02 12.55 -4.25
N LEU A 61 60.68 12.11 -3.18
CA LEU A 61 61.75 11.14 -3.28
C LEU A 61 61.13 9.75 -3.42
N ASP A 62 61.23 9.18 -4.62
CA ASP A 62 60.52 7.97 -5.00
C ASP A 62 61.50 6.80 -5.04
N LEU A 63 61.93 6.37 -3.85
CA LEU A 63 62.87 5.26 -3.76
C LEU A 63 62.21 3.96 -3.33
N LYS A 64 60.93 4.00 -2.92
CA LYS A 64 60.15 2.80 -2.65
C LYS A 64 60.88 1.86 -1.69
N PHE A 65 61.29 2.40 -0.55
CA PHE A 65 62.00 1.59 0.44
C PHE A 65 61.24 0.31 0.74
N HIS A 66 61.95 -0.82 0.65
CA HIS A 66 61.33 -2.13 0.87
C HIS A 66 62.41 -3.01 1.49
N ASP A 67 62.50 -2.99 2.82
CA ASP A 67 63.59 -3.65 3.52
C ASP A 67 63.09 -4.09 4.89
N ILE A 68 64.00 -4.59 5.71
CA ILE A 68 63.69 -4.95 7.09
C ILE A 68 63.30 -3.68 7.83
N PRO A 69 62.53 -3.77 8.92
CA PRO A 69 62.07 -2.54 9.59
C PRO A 69 63.19 -1.60 10.00
N ASN A 70 64.26 -2.12 10.58
CA ASN A 70 65.33 -1.26 11.08
C ASN A 70 65.98 -0.47 9.94
N THR A 71 66.29 -1.15 8.84
CA THR A 71 66.89 -0.45 7.71
C THR A 71 65.94 0.56 7.10
N THR A 72 64.67 0.18 6.93
CA THR A 72 63.74 1.11 6.31
C THR A 72 63.55 2.35 7.15
N ALA A 73 63.47 2.20 8.48
CA ALA A 73 63.29 3.35 9.34
C ALA A 73 64.46 4.31 9.23
N ARG A 74 65.69 3.79 9.24
CA ARG A 74 66.85 4.66 9.10
C ARG A 74 66.93 5.28 7.71
N ALA A 75 66.46 4.59 6.66
CA ALA A 75 66.45 5.20 5.33
C ALA A 75 65.41 6.31 5.25
N VAL A 76 64.25 6.09 5.87
CA VAL A 76 63.22 7.13 5.93
C VAL A 76 63.71 8.33 6.72
N ALA A 77 64.44 8.08 7.81
CA ALA A 77 65.02 9.19 8.57
C ALA A 77 66.04 9.94 7.74
N ALA A 78 66.84 9.22 6.94
CA ALA A 78 67.80 9.91 6.10
C ALA A 78 67.09 10.82 5.11
N ALA A 79 65.97 10.36 4.56
CA ALA A 79 65.19 11.20 3.65
C ALA A 79 64.65 12.43 4.36
N ALA A 80 64.16 12.27 5.60
CA ALA A 80 63.70 13.43 6.36
C ALA A 80 64.83 14.39 6.62
N GLU A 81 66.02 13.87 6.93
CA GLU A 81 67.18 14.74 7.04
C GLU A 81 67.43 15.48 5.74
N LEU A 82 67.04 14.87 4.63
CA LEU A 82 67.20 15.52 3.33
C LEU A 82 66.17 16.61 3.09
N GLY A 83 65.08 16.64 3.85
CA GLY A 83 64.07 17.67 3.73
C GLY A 83 63.07 17.51 2.61
N VAL A 84 62.85 16.30 2.11
CA VAL A 84 61.93 16.12 1.01
C VAL A 84 60.48 16.33 1.48
N TRP A 85 59.62 16.60 0.51
CA TRP A 85 58.21 16.82 0.75
C TRP A 85 57.44 15.52 0.91
N MET A 86 57.85 14.47 0.22
CA MET A 86 57.18 13.18 0.25
C MET A 86 58.21 12.11 -0.02
N VAL A 87 58.04 10.96 0.62
CA VAL A 87 58.92 9.82 0.45
C VAL A 87 58.05 8.58 0.60
N ASN A 88 58.42 7.50 -0.07
CA ASN A 88 57.54 6.34 -0.11
C ASN A 88 58.26 5.06 0.28
N VAL A 89 57.44 4.05 0.56
CA VAL A 89 57.87 2.70 0.92
C VAL A 89 56.98 1.74 0.15
N HIS A 90 57.39 0.47 0.13
CA HIS A 90 56.54 -0.59 -0.41
C HIS A 90 55.64 -1.10 0.72
N ALA A 91 54.33 -1.01 0.50
CA ALA A 91 53.40 -1.57 1.48
C ALA A 91 53.58 -3.07 1.64
N SER A 92 54.03 -3.76 0.58
CA SER A 92 54.23 -5.20 0.74
C SER A 92 55.44 -5.55 1.58
N GLY A 93 56.16 -4.55 2.11
CA GLY A 93 57.16 -4.81 3.12
C GLY A 93 56.61 -5.18 4.47
N GLY A 94 55.32 -4.95 4.70
CA GLY A 94 54.67 -5.45 5.90
C GLY A 94 54.38 -4.35 6.91
N ALA A 95 53.55 -4.73 7.89
CA ALA A 95 53.07 -3.80 8.91
C ALA A 95 54.19 -3.32 9.82
N ARG A 96 55.07 -4.23 10.26
CA ARG A 96 56.16 -3.81 11.14
C ARG A 96 57.08 -2.81 10.43
N MET A 97 57.32 -3.02 9.14
CA MET A 97 58.18 -2.09 8.41
C MET A 97 57.51 -0.73 8.26
N MET A 98 56.24 -0.70 7.84
CA MET A 98 55.60 0.59 7.67
C MET A 98 55.50 1.33 9.01
N THR A 99 55.18 0.61 10.07
CA THR A 99 55.12 1.20 11.40
C THR A 99 56.48 1.71 11.85
N ALA A 100 57.55 0.93 11.60
CA ALA A 100 58.88 1.42 11.92
C ALA A 100 59.18 2.70 11.15
N ALA A 101 58.71 2.80 9.90
CA ALA A 101 58.99 3.99 9.09
C ALA A 101 58.28 5.22 9.67
N ARG A 102 57.00 5.08 10.02
CA ARG A 102 56.28 6.21 10.58
C ARG A 102 56.88 6.64 11.92
N GLU A 103 57.22 5.67 12.76
CA GLU A 103 57.81 6.00 14.05
C GLU A 103 59.15 6.68 13.87
N ALA A 104 59.87 6.38 12.78
CA ALA A 104 61.14 7.04 12.49
C ALA A 104 60.98 8.53 12.20
N LEU A 105 59.79 8.95 11.76
CA LEU A 105 59.54 10.35 11.42
C LEU A 105 59.08 11.18 12.62
N LEU A 106 58.73 10.55 13.74
CA LEU A 106 58.30 11.29 14.92
C LEU A 106 59.29 12.36 15.38
N PRO A 107 60.61 12.16 15.35
CA PRO A 107 61.50 13.25 15.79
C PRO A 107 61.42 14.50 14.93
N PHE A 108 60.94 14.40 13.69
CA PHE A 108 60.93 15.55 12.79
C PHE A 108 59.65 16.36 12.86
N GLY A 109 58.69 15.96 13.68
CA GLY A 109 57.51 16.78 13.90
C GLY A 109 56.77 17.07 12.62
N LYS A 110 56.23 18.29 12.51
CA LYS A 110 55.47 18.70 11.34
C LYS A 110 56.35 18.88 10.11
N ASP A 111 57.67 18.96 10.29
CA ASP A 111 58.58 19.08 9.16
C ASP A 111 58.87 17.74 8.49
N ALA A 112 58.30 16.66 9.00
CA ALA A 112 58.49 15.36 8.39
C ALA A 112 57.92 15.34 6.97
N PRO A 113 58.52 14.58 6.07
CA PRO A 113 57.90 14.39 4.77
C PRO A 113 56.65 13.54 4.89
N LEU A 114 55.78 13.67 3.90
CA LEU A 114 54.68 12.73 3.79
C LEU A 114 55.21 11.32 3.56
N LEU A 115 54.62 10.35 4.25
CA LEU A 115 55.05 8.96 4.14
C LEU A 115 53.98 8.19 3.39
N ILE A 116 54.31 7.76 2.18
CA ILE A 116 53.39 7.09 1.27
C ILE A 116 53.85 5.66 1.07
N ALA A 117 52.91 4.75 0.84
CA ALA A 117 53.25 3.37 0.55
C ALA A 117 52.76 3.00 -0.84
N VAL A 118 53.61 2.31 -1.59
CA VAL A 118 53.23 1.73 -2.86
C VAL A 118 52.39 0.48 -2.62
N THR A 119 51.24 0.38 -3.29
CA THR A 119 50.43 -0.83 -3.22
C THR A 119 50.85 -1.80 -4.32
N VAL A 120 50.13 -1.83 -5.44
CA VAL A 120 50.50 -2.62 -6.60
C VAL A 120 50.98 -1.68 -7.69
N LEU A 121 52.19 -1.91 -8.17
CA LEU A 121 52.78 -1.03 -9.18
C LEU A 121 51.89 -0.94 -10.41
N THR A 122 51.77 0.28 -10.95
CA THR A 122 50.89 0.57 -12.07
C THR A 122 51.25 -0.22 -13.32
N SER A 123 52.44 -0.83 -13.36
CA SER A 123 52.81 -1.71 -14.46
C SER A 123 52.26 -3.12 -14.30
N MET A 124 51.85 -3.50 -13.09
CA MET A 124 51.42 -4.86 -12.79
C MET A 124 49.96 -5.09 -13.15
N GLU A 125 49.72 -6.06 -13.99
CA GLU A 125 48.38 -6.56 -14.27
C GLU A 125 48.19 -7.89 -13.54
N SER A 126 47.02 -8.50 -13.75
CA SER A 126 46.70 -9.74 -13.06
C SER A 126 47.69 -10.85 -13.40
N SER A 127 48.08 -10.97 -14.67
CA SER A 127 49.02 -12.02 -15.05
C SER A 127 50.38 -11.81 -14.39
N ASP A 128 50.77 -10.56 -14.16
CA ASP A 128 52.04 -10.30 -13.49
C ASP A 128 51.98 -10.77 -12.04
N LEU A 129 50.84 -10.55 -11.38
CA LEU A 129 50.69 -10.96 -9.98
C LEU A 129 50.56 -12.46 -9.83
N GLN A 130 50.07 -13.14 -10.87
CA GLN A 130 49.90 -14.59 -10.78
C GLN A 130 51.24 -15.31 -10.68
N ASP A 131 52.30 -14.73 -11.25
CA ASP A 131 53.63 -15.30 -11.07
C ASP A 131 54.08 -15.26 -9.62
N LEU A 132 53.50 -14.37 -8.82
CA LEU A 132 53.80 -14.29 -7.39
C LEU A 132 52.85 -15.12 -6.54
N GLY A 133 51.99 -15.91 -7.15
CA GLY A 133 50.99 -16.64 -6.39
C GLY A 133 49.79 -15.81 -5.98
N ILE A 134 49.78 -14.53 -6.34
CA ILE A 134 48.65 -13.65 -6.03
C ILE A 134 47.52 -13.94 -7.00
N THR A 135 46.35 -14.26 -6.46
CA THR A 135 45.19 -14.56 -7.29
C THR A 135 44.21 -13.39 -7.38
N LEU A 136 44.35 -12.39 -6.51
CA LEU A 136 43.47 -11.24 -6.52
C LEU A 136 43.80 -10.29 -7.67
N SER A 137 42.79 -9.58 -8.14
CA SER A 137 43.00 -8.55 -9.15
C SER A 137 43.89 -7.44 -8.59
N PRO A 138 44.58 -6.71 -9.47
CA PRO A 138 45.38 -5.56 -8.98
C PRO A 138 44.58 -4.61 -8.10
N ALA A 139 43.32 -4.35 -8.45
CA ALA A 139 42.51 -3.46 -7.62
C ALA A 139 42.27 -4.08 -6.25
N ASP A 140 41.87 -5.35 -6.21
CA ASP A 140 41.60 -6.00 -4.93
C ASP A 140 42.85 -6.12 -4.09
N TYR A 141 43.98 -6.52 -4.70
CA TYR A 141 45.20 -6.63 -3.93
C TYR A 141 45.70 -5.27 -3.48
N ALA A 142 45.64 -4.27 -4.34
CA ALA A 142 46.03 -2.92 -3.93
C ALA A 142 45.14 -2.44 -2.78
N ALA A 143 43.84 -2.74 -2.84
CA ALA A 143 42.93 -2.33 -1.78
C ALA A 143 43.33 -2.96 -0.44
N LYS A 144 43.72 -4.24 -0.47
CA LYS A 144 44.20 -4.88 0.74
C LYS A 144 45.48 -4.21 1.26
N LEU A 145 46.42 -3.91 0.36
CA LEU A 145 47.66 -3.27 0.80
C LEU A 145 47.41 -1.85 1.27
N ALA A 146 46.47 -1.15 0.62
CA ALA A 146 46.12 0.21 1.05
C ALA A 146 45.52 0.21 2.45
N ALA A 147 44.64 -0.75 2.74
CA ALA A 147 44.05 -0.84 4.07
C ALA A 147 45.11 -1.07 5.14
N LEU A 148 46.06 -1.97 4.86
CA LEU A 148 47.16 -2.20 5.80
C LEU A 148 47.96 -0.92 5.99
N THR A 149 48.21 -0.20 4.90
CA THR A 149 48.95 1.06 4.96
C THR A 149 48.25 2.09 5.83
N GLN A 150 46.92 2.20 5.70
CA GLN A 150 46.19 3.17 6.52
C GLN A 150 46.25 2.80 7.99
N ARG A 151 46.08 1.52 8.30
CA ARG A 151 46.13 1.08 9.69
C ARG A 151 47.53 1.25 10.29
N CYS A 152 48.58 1.32 9.47
CA CYS A 152 49.92 1.56 10.00
C CYS A 152 50.20 3.04 10.20
N GLY A 153 49.24 3.91 9.87
CA GLY A 153 49.38 5.33 10.16
C GLY A 153 50.07 6.14 9.09
N LEU A 154 50.21 5.61 7.89
CA LEU A 154 50.84 6.37 6.82
C LEU A 154 49.86 7.38 6.22
N ASP A 155 50.41 8.34 5.48
CA ASP A 155 49.63 9.46 4.98
C ASP A 155 48.84 9.13 3.71
N GLY A 156 49.20 8.06 3.01
CA GLY A 156 48.51 7.68 1.80
C GLY A 156 49.25 6.59 1.04
N VAL A 157 48.79 6.35 -0.19
CA VAL A 157 49.35 5.30 -1.02
C VAL A 157 49.64 5.84 -2.42
N VAL A 158 50.53 5.13 -3.11
CA VAL A 158 50.64 5.20 -4.56
C VAL A 158 49.79 4.07 -5.14
N CYS A 159 48.88 4.42 -6.04
CA CYS A 159 48.02 3.42 -6.65
C CYS A 159 47.68 3.89 -8.06
N SER A 160 47.03 3.02 -8.81
CA SER A 160 46.53 3.44 -10.11
C SER A 160 45.35 4.38 -9.94
N ALA A 161 45.21 5.32 -10.88
CA ALA A 161 44.05 6.19 -10.87
C ALA A 161 42.76 5.40 -11.06
N GLN A 162 42.85 4.19 -11.60
CA GLN A 162 41.68 3.35 -11.75
C GLN A 162 41.10 2.91 -10.42
N GLU A 163 41.86 3.05 -9.33
CA GLU A 163 41.38 2.68 -8.00
C GLU A 163 40.97 3.89 -7.15
N ALA A 164 41.01 5.11 -7.70
CA ALA A 164 40.81 6.32 -6.90
C ALA A 164 39.39 6.44 -6.37
N VAL A 165 38.39 6.27 -7.25
CA VAL A 165 37.01 6.44 -6.79
C VAL A 165 36.72 5.45 -5.66
N ARG A 166 37.17 4.21 -5.83
CA ARG A 166 37.00 3.20 -4.79
C ARG A 166 37.80 3.55 -3.55
N PHE A 167 39.06 3.98 -3.72
CA PHE A 167 39.91 4.21 -2.56
C PHE A 167 39.44 5.40 -1.73
N LYS A 168 39.05 6.51 -2.40
CA LYS A 168 38.56 7.66 -1.66
C LYS A 168 37.33 7.30 -0.84
N HIS A 169 36.49 6.40 -1.35
CA HIS A 169 35.32 6.00 -0.59
C HIS A 169 35.67 5.06 0.54
N GLU A 170 36.57 4.10 0.29
CA GLU A 170 36.85 3.10 1.31
C GLU A 170 37.82 3.60 2.35
N LEU A 171 38.77 4.45 1.96
CA LEU A 171 39.83 4.89 2.86
C LEU A 171 39.68 6.32 3.33
N GLY A 172 38.82 7.12 2.70
CA GLY A 172 38.49 8.45 3.18
C GLY A 172 39.26 9.56 2.48
N GLN A 173 38.80 10.78 2.74
CA GLN A 173 39.39 11.97 2.10
C GLN A 173 40.79 12.27 2.62
N ALA A 174 41.07 12.00 3.90
CA ALA A 174 42.37 12.41 4.44
C ALA A 174 43.51 11.56 3.88
N PHE A 175 43.23 10.31 3.55
CA PHE A 175 44.26 9.42 2.99
C PHE A 175 44.58 9.83 1.55
N LYS A 176 45.82 10.23 1.31
CA LYS A 176 46.17 10.85 0.03
C LYS A 176 46.50 9.78 -1.02
N LEU A 177 46.07 10.05 -2.26
CA LEU A 177 46.27 9.14 -3.38
C LEU A 177 47.19 9.80 -4.39
N VAL A 178 48.32 9.15 -4.66
CA VAL A 178 49.30 9.58 -5.64
C VAL A 178 49.26 8.55 -6.76
N THR A 179 48.93 8.99 -7.98
CA THR A 179 48.75 8.05 -9.06
C THR A 179 49.68 8.33 -10.24
N PRO A 180 50.59 7.42 -10.56
CA PRO A 180 51.26 7.45 -11.86
C PRO A 180 50.38 6.73 -12.87
N GLY A 181 50.95 6.37 -14.01
CA GLY A 181 50.16 5.76 -15.06
C GLY A 181 49.20 6.77 -15.64
N ILE A 182 49.67 8.00 -15.81
CA ILE A 182 48.88 9.07 -16.39
C ILE A 182 49.30 9.20 -17.85
N ARG A 183 48.36 8.95 -18.74
CA ARG A 183 48.64 8.92 -20.18
C ARG A 183 47.59 9.74 -20.91
N PRO A 184 47.91 10.98 -21.28
CA PRO A 184 47.03 11.74 -22.17
C PRO A 184 46.69 10.92 -23.41
N GLN A 185 45.44 11.03 -23.86
CA GLN A 185 45.01 10.22 -25.00
C GLN A 185 45.92 10.49 -26.19
N GLY A 186 46.35 9.42 -26.85
CA GLY A 186 47.20 9.49 -28.02
C GLY A 186 48.65 9.11 -27.78
N SER A 187 49.10 9.07 -26.53
CA SER A 187 50.49 8.83 -26.20
C SER A 187 50.70 7.39 -25.71
N ASP A 188 51.87 6.84 -26.03
CA ASP A 188 52.14 5.42 -25.78
C ASP A 188 52.21 5.11 -24.29
N ALA A 189 51.72 3.93 -23.92
CA ALA A 189 51.68 3.51 -22.51
C ALA A 189 53.01 2.95 -22.03
N GLY A 190 53.79 2.34 -22.93
CA GLY A 190 55.06 1.75 -22.51
C GLY A 190 54.83 0.51 -21.68
N ASP A 191 55.51 0.44 -20.53
CA ASP A 191 55.32 -0.66 -19.60
C ASP A 191 54.22 -0.38 -18.56
N GLN A 192 53.47 0.72 -18.73
CA GLN A 192 52.33 1.00 -17.86
C GLN A 192 51.11 0.21 -18.30
N ARG A 193 50.34 -0.29 -17.33
CA ARG A 193 49.17 -1.11 -17.63
C ARG A 193 47.85 -0.52 -17.12
N ARG A 194 47.82 0.07 -15.92
CA ARG A 194 46.58 0.61 -15.34
C ARG A 194 46.62 2.13 -15.47
N ILE A 195 46.14 2.65 -16.60
CA ILE A 195 46.37 4.04 -16.94
C ILE A 195 45.05 4.79 -17.11
N MET A 196 45.13 6.10 -16.89
CA MET A 196 44.03 7.04 -16.97
C MET A 196 44.59 8.35 -17.51
N THR A 197 43.79 9.05 -18.31
CA THR A 197 44.18 10.39 -18.74
C THR A 197 44.24 11.34 -17.54
N PRO A 198 44.95 12.47 -17.67
CA PRO A 198 44.93 13.46 -16.59
C PRO A 198 43.53 13.95 -16.22
N GLU A 199 42.67 14.19 -17.22
CA GLU A 199 41.31 14.62 -16.92
C GLU A 199 40.55 13.52 -16.19
N GLN A 200 40.74 12.27 -16.60
CA GLN A 200 40.08 11.14 -15.93
C GLN A 200 40.54 10.98 -14.50
N ALA A 201 41.85 11.10 -14.25
CA ALA A 201 42.37 10.95 -12.90
C ALA A 201 41.89 12.07 -11.99
N GLN A 202 41.73 13.27 -12.54
CA GLN A 202 41.21 14.38 -11.73
C GLN A 202 39.77 14.13 -11.31
N GLU A 203 38.93 13.68 -12.26
CA GLU A 203 37.53 13.41 -11.93
C GLU A 203 37.40 12.31 -10.89
N ALA A 204 38.34 11.36 -10.89
CA ALA A 204 38.30 10.27 -9.93
C ALA A 204 38.65 10.70 -8.51
N GLY A 205 39.20 11.89 -8.31
CA GLY A 205 39.49 12.36 -6.97
C GLY A 205 40.92 12.20 -6.49
N VAL A 206 41.86 11.99 -7.40
CA VAL A 206 43.27 11.82 -7.03
C VAL A 206 43.79 13.09 -6.37
N ASP A 207 44.67 12.91 -5.39
CA ASP A 207 45.29 14.06 -4.75
C ASP A 207 46.49 14.56 -5.54
N TYR A 208 47.34 13.66 -6.04
CA TYR A 208 48.53 14.04 -6.79
C TYR A 208 48.73 13.08 -7.95
N MET A 209 48.91 13.61 -9.15
CA MET A 209 49.13 12.75 -10.31
C MET A 209 50.57 12.90 -10.78
N VAL A 210 51.24 11.78 -10.98
CA VAL A 210 52.62 11.72 -11.44
C VAL A 210 52.63 11.45 -12.94
N ILE A 211 53.28 12.34 -13.69
CA ILE A 211 53.41 12.23 -15.15
C ILE A 211 54.89 12.26 -15.48
N GLY A 212 55.33 11.32 -16.33
CA GLY A 212 56.73 11.27 -16.73
C GLY A 212 56.94 11.48 -18.22
N ARG A 213 57.22 10.38 -18.93
CA ARG A 213 57.52 10.44 -20.36
C ARG A 213 56.60 11.33 -21.19
N PRO A 214 55.29 11.41 -20.96
CA PRO A 214 54.47 12.34 -21.76
C PRO A 214 54.87 13.80 -21.67
N VAL A 215 55.62 14.20 -20.64
CA VAL A 215 56.20 15.54 -20.56
C VAL A 215 57.65 15.54 -20.99
N THR A 216 58.47 14.70 -20.35
CA THR A 216 59.92 14.79 -20.50
C THR A 216 60.37 14.45 -21.92
N GLN A 217 59.72 13.48 -22.57
CA GLN A 217 60.06 13.15 -23.95
C GLN A 217 59.39 14.07 -24.96
N SER A 218 58.65 15.07 -24.50
CA SER A 218 58.06 16.00 -25.45
C SER A 218 59.16 16.88 -26.05
N ALA A 219 58.99 17.23 -27.32
CA ALA A 219 59.92 18.16 -27.95
C ALA A 219 59.93 19.50 -27.22
N ASP A 220 58.83 19.84 -26.54
CA ASP A 220 58.77 21.00 -25.66
C ASP A 220 58.10 20.53 -24.37
N PRO A 221 58.89 20.08 -23.40
CA PRO A 221 58.30 19.56 -22.17
C PRO A 221 57.60 20.63 -21.34
N ALA A 222 58.19 21.83 -21.24
CA ALA A 222 57.55 22.88 -20.44
C ALA A 222 56.20 23.26 -21.01
N ALA A 223 56.11 23.41 -22.34
CA ALA A 223 54.83 23.74 -22.97
C ALA A 223 53.82 22.61 -22.83
N THR A 224 54.28 21.36 -22.96
CA THR A 224 53.37 20.23 -22.77
C THR A 224 52.82 20.19 -21.36
N LEU A 225 53.67 20.39 -20.36
CA LEU A 225 53.23 20.41 -18.97
C LEU A 225 52.20 21.52 -18.74
N ARG A 226 52.47 22.71 -19.26
CA ARG A 226 51.54 23.81 -19.08
C ARG A 226 50.21 23.53 -19.77
N ALA A 227 50.24 22.85 -20.92
CA ALA A 227 49.01 22.50 -21.62
C ALA A 227 48.18 21.50 -20.82
N ILE A 228 48.84 20.54 -20.17
CA ILE A 228 48.12 19.59 -19.32
C ILE A 228 47.50 20.31 -18.13
N ASN A 229 48.24 21.23 -17.51
CA ASN A 229 47.72 21.96 -16.35
C ASN A 229 46.50 22.78 -16.72
N ASP A 230 46.53 23.42 -17.90
CA ASP A 230 45.40 24.22 -18.35
C ASP A 230 44.17 23.36 -18.62
N SER A 231 44.36 22.16 -19.19
CA SER A 231 43.22 21.28 -19.44
C SER A 231 42.55 20.85 -18.14
N LEU A 232 43.33 20.68 -17.08
CA LEU A 232 42.78 20.33 -15.78
C LEU A 232 42.18 21.55 -15.09
N ARG A 233 42.78 22.74 -15.28
CA ARG A 233 42.21 23.95 -14.70
C ARG A 233 40.80 24.20 -15.21
N LYS A 234 40.60 24.11 -16.53
CA LYS A 234 39.30 24.35 -17.14
C LYS A 234 38.46 23.07 -17.17
N HIS B 6 85.69 -15.26 -1.69
CA HIS B 6 85.43 -15.07 -0.27
C HIS B 6 83.92 -15.09 -0.02
N HIS B 7 83.55 -15.11 1.25
CA HIS B 7 82.17 -15.27 1.67
C HIS B 7 81.62 -14.09 2.44
N MET B 8 82.43 -13.45 3.27
CA MET B 8 81.93 -12.46 4.22
C MET B 8 81.58 -11.14 3.55
N VAL B 9 80.41 -10.60 3.87
CA VAL B 9 79.99 -9.27 3.44
C VAL B 9 79.52 -8.51 4.68
N VAL B 10 80.14 -7.36 4.96
CA VAL B 10 79.81 -6.54 6.12
C VAL B 10 78.86 -5.41 5.67
N ALA B 11 77.74 -5.28 6.36
CA ALA B 11 76.77 -4.24 6.04
C ALA B 11 77.21 -2.93 6.68
N LEU B 12 77.45 -1.90 5.86
CA LEU B 12 77.76 -0.58 6.40
C LEU B 12 76.45 0.16 6.55
N ASP B 13 75.85 0.07 7.73
CA ASP B 13 74.58 0.72 8.05
C ASP B 13 74.81 1.77 9.14
N TYR B 14 75.58 2.80 8.81
CA TYR B 14 75.85 3.91 9.69
C TYR B 14 74.98 5.10 9.29
N ASP B 15 74.85 6.07 10.19
CA ASP B 15 74.17 7.31 9.85
C ASP B 15 75.15 8.47 9.65
N ASN B 16 76.43 8.16 9.54
CA ASN B 16 77.49 9.16 9.52
C ASN B 16 78.63 8.63 8.69
N ARG B 17 79.12 9.44 7.73
CA ARG B 17 80.16 8.98 6.82
C ARG B 17 81.48 8.74 7.56
N ASP B 18 81.85 9.63 8.48
CA ASP B 18 83.10 9.45 9.21
C ASP B 18 83.09 8.18 10.05
N LYS B 19 81.97 7.90 10.72
CA LYS B 19 81.89 6.71 11.56
C LYS B 19 82.05 5.44 10.72
N ALA B 20 81.43 5.42 9.53
CA ALA B 20 81.58 4.26 8.66
C ALA B 20 83.02 4.10 8.22
N LEU B 21 83.65 5.20 7.79
CA LEU B 21 85.02 5.13 7.30
C LEU B 21 86.00 4.83 8.43
N ALA B 22 85.66 5.21 9.67
CA ALA B 22 86.50 4.85 10.80
C ALA B 22 86.58 3.33 10.96
N PHE B 23 85.48 2.64 10.68
CA PHE B 23 85.52 1.18 10.72
C PHE B 23 86.24 0.61 9.49
N VAL B 24 85.93 1.12 8.31
CA VAL B 24 86.50 0.57 7.08
C VAL B 24 88.02 0.72 7.07
N ASP B 25 88.52 1.85 7.59
CA ASP B 25 89.95 2.05 7.63
C ASP B 25 90.65 1.10 8.61
N ARG B 26 89.90 0.45 9.50
CA ARG B 26 90.50 -0.51 10.42
C ARG B 26 90.51 -1.94 9.87
N ILE B 27 89.86 -2.21 8.74
CA ILE B 27 89.82 -3.54 8.16
C ILE B 27 90.44 -3.52 6.77
N ASP B 28 90.57 -4.70 6.18
CA ASP B 28 91.27 -4.96 4.92
C ASP B 28 90.34 -5.63 3.92
N PRO B 29 90.50 -5.34 2.62
CA PRO B 29 89.65 -5.99 1.61
C PRO B 29 89.68 -7.50 1.64
N ARG B 30 90.76 -8.13 2.12
CA ARG B 30 90.76 -9.58 2.27
C ARG B 30 89.83 -10.04 3.38
N ASP B 31 89.41 -9.14 4.26
CA ASP B 31 88.55 -9.55 5.36
C ASP B 31 87.12 -9.73 4.90
N CYS B 32 86.67 -8.94 3.93
CA CYS B 32 85.29 -9.00 3.49
C CYS B 32 85.11 -8.10 2.28
N ARG B 33 83.95 -8.22 1.67
CA ARG B 33 83.41 -7.17 0.82
C ARG B 33 82.46 -6.35 1.68
N LEU B 34 82.05 -5.20 1.17
CA LEU B 34 81.21 -4.28 1.92
C LEU B 34 79.87 -4.12 1.23
N LYS B 35 78.82 -3.94 2.03
CA LYS B 35 77.48 -3.71 1.52
C LYS B 35 77.04 -2.29 1.86
N VAL B 36 76.62 -1.55 0.84
CA VAL B 36 76.07 -0.21 1.02
C VAL B 36 74.57 -0.31 0.81
N GLY B 37 73.79 0.10 1.81
CA GLY B 37 72.36 -0.03 1.79
C GLY B 37 71.62 1.28 1.64
N LYS B 38 70.30 1.19 1.83
CA LYS B 38 69.41 2.33 1.62
C LYS B 38 69.75 3.49 2.55
N GLU B 39 70.18 3.20 3.76
CA GLU B 39 70.45 4.29 4.70
C GLU B 39 71.63 5.12 4.26
N MET B 40 72.80 4.51 4.09
CA MET B 40 73.99 5.28 3.75
C MET B 40 73.91 5.88 2.37
N PHE B 41 73.26 5.18 1.42
CA PHE B 41 73.16 5.73 0.08
C PHE B 41 72.25 6.94 0.05
N THR B 42 71.16 6.92 0.84
CA THR B 42 70.29 8.09 0.91
C THR B 42 71.00 9.27 1.54
N LEU B 43 71.99 9.01 2.42
CA LEU B 43 72.74 10.11 3.01
C LEU B 43 73.87 10.57 2.11
N LEU B 44 74.55 9.65 1.43
CA LEU B 44 75.81 9.98 0.77
C LEU B 44 75.79 9.84 -0.74
N GLY B 45 74.97 8.97 -1.30
CA GLY B 45 74.90 8.83 -2.73
C GLY B 45 76.10 8.09 -3.25
N PRO B 46 76.35 8.20 -4.56
CA PRO B 46 77.39 7.38 -5.18
C PRO B 46 78.79 7.68 -4.70
N GLN B 47 79.04 8.89 -4.20
CA GLN B 47 80.39 9.21 -3.73
C GLN B 47 80.88 8.22 -2.68
N PHE B 48 79.97 7.71 -1.84
CA PHE B 48 80.35 6.72 -0.84
C PHE B 48 80.85 5.44 -1.49
N VAL B 49 80.23 5.02 -2.59
CA VAL B 49 80.75 3.88 -3.33
C VAL B 49 82.17 4.17 -3.81
N ARG B 50 82.42 5.40 -4.28
CA ARG B 50 83.79 5.74 -4.65
C ARG B 50 84.72 5.67 -3.44
N ASP B 51 84.23 6.09 -2.27
CA ASP B 51 85.06 6.03 -1.07
C ASP B 51 85.54 4.62 -0.80
N LEU B 52 84.65 3.64 -0.93
CA LEU B 52 85.03 2.25 -0.69
C LEU B 52 85.91 1.70 -1.81
N HIS B 53 85.61 2.03 -3.07
CA HIS B 53 86.47 1.55 -4.16
C HIS B 53 87.88 2.10 -4.02
N GLN B 54 88.01 3.38 -3.64
CA GLN B 54 89.32 3.95 -3.43
C GLN B 54 90.11 3.24 -2.35
N ARG B 55 89.42 2.57 -1.43
CA ARG B 55 90.06 1.80 -0.37
C ARG B 55 90.25 0.32 -0.72
N GLY B 56 89.88 -0.10 -1.92
CA GLY B 56 90.18 -1.44 -2.39
C GLY B 56 89.10 -2.48 -2.19
N PHE B 57 87.91 -2.08 -1.76
CA PHE B 57 86.83 -3.01 -1.47
C PHE B 57 85.90 -3.18 -2.67
N GLU B 58 85.36 -4.38 -2.81
CA GLU B 58 84.25 -4.62 -3.72
C GLU B 58 82.95 -4.39 -2.94
N VAL B 59 81.96 -3.84 -3.63
CA VAL B 59 80.77 -3.27 -2.99
C VAL B 59 79.53 -4.03 -3.46
N PHE B 60 78.71 -4.44 -2.52
CA PHE B 60 77.37 -4.93 -2.80
C PHE B 60 76.43 -3.74 -2.62
N LEU B 61 75.94 -3.19 -3.73
CA LEU B 61 74.97 -2.10 -3.67
C LEU B 61 73.59 -2.69 -3.43
N ASP B 62 73.10 -2.56 -2.20
CA ASP B 62 71.87 -3.25 -1.73
C ASP B 62 70.72 -2.25 -1.66
N LEU B 63 70.21 -1.88 -2.83
CA LEU B 63 69.12 -0.93 -2.91
C LEU B 63 67.78 -1.59 -3.22
N LYS B 64 67.77 -2.89 -3.53
CA LYS B 64 66.55 -3.67 -3.70
C LYS B 64 65.57 -2.97 -4.64
N PHE B 65 66.05 -2.61 -5.81
CA PHE B 65 65.22 -1.92 -6.79
C PHE B 65 63.92 -2.70 -6.97
N HIS B 66 62.80 -2.00 -6.83
CA HIS B 66 61.48 -2.64 -6.92
C HIS B 66 60.53 -1.61 -7.53
N ASP B 67 60.46 -1.61 -8.86
CA ASP B 67 59.75 -0.55 -9.56
C ASP B 67 59.15 -1.14 -10.82
N ILE B 68 58.60 -0.29 -11.67
CA ILE B 68 58.12 -0.73 -12.97
C ILE B 68 59.33 -1.18 -13.78
N PRO B 69 59.16 -2.04 -14.80
CA PRO B 69 60.32 -2.54 -15.54
C PRO B 69 61.23 -1.45 -16.09
N ASN B 70 60.67 -0.39 -16.67
CA ASN B 70 61.49 0.65 -17.28
C ASN B 70 62.38 1.31 -16.23
N THR B 71 61.81 1.68 -15.08
CA THR B 71 62.60 2.34 -14.04
C THR B 71 63.64 1.39 -13.44
N THR B 72 63.25 0.14 -13.18
CA THR B 72 64.19 -0.80 -12.59
C THR B 72 65.38 -1.04 -13.53
N ALA B 73 65.11 -1.13 -14.83
CA ALA B 73 66.19 -1.35 -15.79
C ALA B 73 67.18 -0.19 -15.78
N ARG B 74 66.66 1.03 -15.81
CA ARG B 74 67.58 2.18 -15.84
C ARG B 74 68.34 2.30 -14.52
N ALA B 75 67.73 1.92 -13.39
CA ALA B 75 68.43 2.00 -12.11
C ALA B 75 69.55 0.97 -12.02
N VAL B 76 69.30 -0.24 -12.50
CA VAL B 76 70.35 -1.27 -12.51
C VAL B 76 71.49 -0.88 -13.44
N ALA B 77 71.18 -0.29 -14.60
CA ALA B 77 72.23 0.18 -15.50
C ALA B 77 73.06 1.28 -14.86
N ALA B 78 72.41 2.18 -14.10
CA ALA B 78 73.15 3.21 -13.38
C ALA B 78 74.06 2.60 -12.31
N ALA B 79 73.61 1.52 -11.66
CA ALA B 79 74.49 0.84 -10.72
C ALA B 79 75.68 0.19 -11.43
N ALA B 80 75.44 -0.36 -12.62
CA ALA B 80 76.54 -0.96 -13.38
C ALA B 80 77.57 0.10 -13.78
N GLU B 81 77.10 1.27 -14.21
CA GLU B 81 78.01 2.36 -14.54
C GLU B 81 78.91 2.70 -13.36
N LEU B 82 78.44 2.43 -12.14
CA LEU B 82 79.22 2.72 -10.95
C LEU B 82 80.33 1.69 -10.70
N GLY B 83 80.29 0.54 -11.37
CA GLY B 83 81.32 -0.46 -11.23
C GLY B 83 81.23 -1.33 -9.99
N VAL B 84 80.05 -1.47 -9.38
CA VAL B 84 79.92 -2.27 -8.15
C VAL B 84 80.03 -3.77 -8.46
N TRP B 85 80.35 -4.52 -7.41
CA TRP B 85 80.50 -5.96 -7.54
C TRP B 85 79.16 -6.68 -7.60
N MET B 86 78.14 -6.16 -6.92
CA MET B 86 76.84 -6.82 -6.88
C MET B 86 75.75 -5.77 -6.61
N VAL B 87 74.58 -6.00 -7.22
CA VAL B 87 73.40 -5.16 -7.02
C VAL B 87 72.17 -6.06 -7.08
N ASN B 88 71.11 -5.66 -6.36
CA ASN B 88 69.96 -6.53 -6.23
C ASN B 88 68.64 -5.82 -6.53
N VAL B 89 67.61 -6.64 -6.73
CA VAL B 89 66.24 -6.21 -6.96
C VAL B 89 65.33 -7.10 -6.12
N HIS B 90 64.05 -6.70 -6.03
CA HIS B 90 63.04 -7.50 -5.36
C HIS B 90 62.41 -8.47 -6.35
N ALA B 91 62.54 -9.77 -6.09
CA ALA B 91 61.91 -10.76 -6.97
C ALA B 91 60.39 -10.57 -7.03
N SER B 92 59.80 -10.07 -5.95
CA SER B 92 58.36 -9.85 -6.03
C SER B 92 58.01 -8.63 -6.88
N GLY B 93 59.01 -8.03 -7.53
CA GLY B 93 58.78 -7.03 -8.55
C GLY B 93 58.23 -7.59 -9.85
N GLY B 94 58.31 -8.90 -10.05
CA GLY B 94 57.69 -9.55 -11.17
C GLY B 94 58.70 -9.95 -12.24
N ALA B 95 58.24 -10.84 -13.13
CA ALA B 95 59.10 -11.39 -14.17
C ALA B 95 59.49 -10.33 -15.20
N ARG B 96 58.54 -9.51 -15.64
CA ARG B 96 58.85 -8.45 -16.61
C ARG B 96 59.88 -7.49 -16.04
N MET B 97 59.81 -7.22 -14.74
CA MET B 97 60.78 -6.31 -14.12
C MET B 97 62.16 -6.93 -14.08
N MET B 98 62.26 -8.18 -13.62
CA MET B 98 63.58 -8.81 -13.52
C MET B 98 64.21 -9.00 -14.89
N THR B 99 63.40 -9.36 -15.89
CA THR B 99 63.93 -9.51 -17.24
C THR B 99 64.45 -8.19 -17.78
N ALA B 100 63.72 -7.09 -17.57
CA ALA B 100 64.21 -5.78 -17.97
C ALA B 100 65.54 -5.47 -17.28
N ALA B 101 65.68 -5.90 -16.01
CA ALA B 101 66.92 -5.69 -15.29
C ALA B 101 68.06 -6.50 -15.90
N ARG B 102 67.81 -7.78 -16.22
CA ARG B 102 68.85 -8.61 -16.80
C ARG B 102 69.32 -8.06 -18.14
N GLU B 103 68.38 -7.64 -19.00
CA GLU B 103 68.72 -7.07 -20.29
C GLU B 103 69.47 -5.76 -20.17
N ALA B 104 69.21 -4.99 -19.11
CA ALA B 104 69.91 -3.73 -18.93
C ALA B 104 71.40 -3.93 -18.68
N LEU B 105 71.80 -5.11 -18.19
CA LEU B 105 73.20 -5.41 -17.92
C LEU B 105 73.94 -5.96 -19.14
N LEU B 106 73.23 -6.34 -20.20
CA LEU B 106 73.88 -6.85 -21.39
C LEU B 106 74.94 -5.91 -21.96
N PRO B 107 74.75 -4.59 -22.00
CA PRO B 107 75.82 -3.73 -22.55
C PRO B 107 77.11 -3.75 -21.75
N PHE B 108 77.08 -4.16 -20.49
CA PHE B 108 78.30 -4.10 -19.68
C PHE B 108 79.13 -5.37 -19.75
N GLY B 109 78.67 -6.40 -20.45
CA GLY B 109 79.49 -7.58 -20.67
C GLY B 109 79.94 -8.21 -19.37
N LYS B 110 81.18 -8.72 -19.39
CA LYS B 110 81.72 -9.42 -18.23
C LYS B 110 81.94 -8.51 -17.03
N ASP B 111 81.97 -7.19 -17.23
CA ASP B 111 82.11 -6.26 -16.14
C ASP B 111 80.79 -5.97 -15.43
N ALA B 112 79.68 -6.50 -15.92
CA ALA B 112 78.41 -6.24 -15.28
C ALA B 112 78.44 -6.79 -13.85
N PRO B 113 77.78 -6.12 -12.92
CA PRO B 113 77.67 -6.66 -11.56
C PRO B 113 76.82 -7.92 -11.54
N LEU B 114 77.01 -8.70 -10.49
CA LEU B 114 76.09 -9.79 -10.21
C LEU B 114 74.71 -9.21 -9.95
N LEU B 115 73.68 -9.86 -10.52
CA LEU B 115 72.30 -9.40 -10.41
C LEU B 115 71.55 -10.40 -9.55
N ILE B 116 71.17 -9.96 -8.35
CA ILE B 116 70.54 -10.80 -7.33
C ILE B 116 69.14 -10.29 -7.08
N ALA B 117 68.21 -11.20 -6.77
CA ALA B 117 66.86 -10.79 -6.42
C ALA B 117 66.56 -11.18 -4.98
N VAL B 118 65.94 -10.25 -4.24
CA VAL B 118 65.46 -10.58 -2.89
C VAL B 118 64.22 -11.45 -3.00
N THR B 119 64.19 -12.53 -2.23
CA THR B 119 62.97 -13.32 -2.16
C THR B 119 62.08 -12.77 -1.05
N VAL B 120 62.11 -13.40 0.12
CA VAL B 120 61.37 -12.95 1.30
C VAL B 120 62.37 -12.42 2.30
N LEU B 121 62.19 -11.16 2.72
CA LEU B 121 63.12 -10.51 3.63
C LEU B 121 63.28 -11.33 4.91
N THR B 122 64.51 -11.37 5.41
CA THR B 122 64.84 -12.19 6.57
C THR B 122 64.10 -11.76 7.83
N SER B 123 63.47 -10.58 7.83
CA SER B 123 62.68 -10.13 8.98
C SER B 123 61.24 -10.68 8.96
N MET B 124 60.78 -11.20 7.83
CA MET B 124 59.39 -11.63 7.71
C MET B 124 59.19 -13.08 8.16
N GLU B 125 58.27 -13.26 9.09
CA GLU B 125 57.77 -14.57 9.50
C GLU B 125 56.38 -14.80 8.89
N SER B 126 55.78 -15.95 9.24
CA SER B 126 54.50 -16.32 8.66
C SER B 126 53.42 -15.29 8.95
N SER B 127 53.39 -14.75 10.18
CA SER B 127 52.40 -13.74 10.47
C SER B 127 52.65 -12.46 9.68
N ASP B 128 53.91 -12.17 9.36
CA ASP B 128 54.21 -10.98 8.56
C ASP B 128 53.64 -11.09 7.15
N LEU B 129 53.73 -12.27 6.54
CA LEU B 129 53.20 -12.48 5.20
C LEU B 129 51.68 -12.58 5.19
N GLN B 130 51.06 -12.97 6.32
CA GLN B 130 49.62 -13.10 6.35
C GLN B 130 48.92 -11.75 6.20
N ASP B 131 49.55 -10.67 6.67
CA ASP B 131 48.93 -9.36 6.48
C ASP B 131 48.86 -9.00 5.01
N LEU B 132 49.73 -9.56 4.18
CA LEU B 132 49.75 -9.33 2.75
C LEU B 132 48.91 -10.33 1.98
N GLY B 133 48.16 -11.18 2.68
CA GLY B 133 47.37 -12.20 2.03
C GLY B 133 48.12 -13.45 1.61
N ILE B 134 49.43 -13.50 1.85
CA ILE B 134 50.24 -14.67 1.48
C ILE B 134 49.99 -15.80 2.47
N THR B 135 49.59 -16.97 1.95
CA THR B 135 49.32 -18.13 2.79
C THR B 135 50.48 -19.10 2.85
N LEU B 136 51.47 -18.95 1.97
CA LEU B 136 52.62 -19.84 1.99
C LEU B 136 53.57 -19.46 3.12
N SER B 137 54.26 -20.47 3.64
CA SER B 137 55.30 -20.21 4.63
C SER B 137 56.39 -19.36 3.97
N PRO B 138 57.16 -18.62 4.78
CA PRO B 138 58.29 -17.87 4.21
C PRO B 138 59.20 -18.70 3.32
N ALA B 139 59.48 -19.95 3.72
CA ALA B 139 60.33 -20.80 2.89
C ALA B 139 59.67 -21.10 1.54
N ASP B 140 58.39 -21.50 1.57
CA ASP B 140 57.70 -21.84 0.33
C ASP B 140 57.54 -20.63 -0.58
N TYR B 141 57.20 -19.48 -0.01
CA TYR B 141 57.08 -18.28 -0.84
C TYR B 141 58.44 -17.88 -1.39
N ALA B 142 59.49 -17.96 -0.56
CA ALA B 142 60.84 -17.67 -1.04
C ALA B 142 61.24 -18.65 -2.13
N ALA B 143 60.86 -19.92 -1.97
CA ALA B 143 61.18 -20.90 -3.00
C ALA B 143 60.51 -20.54 -4.31
N LYS B 144 59.24 -20.14 -4.26
CA LYS B 144 58.55 -19.74 -5.48
C LYS B 144 59.23 -18.52 -6.10
N LEU B 145 59.62 -17.55 -5.28
CA LEU B 145 60.27 -16.36 -5.81
C LEU B 145 61.67 -16.68 -6.34
N ALA B 146 62.38 -17.59 -5.68
CA ALA B 146 63.71 -17.95 -6.13
C ALA B 146 63.66 -18.61 -7.51
N ALA B 147 62.75 -19.56 -7.70
CA ALA B 147 62.61 -20.23 -8.98
C ALA B 147 62.27 -19.25 -10.10
N LEU B 148 61.39 -18.29 -9.82
CA LEU B 148 61.06 -17.27 -10.82
C LEU B 148 62.30 -16.46 -11.17
N THR B 149 63.09 -16.10 -10.16
CA THR B 149 64.32 -15.33 -10.39
C THR B 149 65.29 -16.10 -11.28
N GLN B 150 65.45 -17.40 -11.03
CA GLN B 150 66.35 -18.19 -11.85
C GLN B 150 65.84 -18.29 -13.28
N ARG B 151 64.53 -18.50 -13.46
CA ARG B 151 63.94 -18.60 -14.78
C ARG B 151 64.01 -17.28 -15.56
N CYS B 152 64.14 -16.15 -14.87
CA CYS B 152 64.34 -14.87 -15.52
C CYS B 152 65.80 -14.58 -15.83
N GLY B 153 66.70 -15.49 -15.50
CA GLY B 153 68.10 -15.35 -15.86
C GLY B 153 68.97 -14.59 -14.89
N LEU B 154 68.51 -14.37 -13.65
CA LEU B 154 69.36 -13.66 -12.71
C LEU B 154 70.36 -14.63 -12.07
N ASP B 155 71.38 -14.04 -11.43
CA ASP B 155 72.52 -14.81 -10.94
C ASP B 155 72.28 -15.47 -9.59
N GLY B 156 71.28 -15.04 -8.84
CA GLY B 156 71.01 -15.64 -7.54
C GLY B 156 70.00 -14.82 -6.76
N VAL B 157 69.84 -15.20 -5.50
CA VAL B 157 68.82 -14.58 -4.65
C VAL B 157 69.38 -14.19 -3.29
N VAL B 158 68.72 -13.21 -2.70
CA VAL B 158 68.85 -12.93 -1.27
C VAL B 158 67.77 -13.72 -0.56
N CYS B 159 68.17 -14.49 0.44
CA CYS B 159 67.22 -15.30 1.18
C CYS B 159 67.75 -15.49 2.60
N SER B 160 66.93 -16.09 3.45
CA SER B 160 67.43 -16.49 4.75
C SER B 160 68.36 -17.68 4.61
N ALA B 161 69.33 -17.78 5.52
CA ALA B 161 70.20 -18.94 5.52
C ALA B 161 69.43 -20.22 5.80
N GLN B 162 68.24 -20.11 6.40
CA GLN B 162 67.38 -21.26 6.66
C GLN B 162 66.85 -21.89 5.38
N GLU B 163 66.97 -21.23 4.24
CA GLU B 163 66.52 -21.77 2.97
C GLU B 163 67.66 -22.28 2.08
N ALA B 164 68.90 -22.25 2.59
CA ALA B 164 70.06 -22.54 1.72
C ALA B 164 70.07 -23.99 1.24
N VAL B 165 69.92 -24.94 2.16
CA VAL B 165 70.01 -26.35 1.78
C VAL B 165 68.94 -26.71 0.75
N ARG B 166 67.72 -26.23 0.96
CA ARG B 166 66.65 -26.48 0.00
C ARG B 166 66.93 -25.81 -1.34
N PHE B 167 67.39 -24.56 -1.32
CA PHE B 167 67.61 -23.83 -2.56
C PHE B 167 68.76 -24.41 -3.36
N LYS B 168 69.88 -24.75 -2.71
CA LYS B 168 71.01 -25.34 -3.43
C LYS B 168 70.62 -26.66 -4.07
N HIS B 169 69.76 -27.43 -3.41
CA HIS B 169 69.37 -28.73 -3.96
C HIS B 169 68.36 -28.58 -5.08
N GLU B 170 67.39 -27.66 -4.94
CA GLU B 170 66.36 -27.53 -5.96
C GLU B 170 66.82 -26.67 -7.14
N LEU B 171 67.64 -25.66 -6.88
CA LEU B 171 68.03 -24.71 -7.92
C LEU B 171 69.46 -24.88 -8.40
N GLY B 172 70.27 -25.71 -7.74
CA GLY B 172 71.59 -26.05 -8.20
C GLY B 172 72.67 -25.27 -7.49
N GLN B 173 73.92 -25.73 -7.69
CA GLN B 173 75.05 -25.10 -7.04
C GLN B 173 75.40 -23.75 -7.67
N ALA B 174 75.15 -23.60 -8.97
CA ALA B 174 75.56 -22.37 -9.65
C ALA B 174 74.72 -21.17 -9.22
N PHE B 175 73.46 -21.39 -8.84
CA PHE B 175 72.61 -20.28 -8.42
C PHE B 175 73.12 -19.76 -7.08
N LYS B 176 73.49 -18.49 -7.02
CA LYS B 176 74.19 -17.96 -5.87
C LYS B 176 73.20 -17.55 -4.78
N LEU B 177 73.56 -17.86 -3.53
CA LEU B 177 72.72 -17.56 -2.36
C LEU B 177 73.44 -16.57 -1.46
N VAL B 178 72.81 -15.42 -1.25
CA VAL B 178 73.30 -14.38 -0.35
C VAL B 178 72.35 -14.33 0.84
N THR B 179 72.88 -14.56 2.04
CA THR B 179 72.01 -14.66 3.21
C THR B 179 72.35 -13.65 4.29
N PRO B 180 71.45 -12.69 4.55
CA PRO B 180 71.54 -11.87 5.76
C PRO B 180 70.85 -12.58 6.90
N GLY B 181 70.55 -11.87 7.99
CA GLY B 181 69.97 -12.52 9.14
C GLY B 181 70.96 -13.45 9.79
N ILE B 182 72.21 -13.02 9.91
CA ILE B 182 73.28 -13.80 10.52
C ILE B 182 73.49 -13.27 11.92
N ARG B 183 73.42 -14.16 12.91
CA ARG B 183 73.57 -13.77 14.30
C ARG B 183 74.42 -14.79 15.03
N PRO B 184 75.57 -14.40 15.57
CA PRO B 184 76.33 -15.32 16.43
C PRO B 184 75.53 -15.66 17.67
N GLN B 185 75.95 -16.73 18.33
CA GLN B 185 75.33 -17.11 19.60
C GLN B 185 75.39 -15.94 20.58
N GLY B 186 74.24 -15.61 21.16
CA GLY B 186 74.18 -14.60 22.20
C GLY B 186 74.12 -13.16 21.74
N SER B 187 73.75 -12.90 20.49
CA SER B 187 73.59 -11.54 19.98
C SER B 187 72.13 -11.28 19.66
N ASP B 188 71.66 -10.07 20.00
CA ASP B 188 70.24 -9.77 19.90
C ASP B 188 69.74 -9.87 18.46
N ALA B 189 68.56 -10.48 18.30
CA ALA B 189 68.02 -10.68 16.96
C ALA B 189 67.56 -9.36 16.34
N GLY B 190 67.06 -8.44 17.15
CA GLY B 190 66.55 -7.19 16.62
C GLY B 190 65.28 -7.43 15.84
N ASP B 191 65.18 -6.81 14.66
CA ASP B 191 64.04 -7.05 13.78
C ASP B 191 64.19 -8.30 12.94
N GLN B 192 65.35 -8.97 12.99
CA GLN B 192 65.56 -10.19 12.22
C GLN B 192 64.76 -11.35 12.79
N ARG B 193 64.37 -12.27 11.90
CA ARG B 193 63.51 -13.37 12.30
C ARG B 193 64.05 -14.72 11.86
N ARG B 194 64.34 -14.89 10.56
CA ARG B 194 64.80 -16.17 10.04
C ARG B 194 66.32 -16.16 10.04
N ILE B 195 66.91 -16.55 11.17
CA ILE B 195 68.30 -16.27 11.46
C ILE B 195 69.08 -17.59 11.55
N MET B 196 70.41 -17.46 11.57
CA MET B 196 71.33 -18.58 11.59
C MET B 196 72.70 -18.04 11.99
N THR B 197 73.43 -18.80 12.80
CA THR B 197 74.80 -18.43 13.13
C THR B 197 75.68 -18.49 11.88
N PRO B 198 76.81 -17.78 11.89
CA PRO B 198 77.73 -17.90 10.74
C PRO B 198 78.16 -19.34 10.47
N GLU B 199 78.41 -20.10 11.53
CA GLU B 199 78.82 -21.49 11.36
C GLU B 199 77.68 -22.33 10.78
N GLN B 200 76.45 -22.08 11.24
CA GLN B 200 75.30 -22.79 10.68
C GLN B 200 75.06 -22.41 9.22
N ALA B 201 75.23 -21.13 8.87
CA ALA B 201 75.01 -20.71 7.50
C ALA B 201 76.05 -21.29 6.55
N GLN B 202 77.30 -21.44 7.00
CA GLN B 202 78.31 -22.05 6.15
C GLN B 202 77.98 -23.52 5.86
N GLU B 203 77.56 -24.27 6.87
CA GLU B 203 77.21 -25.66 6.66
C GLU B 203 76.07 -25.83 5.67
N ALA B 204 75.15 -24.87 5.61
CA ALA B 204 74.01 -24.96 4.71
C ALA B 204 74.37 -24.76 3.24
N GLY B 205 75.58 -24.28 2.93
CA GLY B 205 75.98 -24.08 1.55
C GLY B 205 75.88 -22.66 1.06
N VAL B 206 75.75 -21.68 1.97
CA VAL B 206 75.63 -20.28 1.58
C VAL B 206 76.87 -19.83 0.83
N ASP B 207 76.67 -19.03 -0.22
CA ASP B 207 77.77 -18.48 -0.99
C ASP B 207 78.31 -17.22 -0.34
N TYR B 208 77.43 -16.34 0.11
CA TYR B 208 77.83 -15.07 0.71
C TYR B 208 76.93 -14.79 1.91
N MET B 209 77.52 -14.53 3.07
CA MET B 209 76.75 -14.21 4.26
C MET B 209 76.96 -12.75 4.61
N VAL B 210 75.84 -12.03 4.78
CA VAL B 210 75.83 -10.61 5.10
C VAL B 210 75.66 -10.44 6.60
N ILE B 211 76.61 -9.73 7.23
CA ILE B 211 76.56 -9.45 8.66
C ILE B 211 76.69 -7.94 8.85
N GLY B 212 75.83 -7.37 9.70
CA GLY B 212 75.90 -5.95 9.99
C GLY B 212 76.08 -5.64 11.46
N ARG B 213 74.95 -5.46 12.17
CA ARG B 213 74.98 -5.08 13.58
C ARG B 213 75.87 -5.96 14.46
N PRO B 214 75.88 -7.29 14.33
CA PRO B 214 76.81 -8.09 15.16
C PRO B 214 78.27 -7.71 14.98
N VAL B 215 78.64 -7.09 13.87
CA VAL B 215 79.99 -6.56 13.70
C VAL B 215 80.05 -5.07 14.02
N THR B 216 79.20 -4.28 13.36
CA THR B 216 79.33 -2.83 13.45
C THR B 216 78.97 -2.27 14.82
N GLN B 217 78.23 -3.01 15.65
CA GLN B 217 77.81 -2.51 16.95
C GLN B 217 78.55 -3.16 18.12
N SER B 218 79.67 -3.83 17.84
CA SER B 218 80.46 -4.46 18.89
C SER B 218 81.48 -3.48 19.47
N ALA B 219 82.05 -3.83 20.62
CA ALA B 219 83.08 -3.00 21.23
C ALA B 219 84.33 -2.92 20.37
N ASP B 220 84.57 -3.95 19.56
CA ASP B 220 85.70 -3.98 18.61
C ASP B 220 85.19 -4.60 17.33
N PRO B 221 84.71 -3.79 16.39
CA PRO B 221 84.14 -4.36 15.16
C PRO B 221 85.14 -5.10 14.29
N ALA B 222 86.36 -4.59 14.13
CA ALA B 222 87.34 -5.29 13.30
C ALA B 222 87.72 -6.64 13.90
N ALA B 223 87.93 -6.70 15.22
CA ALA B 223 88.26 -7.96 15.86
C ALA B 223 87.10 -8.95 15.80
N THR B 224 85.86 -8.44 15.94
CA THR B 224 84.70 -9.31 15.80
C THR B 224 84.64 -9.92 14.41
N LEU B 225 84.84 -9.09 13.38
CA LEU B 225 84.85 -9.60 12.01
C LEU B 225 85.97 -10.61 11.79
N ARG B 226 87.17 -10.31 12.28
CA ARG B 226 88.26 -11.25 12.13
C ARG B 226 88.01 -12.53 12.92
N ALA B 227 87.34 -12.43 14.08
CA ALA B 227 87.03 -13.62 14.87
C ALA B 227 86.05 -14.53 14.14
N ILE B 228 85.04 -13.94 13.48
CA ILE B 228 84.08 -14.74 12.71
C ILE B 228 84.77 -15.40 11.51
N ASN B 229 85.62 -14.65 10.79
CA ASN B 229 86.31 -15.22 9.64
C ASN B 229 87.19 -16.39 10.07
N ASP B 230 87.82 -16.30 11.24
CA ASP B 230 88.64 -17.39 11.72
C ASP B 230 87.82 -18.64 11.97
N SER B 231 86.62 -18.47 12.54
CA SER B 231 85.76 -19.62 12.83
C SER B 231 85.32 -20.34 11.56
N LEU B 232 85.06 -19.59 10.50
CA LEU B 232 84.64 -20.22 9.25
C LEU B 232 85.80 -20.82 8.45
N ARG B 233 86.95 -20.14 8.41
CA ARG B 233 88.10 -20.68 7.69
C ARG B 233 88.59 -21.99 8.29
N LYS B 234 88.39 -22.18 9.60
CA LYS B 234 88.83 -23.40 10.27
C LYS B 234 87.99 -24.59 9.84
N HIS C 6 17.96 29.44 10.78
CA HIS C 6 18.83 28.87 9.76
C HIS C 6 18.64 29.56 8.41
N HIS C 7 19.46 29.17 7.43
CA HIS C 7 19.39 29.70 6.07
C HIS C 7 19.57 28.63 5.00
N MET C 8 20.17 27.49 5.28
CA MET C 8 20.50 26.54 4.21
C MET C 8 19.24 25.85 3.70
N VAL C 9 19.08 25.83 2.38
CA VAL C 9 18.00 25.09 1.71
C VAL C 9 18.62 24.25 0.60
N VAL C 10 18.44 22.93 0.67
CA VAL C 10 19.03 22.02 -0.30
C VAL C 10 17.97 21.59 -1.30
N ALA C 11 18.28 21.72 -2.59
CA ALA C 11 17.36 21.37 -3.67
C ALA C 11 17.44 19.88 -3.99
N LEU C 12 16.32 19.17 -3.84
CA LEU C 12 16.25 17.75 -4.18
C LEU C 12 15.84 17.61 -5.64
N ASP C 13 16.83 17.51 -6.52
CA ASP C 13 16.53 17.38 -7.94
C ASP C 13 16.99 16.01 -8.45
N TYR C 14 16.39 14.96 -7.93
CA TYR C 14 16.68 13.59 -8.32
C TYR C 14 15.61 13.10 -9.24
N ASP C 15 15.91 12.05 -9.99
CA ASP C 15 14.93 11.40 -10.84
C ASP C 15 14.47 10.10 -10.24
N ASN C 16 14.79 9.87 -8.98
CA ASN C 16 14.52 8.59 -8.34
C ASN C 16 14.32 8.85 -6.85
N ARG C 17 13.26 8.28 -6.29
CA ARG C 17 12.93 8.51 -4.89
C ARG C 17 13.99 7.92 -3.96
N ASP C 18 14.49 6.71 -4.25
CA ASP C 18 15.49 6.09 -3.39
C ASP C 18 16.77 6.91 -3.33
N LYS C 19 17.21 7.44 -4.49
CA LYS C 19 18.41 8.26 -4.48
C LYS C 19 18.23 9.47 -3.60
N ALA C 20 17.07 10.13 -3.69
CA ALA C 20 16.81 11.30 -2.86
C ALA C 20 16.75 10.92 -1.37
N LEU C 21 16.04 9.84 -1.04
CA LEU C 21 15.93 9.45 0.36
C LEU C 21 17.24 8.92 0.91
N ALA C 22 18.10 8.38 0.05
CA ALA C 22 19.42 7.95 0.51
C ALA C 22 20.20 9.14 1.04
N PHE C 23 20.05 10.30 0.42
CA PHE C 23 20.68 11.51 0.95
C PHE C 23 19.94 12.08 2.16
N VAL C 24 18.60 12.18 2.08
CA VAL C 24 17.85 12.82 3.14
C VAL C 24 17.97 12.05 4.46
N ASP C 25 18.01 10.72 4.37
CA ASP C 25 18.15 9.91 5.58
C ASP C 25 19.52 10.08 6.24
N ARG C 26 20.50 10.63 5.53
CA ARG C 26 21.82 10.84 6.11
C ARG C 26 21.97 12.20 6.76
N ILE C 27 20.99 13.09 6.60
CA ILE C 27 21.07 14.43 7.17
C ILE C 27 19.93 14.66 8.14
N ASP C 28 19.95 15.83 8.75
CA ASP C 28 19.11 16.22 9.86
C ASP C 28 18.39 17.52 9.55
N PRO C 29 17.18 17.73 10.09
CA PRO C 29 16.51 19.02 9.88
C PRO C 29 17.36 20.21 10.30
N ARG C 30 18.26 20.01 11.27
CA ARG C 30 19.16 21.09 11.66
C ARG C 30 20.17 21.44 10.57
N ASP C 31 20.36 20.56 9.59
CA ASP C 31 21.32 20.84 8.52
C ASP C 31 20.75 21.76 7.46
N CYS C 32 19.46 21.65 7.17
CA CYS C 32 18.89 22.43 6.08
C CYS C 32 17.38 22.24 6.06
N ARG C 33 16.72 23.09 5.30
CA ARG C 33 15.38 22.79 4.83
C ARG C 33 15.50 22.21 3.43
N LEU C 34 14.41 21.62 2.96
CA LEU C 34 14.44 20.92 1.68
C LEU C 34 13.51 21.61 0.70
N LYS C 35 13.93 21.63 -0.55
CA LYS C 35 13.13 22.20 -1.63
C LYS C 35 12.69 21.06 -2.54
N VAL C 36 11.39 20.95 -2.75
CA VAL C 36 10.80 19.99 -3.68
C VAL C 36 10.35 20.79 -4.89
N GLY C 37 10.91 20.45 -6.06
CA GLY C 37 10.66 21.19 -7.27
C GLY C 37 9.80 20.43 -8.24
N LYS C 38 9.77 20.97 -9.47
CA LYS C 38 8.93 20.42 -10.54
C LYS C 38 9.30 18.96 -10.84
N GLU C 39 10.60 18.63 -10.78
CA GLU C 39 11.04 17.28 -11.16
C GLU C 39 10.52 16.24 -10.19
N MET C 40 10.87 16.37 -8.91
CA MET C 40 10.47 15.34 -7.95
C MET C 40 8.97 15.35 -7.73
N PHE C 41 8.35 16.54 -7.79
CA PHE C 41 6.90 16.58 -7.62
C PHE C 41 6.21 15.92 -8.80
N THR C 42 6.74 16.08 -10.03
CA THR C 42 6.13 15.43 -11.18
C THR C 42 6.24 13.91 -11.09
N LEU C 43 7.33 13.42 -10.49
CA LEU C 43 7.56 11.98 -10.37
C LEU C 43 6.81 11.37 -9.18
N LEU C 44 6.74 12.09 -8.07
CA LEU C 44 6.27 11.52 -6.81
C LEU C 44 5.03 12.19 -6.24
N GLY C 45 4.79 13.47 -6.51
CA GLY C 45 3.60 14.13 -6.02
C GLY C 45 3.64 14.45 -4.54
N PRO C 46 2.47 14.70 -3.94
CA PRO C 46 2.44 15.17 -2.55
C PRO C 46 2.93 14.13 -1.55
N GLN C 47 2.84 12.83 -1.86
CA GLN C 47 3.30 11.82 -0.92
C GLN C 47 4.76 12.03 -0.54
N PHE C 48 5.56 12.53 -1.50
CA PHE C 48 6.96 12.87 -1.22
C PHE C 48 7.05 14.01 -0.22
N VAL C 49 6.13 14.98 -0.30
CA VAL C 49 6.11 16.04 0.71
C VAL C 49 5.82 15.45 2.10
N ARG C 50 4.90 14.48 2.18
CA ARG C 50 4.68 13.83 3.48
C ARG C 50 5.93 13.11 3.95
N ASP C 51 6.68 12.49 3.01
CA ASP C 51 7.89 11.77 3.37
C ASP C 51 8.90 12.68 4.05
N LEU C 52 9.03 13.91 3.56
CA LEU C 52 9.96 14.84 4.19
C LEU C 52 9.41 15.36 5.52
N HIS C 53 8.10 15.64 5.58
CA HIS C 53 7.50 16.10 6.85
C HIS C 53 7.66 15.04 7.93
N GLN C 54 7.47 13.76 7.55
CA GLN C 54 7.63 12.68 8.50
C GLN C 54 9.05 12.59 9.03
N ARG C 55 10.03 13.07 8.28
CA ARG C 55 11.40 13.04 8.75
C ARG C 55 11.79 14.32 9.47
N GLY C 56 10.87 15.26 9.62
CA GLY C 56 11.08 16.44 10.43
C GLY C 56 11.54 17.67 9.68
N PHE C 57 11.53 17.64 8.35
CA PHE C 57 12.04 18.75 7.56
C PHE C 57 10.93 19.74 7.22
N GLU C 58 11.31 21.01 7.14
CA GLU C 58 10.45 22.01 6.54
C GLU C 58 10.73 22.07 5.05
N VAL C 59 9.67 22.22 4.26
CA VAL C 59 9.72 22.01 2.81
C VAL C 59 9.35 23.30 2.09
N PHE C 60 10.22 23.70 1.15
CA PHE C 60 9.91 24.76 0.20
C PHE C 60 9.39 24.07 -1.06
N LEU C 61 8.08 24.18 -1.29
CA LEU C 61 7.46 23.62 -2.50
C LEU C 61 7.67 24.64 -3.61
N ASP C 62 8.62 24.34 -4.49
CA ASP C 62 9.09 25.31 -5.49
C ASP C 62 8.52 24.93 -6.86
N LEU C 63 7.24 25.21 -7.02
CA LEU C 63 6.55 24.89 -8.26
C LEU C 63 6.32 26.10 -9.14
N LYS C 64 6.62 27.31 -8.65
CA LYS C 64 6.63 28.52 -9.45
C LYS C 64 5.35 28.66 -10.25
N PHE C 65 4.22 28.56 -9.55
CA PHE C 65 2.93 28.66 -10.19
C PHE C 65 2.89 29.90 -11.05
N HIS C 66 2.53 29.72 -12.32
CA HIS C 66 2.50 30.83 -13.27
C HIS C 66 1.34 30.57 -14.22
N ASP C 67 0.16 31.08 -13.87
CA ASP C 67 -1.06 30.79 -14.61
C ASP C 67 -2.00 31.99 -14.48
N ILE C 68 -3.21 31.83 -14.99
CA ILE C 68 -4.25 32.85 -14.81
C ILE C 68 -4.54 32.95 -13.31
N PRO C 69 -5.03 34.09 -12.82
CA PRO C 69 -5.18 34.27 -11.36
C PRO C 69 -5.98 33.18 -10.65
N ASN C 70 -7.13 32.79 -11.19
CA ASN C 70 -7.97 31.83 -10.49
C ASN C 70 -7.25 30.49 -10.28
N THR C 71 -6.60 29.99 -11.33
CA THR C 71 -5.91 28.71 -11.23
C THR C 71 -4.73 28.77 -10.25
N THR C 72 -3.96 29.86 -10.29
CA THR C 72 -2.83 30.01 -9.37
C THR C 72 -3.31 30.02 -7.92
N ALA C 73 -4.42 30.70 -7.66
CA ALA C 73 -4.96 30.75 -6.30
C ALA C 73 -5.32 29.36 -5.81
N ARG C 74 -6.03 28.59 -6.65
CA ARG C 74 -6.40 27.24 -6.25
C ARG C 74 -5.17 26.34 -6.09
N ALA C 75 -4.12 26.54 -6.89
CA ALA C 75 -2.92 25.73 -6.75
C ALA C 75 -2.16 26.06 -5.46
N VAL C 76 -2.07 27.35 -5.12
CA VAL C 76 -1.43 27.78 -3.88
C VAL C 76 -2.22 27.27 -2.68
N ALA C 77 -3.55 27.27 -2.77
CA ALA C 77 -4.34 26.72 -1.68
C ALA C 77 -4.10 25.23 -1.50
N ALA C 78 -3.93 24.49 -2.62
CA ALA C 78 -3.63 23.06 -2.50
C ALA C 78 -2.29 22.84 -1.82
N ALA C 79 -1.30 23.68 -2.12
CA ALA C 79 -0.03 23.60 -1.42
C ALA C 79 -0.22 23.94 0.06
N ALA C 80 -1.09 24.90 0.36
CA ALA C 80 -1.36 25.22 1.77
C ALA C 80 -2.01 24.04 2.48
N GLU C 81 -2.96 23.37 1.82
CA GLU C 81 -3.55 22.17 2.40
C GLU C 81 -2.50 21.12 2.70
N LEU C 82 -1.40 21.16 1.98
CA LEU C 82 -0.33 20.21 2.20
C LEU C 82 0.51 20.54 3.43
N GLY C 83 0.38 21.76 3.97
CA GLY C 83 1.11 22.13 5.17
C GLY C 83 2.56 22.51 4.95
N VAL C 84 2.92 22.94 3.74
CA VAL C 84 4.31 23.25 3.44
C VAL C 84 4.77 24.52 4.16
N TRP C 85 6.08 24.64 4.28
CA TRP C 85 6.65 25.80 4.94
C TRP C 85 6.70 27.01 4.02
N MET C 86 6.87 26.78 2.71
CA MET C 86 7.01 27.86 1.73
C MET C 86 6.53 27.37 0.36
N VAL C 87 5.94 28.28 -0.40
CA VAL C 87 5.46 28.00 -1.74
C VAL C 87 5.65 29.25 -2.57
N ASN C 88 5.86 29.10 -3.87
CA ASN C 88 6.16 30.27 -4.68
C ASN C 88 5.32 30.34 -5.96
N VAL C 89 5.36 31.53 -6.56
CA VAL C 89 4.74 31.83 -7.84
C VAL C 89 5.73 32.66 -8.64
N HIS C 90 5.42 32.85 -9.92
CA HIS C 90 6.20 33.73 -10.80
C HIS C 90 5.67 35.16 -10.69
N ALA C 91 6.51 36.10 -10.28
CA ALA C 91 6.06 37.48 -10.21
C ALA C 91 5.67 38.01 -11.58
N SER C 92 6.28 37.50 -12.63
CA SER C 92 5.83 37.99 -13.93
C SER C 92 4.48 37.44 -14.33
N GLY C 93 3.82 36.68 -13.44
CA GLY C 93 2.43 36.34 -13.64
C GLY C 93 1.50 37.51 -13.46
N GLY C 94 1.97 38.59 -12.84
CA GLY C 94 1.21 39.83 -12.75
C GLY C 94 0.66 40.05 -11.35
N ALA C 95 0.23 41.29 -11.13
CA ALA C 95 -0.25 41.72 -9.82
C ALA C 95 -1.56 41.02 -9.44
N ARG C 96 -2.52 40.93 -10.37
CA ARG C 96 -3.76 40.25 -10.06
C ARG C 96 -3.52 38.78 -9.72
N MET C 97 -2.55 38.16 -10.38
CA MET C 97 -2.27 36.76 -10.07
C MET C 97 -1.66 36.64 -8.67
N MET C 98 -0.67 37.48 -8.36
CA MET C 98 -0.03 37.41 -7.06
C MET C 98 -1.02 37.77 -5.95
N THR C 99 -1.88 38.76 -6.19
CA THR C 99 -2.88 39.12 -5.19
C THR C 99 -3.88 37.99 -4.97
N ALA C 100 -4.34 37.34 -6.04
CA ALA C 100 -5.21 36.18 -5.88
C ALA C 100 -4.51 35.07 -5.10
N ALA C 101 -3.20 34.89 -5.30
CA ALA C 101 -2.48 33.86 -4.56
C ALA C 101 -2.43 34.20 -3.08
N ARG C 102 -2.11 35.45 -2.75
CA ARG C 102 -2.09 35.85 -1.35
C ARG C 102 -3.46 35.70 -0.72
N GLU C 103 -4.51 36.12 -1.44
CA GLU C 103 -5.86 36.00 -0.90
C GLU C 103 -6.25 34.53 -0.69
N ALA C 104 -5.72 33.62 -1.51
CA ALA C 104 -6.03 32.21 -1.35
C ALA C 104 -5.50 31.64 -0.05
N LEU C 105 -4.51 32.27 0.57
CA LEU C 105 -3.94 31.78 1.82
C LEU C 105 -4.64 32.28 3.07
N LEU C 106 -5.52 33.28 2.96
CA LEU C 106 -6.21 33.81 4.13
C LEU C 106 -6.94 32.78 4.98
N PRO C 107 -7.63 31.77 4.42
CA PRO C 107 -8.30 30.79 5.30
C PRO C 107 -7.35 29.98 6.17
N PHE C 108 -6.06 29.94 5.85
CA PHE C 108 -5.11 29.11 6.60
C PHE C 108 -4.44 29.83 7.75
N GLY C 109 -4.74 31.12 7.93
CA GLY C 109 -4.30 31.86 9.10
C GLY C 109 -2.80 31.82 9.29
N LYS C 110 -2.39 31.73 10.55
CA LYS C 110 -0.97 31.75 10.90
C LYS C 110 -0.25 30.50 10.41
N ASP C 111 -0.99 29.44 10.06
CA ASP C 111 -0.41 28.22 9.54
C ASP C 111 -0.09 28.27 8.05
N ALA C 112 -0.42 29.37 7.38
CA ALA C 112 -0.17 29.45 5.94
C ALA C 112 1.32 29.36 5.65
N PRO C 113 1.70 28.77 4.53
CA PRO C 113 3.10 28.81 4.11
C PRO C 113 3.46 30.24 3.73
N LEU C 114 4.77 30.51 3.77
CA LEU C 114 5.28 31.74 3.19
C LEU C 114 5.00 31.75 1.69
N LEU C 115 4.59 32.92 1.18
CA LEU C 115 4.27 33.07 -0.24
C LEU C 115 5.35 33.94 -0.88
N ILE C 116 6.14 33.33 -1.77
CA ILE C 116 7.29 33.96 -2.41
C ILE C 116 7.04 34.08 -3.90
N ALA C 117 7.59 35.12 -4.53
CA ALA C 117 7.50 35.26 -5.97
C ALA C 117 8.89 35.22 -6.61
N VAL C 118 8.99 34.48 -7.70
CA VAL C 118 10.22 34.48 -8.50
C VAL C 118 10.33 35.78 -9.28
N THR C 119 11.49 36.43 -9.20
CA THR C 119 11.72 37.62 -10.00
C THR C 119 12.30 37.21 -11.34
N VAL C 120 13.61 37.30 -11.48
CA VAL C 120 14.31 36.85 -12.67
C VAL C 120 15.12 35.61 -12.32
N LEU C 121 14.86 34.51 -13.02
CA LEU C 121 15.53 33.25 -12.74
C LEU C 121 17.05 33.41 -12.82
N THR C 122 17.75 32.78 -11.87
CA THR C 122 19.21 32.93 -11.73
C THR C 122 19.97 32.43 -12.95
N SER C 123 19.30 31.70 -13.85
CA SER C 123 19.89 31.25 -15.10
C SER C 123 19.88 32.32 -16.20
N MET C 124 19.08 33.37 -16.06
CA MET C 124 18.92 34.37 -17.12
C MET C 124 19.94 35.50 -17.00
N GLU C 125 20.69 35.74 -18.07
CA GLU C 125 21.50 36.93 -18.23
C GLU C 125 20.76 37.89 -19.17
N SER C 126 21.38 39.03 -19.45
CA SER C 126 20.72 40.05 -20.26
C SER C 126 20.38 39.53 -21.65
N SER C 127 21.26 38.75 -22.26
CA SER C 127 20.99 38.22 -23.58
C SER C 127 19.78 37.30 -23.57
N ASP C 128 19.54 36.62 -22.45
CA ASP C 128 18.36 35.77 -22.34
C ASP C 128 17.09 36.61 -22.34
N LEU C 129 17.12 37.77 -21.68
CA LEU C 129 15.94 38.61 -21.63
C LEU C 129 15.70 39.31 -22.96
N GLN C 130 16.75 39.52 -23.76
CA GLN C 130 16.56 40.24 -25.00
C GLN C 130 15.69 39.49 -25.99
N ASP C 131 15.68 38.15 -25.95
CA ASP C 131 14.78 37.40 -26.82
C ASP C 131 13.32 37.64 -26.47
N LEU C 132 13.04 38.03 -25.23
CA LEU C 132 11.68 38.34 -24.82
C LEU C 132 11.37 39.81 -25.03
N GLY C 133 12.29 40.56 -25.63
CA GLY C 133 12.11 41.97 -25.79
C GLY C 133 12.46 42.79 -24.57
N ILE C 134 12.88 42.15 -23.47
CA ILE C 134 13.24 42.86 -22.25
C ILE C 134 14.64 43.46 -22.43
N THR C 135 14.74 44.78 -22.29
CA THR C 135 16.01 45.46 -22.44
C THR C 135 16.65 45.83 -21.10
N LEU C 136 15.91 45.74 -20.00
CA LEU C 136 16.47 46.05 -18.70
C LEU C 136 17.43 44.95 -18.27
N SER C 137 18.43 45.33 -17.46
CA SER C 137 19.33 44.33 -16.91
C SER C 137 18.56 43.38 -16.01
N PRO C 138 19.07 42.16 -15.80
CA PRO C 138 18.42 41.26 -14.83
C PRO C 138 18.22 41.89 -13.47
N ALA C 139 19.19 42.67 -13.00
CA ALA C 139 19.02 43.35 -11.72
C ALA C 139 17.87 44.34 -11.79
N ASP C 140 17.84 45.18 -12.83
CA ASP C 140 16.77 46.16 -12.94
C ASP C 140 15.41 45.48 -13.12
N TYR C 141 15.35 44.42 -13.94
CA TYR C 141 14.08 43.73 -14.14
C TYR C 141 13.65 43.02 -12.85
N ALA C 142 14.59 42.41 -12.14
CA ALA C 142 14.27 41.76 -10.87
C ALA C 142 13.78 42.77 -9.84
N ALA C 143 14.41 43.94 -9.79
CA ALA C 143 14.00 44.96 -8.84
C ALA C 143 12.57 45.40 -9.12
N LYS C 144 12.24 45.61 -10.41
CA LYS C 144 10.88 45.97 -10.76
C LYS C 144 9.89 44.89 -10.31
N LEU C 145 10.22 43.63 -10.54
CA LEU C 145 9.33 42.53 -10.15
C LEU C 145 9.28 42.35 -8.63
N ALA C 146 10.42 42.55 -7.94
CA ALA C 146 10.41 42.41 -6.49
C ALA C 146 9.50 43.45 -5.84
N ALA C 147 9.62 44.70 -6.28
CA ALA C 147 8.75 45.76 -5.74
C ALA C 147 7.28 45.44 -5.99
N LEU C 148 6.95 44.95 -7.19
CA LEU C 148 5.58 44.56 -7.48
C LEU C 148 5.13 43.46 -6.54
N THR C 149 6.02 42.50 -6.26
CA THR C 149 5.70 41.42 -5.33
C THR C 149 5.38 41.97 -3.94
N GLN C 150 6.17 42.94 -3.48
CA GLN C 150 5.95 43.50 -2.15
C GLN C 150 4.64 44.28 -2.09
N ARG C 151 4.35 45.08 -3.13
CA ARG C 151 3.10 45.82 -3.16
C ARG C 151 1.90 44.90 -3.26
N CYS C 152 2.11 43.65 -3.69
CA CYS C 152 1.05 42.65 -3.72
C CYS C 152 0.92 41.90 -2.40
N GLY C 153 1.77 42.23 -1.41
CA GLY C 153 1.64 41.69 -0.08
C GLY C 153 2.31 40.36 0.15
N LEU C 154 3.18 39.92 -0.75
CA LEU C 154 3.85 38.64 -0.56
C LEU C 154 5.02 38.77 0.41
N ASP C 155 5.49 37.62 0.89
CA ASP C 155 6.49 37.59 1.95
C ASP C 155 7.92 37.80 1.46
N GLY C 156 8.19 37.61 0.17
CA GLY C 156 9.54 37.77 -0.32
C GLY C 156 9.67 37.29 -1.76
N VAL C 157 10.92 37.20 -2.21
CA VAL C 157 11.19 36.85 -3.60
C VAL C 157 12.27 35.79 -3.70
N VAL C 158 12.25 35.08 -4.84
CA VAL C 158 13.41 34.35 -5.32
C VAL C 158 14.16 35.26 -6.28
N CYS C 159 15.46 35.42 -6.04
CA CYS C 159 16.30 36.28 -6.85
C CYS C 159 17.74 35.76 -6.75
N SER C 160 18.61 36.36 -7.55
CA SER C 160 20.03 36.08 -7.41
C SER C 160 20.59 36.74 -6.15
N ALA C 161 21.60 36.09 -5.56
CA ALA C 161 22.30 36.69 -4.42
C ALA C 161 22.96 38.01 -4.81
N GLN C 162 23.22 38.22 -6.10
CA GLN C 162 23.79 39.47 -6.56
C GLN C 162 22.86 40.66 -6.37
N GLU C 163 21.57 40.42 -6.14
CA GLU C 163 20.63 41.51 -5.90
C GLU C 163 20.32 41.70 -4.42
N ALA C 164 20.94 40.92 -3.53
CA ALA C 164 20.55 40.93 -2.13
C ALA C 164 20.87 42.26 -1.45
N VAL C 165 22.09 42.77 -1.63
CA VAL C 165 22.43 44.02 -0.97
C VAL C 165 21.48 45.13 -1.41
N ARG C 166 21.21 45.22 -2.72
CA ARG C 166 20.29 46.22 -3.22
C ARG C 166 18.88 45.99 -2.67
N PHE C 167 18.40 44.74 -2.70
CA PHE C 167 17.02 44.48 -2.32
C PHE C 167 16.80 44.70 -0.83
N LYS C 168 17.71 44.22 0.01
CA LYS C 168 17.56 44.45 1.45
C LYS C 168 17.51 45.93 1.75
N HIS C 169 18.27 46.73 1.01
CA HIS C 169 18.30 48.16 1.25
C HIS C 169 17.05 48.86 0.72
N GLU C 170 16.57 48.49 -0.47
CA GLU C 170 15.43 49.18 -1.06
C GLU C 170 14.11 48.66 -0.52
N LEU C 171 14.02 47.36 -0.23
CA LEU C 171 12.76 46.75 0.14
C LEU C 171 12.68 46.39 1.61
N GLY C 172 13.78 46.46 2.36
CA GLY C 172 13.77 46.31 3.79
C GLY C 172 14.22 44.93 4.24
N GLN C 173 14.49 44.83 5.55
CA GLN C 173 14.98 43.59 6.12
C GLN C 173 13.89 42.53 6.20
N ALA C 174 12.63 42.95 6.39
CA ALA C 174 11.55 41.98 6.60
C ALA C 174 11.21 41.20 5.35
N PHE C 175 11.43 41.79 4.18
CA PHE C 175 11.16 41.12 2.91
C PHE C 175 12.20 40.02 2.71
N LYS C 176 11.73 38.80 2.54
CA LYS C 176 12.62 37.66 2.55
C LYS C 176 13.22 37.40 1.17
N LEU C 177 14.50 37.06 1.17
CA LEU C 177 15.22 36.79 -0.05
C LEU C 177 15.67 35.33 -0.05
N VAL C 178 15.21 34.59 -1.04
CA VAL C 178 15.63 33.21 -1.28
C VAL C 178 16.46 33.23 -2.53
N THR C 179 17.73 32.83 -2.42
CA THR C 179 18.61 32.93 -3.58
C THR C 179 19.22 31.59 -3.97
N PRO C 180 18.88 31.05 -5.16
CA PRO C 180 19.66 29.97 -5.75
C PRO C 180 20.83 30.55 -6.54
N GLY C 181 21.45 29.77 -7.41
CA GLY C 181 22.65 30.26 -8.07
C GLY C 181 23.82 30.37 -7.09
N ILE C 182 23.96 29.38 -6.22
CA ILE C 182 25.01 29.35 -5.23
C ILE C 182 26.06 28.36 -5.71
N ARG C 183 27.29 28.83 -5.92
CA ARG C 183 28.36 27.97 -6.43
C ARG C 183 29.62 28.18 -5.60
N PRO C 184 30.05 27.20 -4.82
CA PRO C 184 31.33 27.33 -4.12
C PRO C 184 32.47 27.44 -5.11
N GLN C 185 33.55 28.10 -4.68
CA GLN C 185 34.73 28.30 -5.51
C GLN C 185 35.15 27.00 -6.19
N GLY C 186 34.95 26.92 -7.50
CA GLY C 186 35.42 25.80 -8.28
C GLY C 186 34.37 24.85 -8.79
N SER C 187 33.11 24.95 -8.35
CA SER C 187 32.09 24.08 -8.92
C SER C 187 31.56 24.68 -10.21
N ASP C 188 31.12 23.81 -11.10
CA ASP C 188 30.69 24.24 -12.43
C ASP C 188 29.37 25.01 -12.33
N ALA C 189 29.28 26.11 -13.07
CA ALA C 189 28.08 26.92 -13.06
C ALA C 189 26.90 26.19 -13.70
N GLY C 190 27.16 25.32 -14.67
CA GLY C 190 26.08 24.75 -15.44
C GLY C 190 25.26 25.85 -16.10
N ASP C 191 23.94 25.74 -16.01
CA ASP C 191 23.06 26.72 -16.60
C ASP C 191 22.85 27.96 -15.73
N GLN C 192 23.44 28.01 -14.54
CA GLN C 192 23.33 29.19 -13.69
C GLN C 192 24.19 30.33 -14.25
N ARG C 193 23.77 31.56 -13.97
CA ARG C 193 24.46 32.71 -14.54
C ARG C 193 24.78 33.80 -13.52
N ARG C 194 23.85 34.12 -12.63
CA ARG C 194 24.09 35.15 -11.62
C ARG C 194 24.39 34.44 -10.30
N ILE C 195 25.65 34.01 -10.17
CA ILE C 195 26.03 33.08 -9.11
C ILE C 195 26.85 33.78 -8.04
N MET C 196 26.95 33.11 -6.89
CA MET C 196 27.74 33.58 -5.77
C MET C 196 28.18 32.36 -4.96
N THR C 197 29.36 32.46 -4.37
CA THR C 197 29.75 31.45 -3.41
C THR C 197 28.82 31.53 -2.20
N PRO C 198 28.71 30.45 -1.43
CA PRO C 198 27.93 30.55 -0.19
C PRO C 198 28.39 31.66 0.73
N GLU C 199 29.71 31.85 0.87
CA GLU C 199 30.22 32.91 1.73
C GLU C 199 29.80 34.28 1.24
N GLN C 200 29.80 34.48 -0.08
CA GLN C 200 29.35 35.76 -0.62
C GLN C 200 27.87 35.98 -0.35
N ALA C 201 27.06 34.93 -0.50
CA ALA C 201 25.63 35.08 -0.25
C ALA C 201 25.35 35.39 1.21
N GLN C 202 26.14 34.82 2.11
CA GLN C 202 26.00 35.13 3.53
C GLN C 202 26.34 36.59 3.79
N GLU C 203 27.46 37.06 3.24
CA GLU C 203 27.85 38.46 3.42
C GLU C 203 26.81 39.41 2.83
N ALA C 204 26.10 38.99 1.77
CA ALA C 204 25.13 39.88 1.15
C ALA C 204 23.84 40.07 1.96
N GLY C 205 23.57 39.23 2.95
CA GLY C 205 22.36 39.40 3.74
C GLY C 205 21.20 38.52 3.32
N VAL C 206 21.46 37.47 2.54
CA VAL C 206 20.42 36.56 2.09
C VAL C 206 19.73 35.90 3.26
N ASP C 207 18.41 35.69 3.14
CA ASP C 207 17.68 34.99 4.19
C ASP C 207 17.80 33.48 4.02
N TYR C 208 17.67 32.99 2.79
CA TYR C 208 17.75 31.57 2.51
C TYR C 208 18.54 31.36 1.23
N MET C 209 19.56 30.51 1.28
CA MET C 209 20.34 30.20 0.10
C MET C 209 20.00 28.77 -0.32
N VAL C 210 19.66 28.63 -1.62
CA VAL C 210 19.30 27.34 -2.23
C VAL C 210 20.53 26.77 -2.93
N ILE C 211 20.90 25.54 -2.58
CA ILE C 211 22.03 24.83 -3.17
C ILE C 211 21.55 23.46 -3.64
N GLY C 212 21.92 23.08 -4.87
CA GLY C 212 21.56 21.77 -5.38
C GLY C 212 22.73 20.90 -5.81
N ARG C 213 23.06 20.99 -7.09
CA ARG C 213 24.14 20.19 -7.66
C ARG C 213 25.44 20.21 -6.87
N PRO C 214 25.96 21.35 -6.39
CA PRO C 214 27.19 21.29 -5.58
C PRO C 214 27.10 20.29 -4.44
N VAL C 215 25.93 20.11 -3.85
CA VAL C 215 25.71 19.09 -2.82
C VAL C 215 25.33 17.78 -3.50
N THR C 216 24.24 17.77 -4.28
CA THR C 216 23.63 16.51 -4.65
C THR C 216 24.46 15.72 -5.68
N GLN C 217 25.28 16.40 -6.49
CA GLN C 217 26.18 15.70 -7.40
C GLN C 217 27.55 15.40 -6.79
N SER C 218 27.79 15.79 -5.55
CA SER C 218 29.09 15.46 -4.97
C SER C 218 29.15 13.97 -4.60
N ALA C 219 30.36 13.49 -4.34
CA ALA C 219 30.56 12.08 -4.04
C ALA C 219 29.93 11.69 -2.70
N ASP C 220 29.75 12.64 -1.79
CA ASP C 220 29.09 12.38 -0.52
C ASP C 220 28.26 13.62 -0.18
N PRO C 221 27.04 13.71 -0.70
CA PRO C 221 26.24 14.92 -0.50
C PRO C 221 26.05 15.34 0.94
N ALA C 222 25.76 14.40 1.85
CA ALA C 222 25.56 14.76 3.24
C ALA C 222 26.83 15.34 3.85
N ALA C 223 27.99 14.72 3.56
CA ALA C 223 29.24 15.25 4.09
C ALA C 223 29.55 16.63 3.49
N THR C 224 29.24 16.82 2.20
CA THR C 224 29.45 18.10 1.56
C THR C 224 28.58 19.18 2.19
N LEU C 225 27.30 18.88 2.41
CA LEU C 225 26.41 19.86 3.02
C LEU C 225 26.91 20.28 4.40
N ARG C 226 27.30 19.31 5.23
CA ARG C 226 27.79 19.66 6.55
C ARG C 226 29.09 20.45 6.46
N ALA C 227 29.93 20.13 5.48
CA ALA C 227 31.16 20.88 5.29
C ALA C 227 30.87 22.32 4.88
N ILE C 228 29.87 22.54 4.02
CA ILE C 228 29.51 23.90 3.66
C ILE C 228 28.93 24.64 4.85
N ASN C 229 28.04 24.00 5.63
CA ASN C 229 27.47 24.69 6.80
C ASN C 229 28.53 25.05 7.81
N ASP C 230 29.46 24.13 8.06
CA ASP C 230 30.51 24.42 9.04
C ASP C 230 31.36 25.59 8.61
N SER C 231 31.65 25.69 7.31
CA SER C 231 32.45 26.80 6.82
C SER C 231 31.73 28.13 7.00
N LEU C 232 30.41 28.13 6.84
CA LEU C 232 29.66 29.37 6.98
C LEU C 232 29.49 29.78 8.45
N ARG C 233 29.30 28.82 9.34
CA ARG C 233 29.20 29.13 10.78
C ARG C 233 30.51 29.73 11.28
N LYS C 234 31.64 29.21 10.83
CA LYS C 234 32.95 29.74 11.21
C LYS C 234 33.30 31.02 10.47
N GLY C 235 32.61 31.32 9.37
CA GLY C 235 32.81 32.57 8.66
C GLY C 235 31.88 33.66 9.15
N ALA C 236 31.60 33.65 10.45
CA ALA C 236 30.68 34.60 11.09
C ALA C 236 29.31 34.55 10.42
N HIS D 5 -9.45 13.84 -37.37
CA HIS D 5 -8.64 13.68 -36.16
C HIS D 5 -9.50 13.79 -34.89
N HIS D 6 -8.82 13.92 -33.74
CA HIS D 6 -9.48 14.02 -32.44
C HIS D 6 -9.01 15.32 -31.79
N HIS D 7 -9.89 16.31 -31.72
CA HIS D 7 -9.54 17.66 -31.34
C HIS D 7 -9.70 17.94 -29.85
N MET D 8 -10.75 17.39 -29.24
CA MET D 8 -11.18 17.82 -27.91
C MET D 8 -10.26 17.34 -26.80
N VAL D 9 -9.93 18.26 -25.90
CA VAL D 9 -9.24 17.97 -24.66
C VAL D 9 -10.09 18.57 -23.56
N VAL D 10 -10.54 17.74 -22.62
CA VAL D 10 -11.45 18.20 -21.57
C VAL D 10 -10.64 18.57 -20.34
N ALA D 11 -10.89 19.77 -19.81
CA ALA D 11 -10.18 20.23 -18.63
C ALA D 11 -10.80 19.61 -17.38
N LEU D 12 -10.01 18.82 -16.65
CA LEU D 12 -10.44 18.27 -15.37
C LEU D 12 -10.01 19.25 -14.29
N ASP D 13 -10.92 20.14 -13.90
CA ASP D 13 -10.60 21.14 -12.90
C ASP D 13 -11.41 20.87 -11.64
N TYR D 14 -11.19 19.70 -11.05
CA TYR D 14 -11.85 19.29 -9.84
C TYR D 14 -10.93 19.52 -8.65
N ASP D 15 -11.51 19.60 -7.46
CA ASP D 15 -10.71 19.65 -6.23
C ASP D 15 -10.79 18.34 -5.46
N ASN D 16 -11.31 17.28 -6.08
CA ASN D 16 -11.58 16.05 -5.36
C ASN D 16 -11.41 14.88 -6.31
N ARG D 17 -10.67 13.86 -5.88
CA ARG D 17 -10.38 12.75 -6.77
C ARG D 17 -11.64 11.97 -7.15
N ASP D 18 -12.52 11.71 -6.17
CA ASP D 18 -13.72 10.92 -6.45
C ASP D 18 -14.64 11.64 -7.45
N LYS D 19 -14.80 12.95 -7.29
CA LYS D 19 -15.65 13.69 -8.22
C LYS D 19 -15.09 13.64 -9.64
N ALA D 20 -13.78 13.81 -9.78
CA ALA D 20 -13.19 13.80 -11.12
C ALA D 20 -13.35 12.44 -11.79
N LEU D 21 -13.05 11.36 -11.06
CA LEU D 21 -13.13 10.04 -11.69
C LEU D 21 -14.56 9.65 -11.99
N ALA D 22 -15.53 10.15 -11.22
CA ALA D 22 -16.94 9.88 -11.50
C ALA D 22 -17.36 10.47 -12.83
N PHE D 23 -16.78 11.62 -13.21
CA PHE D 23 -17.05 12.18 -14.52
C PHE D 23 -16.35 11.37 -15.60
N VAL D 24 -15.08 11.04 -15.38
CA VAL D 24 -14.28 10.36 -16.40
C VAL D 24 -14.88 9.00 -16.75
N ASP D 25 -15.50 8.32 -15.77
CA ASP D 25 -16.16 7.06 -16.05
C ASP D 25 -17.42 7.22 -16.90
N ARG D 26 -17.94 8.43 -17.07
CA ARG D 26 -19.11 8.62 -17.90
C ARG D 26 -18.76 8.87 -19.37
N ILE D 27 -17.48 9.08 -19.68
CA ILE D 27 -17.03 9.35 -21.04
C ILE D 27 -16.04 8.26 -21.45
N ASP D 28 -15.64 8.32 -22.72
CA ASP D 28 -14.87 7.28 -23.38
C ASP D 28 -13.58 7.85 -23.96
N PRO D 29 -12.47 7.11 -23.94
CA PRO D 29 -11.22 7.62 -24.53
C PRO D 29 -11.32 8.01 -25.99
N ARG D 30 -12.21 7.37 -26.76
CA ARG D 30 -12.38 7.74 -28.16
C ARG D 30 -13.01 9.10 -28.33
N ASP D 31 -13.64 9.63 -27.27
CA ASP D 31 -14.34 10.91 -27.35
C ASP D 31 -13.42 12.10 -27.16
N CYS D 32 -12.37 11.98 -26.35
CA CYS D 32 -11.57 13.15 -26.01
C CYS D 32 -10.31 12.71 -25.30
N ARG D 33 -9.38 13.66 -25.19
CA ARG D 33 -8.27 13.59 -24.25
C ARG D 33 -8.59 14.43 -23.03
N LEU D 34 -7.77 14.28 -21.99
CA LEU D 34 -8.00 14.95 -20.72
C LEU D 34 -6.83 15.88 -20.41
N LYS D 35 -7.15 17.01 -19.78
CA LYS D 35 -6.15 17.95 -19.31
C LYS D 35 -6.15 17.96 -17.79
N VAL D 36 -4.98 17.71 -17.21
CA VAL D 36 -4.75 17.78 -15.78
C VAL D 36 -3.88 19.00 -15.51
N GLY D 37 -4.39 19.93 -14.70
CA GLY D 37 -3.70 21.17 -14.46
C GLY D 37 -3.08 21.23 -13.07
N LYS D 38 -2.64 22.44 -12.71
CA LYS D 38 -1.92 22.67 -11.46
C LYS D 38 -2.77 22.31 -10.24
N GLU D 39 -4.08 22.59 -10.26
CA GLU D 39 -4.88 22.34 -9.07
C GLU D 39 -4.96 20.86 -8.76
N MET D 40 -5.41 20.06 -9.73
CA MET D 40 -5.55 18.63 -9.45
C MET D 40 -4.18 17.99 -9.23
N PHE D 41 -3.17 18.44 -9.96
CA PHE D 41 -1.86 17.82 -9.82
C PHE D 41 -1.23 18.15 -8.48
N THR D 42 -1.41 19.37 -7.99
CA THR D 42 -0.88 19.72 -6.67
C THR D 42 -1.61 18.96 -5.57
N LEU D 43 -2.87 18.59 -5.80
CA LEU D 43 -3.64 17.82 -4.84
C LEU D 43 -3.35 16.33 -4.96
N LEU D 44 -3.17 15.83 -6.17
CA LEU D 44 -3.11 14.38 -6.37
C LEU D 44 -1.79 13.88 -6.93
N GLY D 45 -1.09 14.67 -7.75
CA GLY D 45 0.19 14.24 -8.26
C GLY D 45 0.07 13.20 -9.35
N PRO D 46 1.17 12.49 -9.58
CA PRO D 46 1.24 11.59 -10.75
C PRO D 46 0.26 10.45 -10.70
N GLN D 47 -0.15 10.02 -9.50
CA GLN D 47 -1.05 8.89 -9.40
C GLN D 47 -2.37 9.17 -10.15
N PHE D 48 -2.82 10.41 -10.14
CA PHE D 48 -4.04 10.74 -10.88
C PHE D 48 -3.83 10.58 -12.38
N VAL D 49 -2.66 10.96 -12.88
CA VAL D 49 -2.37 10.75 -14.31
C VAL D 49 -2.40 9.25 -14.61
N ARG D 50 -1.84 8.45 -13.72
CA ARG D 50 -1.89 7.01 -13.92
C ARG D 50 -3.32 6.49 -13.90
N ASP D 51 -4.17 7.04 -13.02
CA ASP D 51 -5.57 6.61 -12.97
C ASP D 51 -6.24 6.85 -14.32
N LEU D 52 -5.95 7.97 -14.95
CA LEU D 52 -6.51 8.25 -16.27
C LEU D 52 -5.91 7.33 -17.32
N HIS D 53 -4.60 7.07 -17.26
CA HIS D 53 -3.99 6.14 -18.20
C HIS D 53 -4.58 4.74 -18.03
N GLN D 54 -4.82 4.32 -16.80
CA GLN D 54 -5.41 3.00 -16.56
C GLN D 54 -6.79 2.88 -17.19
N ARG D 55 -7.47 4.01 -17.39
CA ARG D 55 -8.78 4.03 -18.03
C ARG D 55 -8.68 4.28 -19.53
N GLY D 56 -7.47 4.42 -20.06
CA GLY D 56 -7.29 4.48 -21.49
C GLY D 56 -7.22 5.85 -22.10
N PHE D 57 -7.15 6.91 -21.30
CA PHE D 57 -7.13 8.26 -21.84
C PHE D 57 -5.70 8.74 -22.04
N GLU D 58 -5.51 9.55 -23.06
CA GLU D 58 -4.28 10.30 -23.22
C GLU D 58 -4.42 11.64 -22.52
N VAL D 59 -3.33 12.07 -21.88
CA VAL D 59 -3.37 13.17 -20.92
C VAL D 59 -2.49 14.31 -21.38
N PHE D 60 -3.05 15.52 -21.36
CA PHE D 60 -2.29 16.77 -21.49
C PHE D 60 -1.96 17.26 -20.09
N LEU D 61 -0.71 17.10 -19.69
CA LEU D 61 -0.22 17.59 -18.40
C LEU D 61 0.07 19.08 -18.52
N ASP D 62 -0.77 19.90 -17.89
CA ASP D 62 -0.76 21.34 -18.06
C ASP D 62 -0.19 21.99 -16.80
N LEU D 63 1.13 21.89 -16.64
CA LEU D 63 1.80 22.47 -15.48
C LEU D 63 2.61 23.73 -15.78
N LYS D 64 2.75 24.12 -17.05
CA LYS D 64 3.40 25.38 -17.43
C LYS D 64 4.77 25.54 -16.77
N PHE D 65 5.63 24.54 -16.97
CA PHE D 65 6.99 24.59 -16.42
C PHE D 65 7.68 25.89 -16.83
N HIS D 66 8.25 26.57 -15.85
CA HIS D 66 8.92 27.85 -16.10
C HIS D 66 10.07 27.93 -15.08
N ASP D 67 11.24 27.45 -15.48
CA ASP D 67 12.35 27.31 -14.54
C ASP D 67 13.66 27.47 -15.30
N ILE D 68 14.77 27.29 -14.60
CA ILE D 68 16.08 27.31 -15.22
C ILE D 68 16.13 26.12 -16.19
N PRO D 69 16.99 26.16 -17.20
CA PRO D 69 16.96 25.08 -18.20
C PRO D 69 17.12 23.69 -17.61
N ASN D 70 18.04 23.51 -16.66
CA ASN D 70 18.28 22.18 -16.11
C ASN D 70 17.03 21.61 -15.43
N THR D 71 16.37 22.42 -14.59
CA THR D 71 15.16 21.94 -13.93
C THR D 71 14.04 21.67 -14.93
N THR D 72 13.84 22.58 -15.90
CA THR D 72 12.77 22.38 -16.87
C THR D 72 13.01 21.12 -17.68
N ALA D 73 14.26 20.87 -18.06
CA ALA D 73 14.59 19.66 -18.82
C ALA D 73 14.30 18.40 -18.01
N ARG D 74 14.72 18.38 -16.75
CA ARG D 74 14.45 17.21 -15.93
C ARG D 74 12.96 17.05 -15.67
N ALA D 75 12.23 18.17 -15.53
CA ALA D 75 10.79 18.06 -15.30
C ALA D 75 10.06 17.55 -16.53
N VAL D 76 10.45 18.01 -17.73
CA VAL D 76 9.87 17.49 -18.95
C VAL D 76 10.18 16.00 -19.11
N ALA D 77 11.40 15.60 -18.75
CA ALA D 77 11.74 14.17 -18.78
C ALA D 77 10.90 13.38 -17.79
N ALA D 78 10.64 13.95 -16.62
CA ALA D 78 9.77 13.28 -15.67
C ALA D 78 8.37 13.13 -16.24
N ALA D 79 7.90 14.14 -16.95
CA ALA D 79 6.59 14.02 -17.59
C ALA D 79 6.59 12.91 -18.62
N ALA D 80 7.68 12.77 -19.37
CA ALA D 80 7.78 11.69 -20.35
C ALA D 80 7.80 10.33 -19.68
N GLU D 81 8.53 10.18 -18.56
CA GLU D 81 8.49 8.92 -17.81
C GLU D 81 7.08 8.59 -17.36
N LEU D 82 6.25 9.60 -17.13
CA LEU D 82 4.87 9.37 -16.78
C LEU D 82 4.04 8.92 -17.98
N GLY D 83 4.56 9.13 -19.20
CA GLY D 83 3.87 8.70 -20.39
C GLY D 83 2.76 9.61 -20.88
N VAL D 84 2.78 10.89 -20.52
CA VAL D 84 1.71 11.78 -20.93
C VAL D 84 1.82 12.07 -22.43
N TRP D 85 0.69 12.47 -23.00
CA TRP D 85 0.60 12.78 -24.42
C TRP D 85 1.11 14.17 -24.75
N MET D 86 0.99 15.13 -23.83
CA MET D 86 1.37 16.51 -24.09
C MET D 86 1.79 17.15 -22.78
N VAL D 87 2.78 18.04 -22.84
CA VAL D 87 3.26 18.77 -21.69
C VAL D 87 3.66 20.16 -22.16
N ASN D 88 3.52 21.16 -21.31
CA ASN D 88 3.78 22.51 -21.75
C ASN D 88 4.76 23.23 -20.84
N VAL D 89 5.31 24.31 -21.37
CA VAL D 89 6.27 25.16 -20.69
C VAL D 89 5.87 26.61 -20.99
N HIS D 90 6.47 27.53 -20.27
CA HIS D 90 6.30 28.95 -20.55
C HIS D 90 7.36 29.37 -21.56
N ALA D 91 6.94 29.85 -22.72
CA ALA D 91 7.89 30.37 -23.70
C ALA D 91 8.67 31.56 -23.14
N SER D 92 8.09 32.30 -22.21
CA SER D 92 8.89 33.39 -21.68
C SER D 92 9.99 32.89 -20.76
N GLY D 93 10.14 31.59 -20.59
CA GLY D 93 11.31 31.05 -19.93
C GLY D 93 12.60 31.16 -20.73
N GLY D 94 12.50 31.43 -22.02
CA GLY D 94 13.68 31.74 -22.82
C GLY D 94 14.09 30.62 -23.73
N ALA D 95 15.00 30.97 -24.65
CA ALA D 95 15.45 30.05 -25.69
C ALA D 95 16.25 28.89 -25.11
N ARG D 96 17.20 29.19 -24.19
CA ARG D 96 17.99 28.10 -23.61
C ARG D 96 17.10 27.13 -22.84
N MET D 97 16.05 27.64 -22.19
CA MET D 97 15.14 26.76 -21.45
C MET D 97 14.34 25.87 -22.38
N MET D 98 13.70 26.46 -23.41
CA MET D 98 12.91 25.64 -24.32
C MET D 98 13.78 24.63 -25.06
N THR D 99 14.98 25.06 -25.46
CA THR D 99 15.92 24.15 -26.09
C THR D 99 16.31 23.01 -25.15
N ALA D 100 16.62 23.32 -23.89
CA ALA D 100 16.90 22.25 -22.94
C ALA D 100 15.70 21.31 -22.81
N ALA D 101 14.48 21.86 -22.87
CA ALA D 101 13.29 21.01 -22.76
C ALA D 101 13.16 20.09 -23.95
N ARG D 102 13.38 20.62 -25.16
CA ARG D 102 13.32 19.78 -26.36
C ARG D 102 14.38 18.69 -26.31
N GLU D 103 15.61 19.05 -25.94
CA GLU D 103 16.68 18.05 -25.91
C GLU D 103 16.40 16.94 -24.91
N ALA D 104 15.70 17.26 -23.82
CA ALA D 104 15.37 16.24 -22.82
C ALA D 104 14.44 15.17 -23.35
N LEU D 105 13.68 15.46 -24.42
CA LEU D 105 12.76 14.46 -24.96
C LEU D 105 13.40 13.57 -26.03
N LEU D 106 14.57 13.94 -26.54
CA LEU D 106 15.21 13.13 -27.56
C LEU D 106 15.37 11.66 -27.16
N PRO D 107 15.74 11.31 -25.93
CA PRO D 107 15.88 9.88 -25.60
C PRO D 107 14.57 9.11 -25.68
N PHE D 108 13.41 9.77 -25.61
CA PHE D 108 12.14 9.06 -25.58
C PHE D 108 11.59 8.78 -26.97
N GLY D 109 12.26 9.24 -28.01
CA GLY D 109 11.87 8.92 -29.38
C GLY D 109 10.46 9.39 -29.69
N LYS D 110 9.76 8.61 -30.52
CA LYS D 110 8.43 8.96 -30.99
C LYS D 110 7.36 8.88 -29.89
N ASP D 111 7.65 8.21 -28.77
CA ASP D 111 6.70 8.14 -27.67
C ASP D 111 6.76 9.37 -26.78
N ALA D 112 7.67 10.30 -27.07
CA ALA D 112 7.77 11.52 -26.27
C ALA D 112 6.46 12.30 -26.33
N PRO D 113 6.10 12.98 -25.26
CA PRO D 113 4.92 13.86 -25.31
C PRO D 113 5.18 15.03 -26.25
N LEU D 114 4.10 15.56 -26.79
CA LEU D 114 4.20 16.83 -27.51
C LEU D 114 4.62 17.93 -26.54
N LEU D 115 5.54 18.77 -26.99
CA LEU D 115 6.10 19.83 -26.16
C LEU D 115 5.56 21.17 -26.67
N ILE D 116 4.68 21.78 -25.88
CA ILE D 116 3.97 22.99 -26.26
C ILE D 116 4.39 24.11 -25.32
N ALA D 117 4.42 25.34 -25.84
CA ALA D 117 4.76 26.48 -25.01
C ALA D 117 3.60 27.43 -24.88
N VAL D 118 3.38 27.92 -23.66
CA VAL D 118 2.44 29.00 -23.40
C VAL D 118 3.09 30.29 -23.85
N THR D 119 2.34 31.10 -24.61
CA THR D 119 2.87 32.40 -24.98
C THR D 119 2.49 33.41 -23.91
N VAL D 120 1.38 34.11 -24.11
CA VAL D 120 0.83 35.06 -23.16
C VAL D 120 -0.44 34.45 -22.56
N LEU D 121 -0.51 34.42 -21.23
CA LEU D 121 -1.69 33.90 -20.57
C LEU D 121 -2.94 34.70 -20.97
N THR D 122 -4.05 33.98 -21.18
CA THR D 122 -5.29 34.62 -21.64
C THR D 122 -5.81 35.66 -20.67
N SER D 123 -5.33 35.66 -19.42
CA SER D 123 -5.70 36.65 -18.44
C SER D 123 -4.93 37.95 -18.59
N MET D 124 -3.81 37.94 -19.29
CA MET D 124 -2.95 39.11 -19.31
C MET D 124 -3.54 40.10 -20.31
N GLU D 125 -3.88 41.29 -19.82
CA GLU D 125 -4.30 42.38 -20.68
C GLU D 125 -3.11 43.30 -20.85
N SER D 126 -3.30 44.34 -21.66
CA SER D 126 -2.19 45.23 -21.97
C SER D 126 -1.66 45.89 -20.70
N SER D 127 -2.56 46.28 -19.80
CA SER D 127 -2.15 46.90 -18.54
C SER D 127 -1.40 45.91 -17.64
N ASP D 128 -1.75 44.61 -17.72
CA ASP D 128 -1.01 43.62 -16.95
C ASP D 128 0.42 43.49 -17.45
N LEU D 129 0.62 43.56 -18.76
CA LEU D 129 1.97 43.51 -19.32
C LEU D 129 2.72 44.82 -19.09
N GLN D 130 1.99 45.94 -18.92
CA GLN D 130 2.67 47.21 -18.71
C GLN D 130 3.40 47.24 -17.38
N ASP D 131 2.90 46.52 -16.38
CA ASP D 131 3.60 46.38 -15.10
C ASP D 131 4.90 45.60 -15.22
N LEU D 132 5.03 44.74 -16.22
CA LEU D 132 6.25 43.98 -16.44
C LEU D 132 7.22 44.66 -17.40
N GLY D 133 6.92 45.89 -17.83
CA GLY D 133 7.75 46.57 -18.80
C GLY D 133 7.47 46.20 -20.24
N ILE D 134 6.49 45.32 -20.50
CA ILE D 134 6.16 44.89 -21.84
C ILE D 134 5.37 46.00 -22.54
N THR D 135 5.88 46.45 -23.70
CA THR D 135 5.26 47.54 -24.45
C THR D 135 4.45 47.06 -25.66
N LEU D 136 4.63 45.81 -26.09
CA LEU D 136 3.84 45.26 -27.18
C LEU D 136 2.47 44.84 -26.64
N SER D 137 1.48 44.86 -27.53
CA SER D 137 0.16 44.36 -27.15
C SER D 137 0.26 42.88 -26.80
N PRO D 138 -0.68 42.36 -26.01
CA PRO D 138 -0.69 40.91 -25.75
C PRO D 138 -0.64 40.06 -27.00
N ALA D 139 -1.35 40.44 -28.06
CA ALA D 139 -1.32 39.67 -29.31
C ALA D 139 0.07 39.71 -29.94
N ASP D 140 0.65 40.89 -30.08
CA ASP D 140 1.95 40.99 -30.71
C ASP D 140 3.03 40.29 -29.91
N TYR D 141 2.97 40.40 -28.58
CA TYR D 141 3.95 39.72 -27.75
C TYR D 141 3.79 38.20 -27.89
N ALA D 142 2.55 37.74 -27.95
CA ALA D 142 2.31 36.32 -28.15
C ALA D 142 2.92 35.84 -29.46
N ALA D 143 2.80 36.65 -30.52
CA ALA D 143 3.37 36.28 -31.81
C ALA D 143 4.90 36.17 -31.71
N LYS D 144 5.53 37.12 -31.04
CA LYS D 144 6.98 37.06 -30.82
C LYS D 144 7.37 35.80 -30.07
N LEU D 145 6.66 35.48 -28.98
CA LEU D 145 6.99 34.28 -28.22
C LEU D 145 6.66 33.01 -28.98
N ALA D 146 5.59 33.04 -29.78
CA ALA D 146 5.26 31.87 -30.59
C ALA D 146 6.38 31.58 -31.59
N ALA D 147 6.87 32.63 -32.26
CA ALA D 147 7.97 32.46 -33.23
C ALA D 147 9.23 31.94 -32.54
N LEU D 148 9.53 32.46 -31.36
CA LEU D 148 10.68 31.97 -30.62
C LEU D 148 10.51 30.50 -30.27
N THR D 149 9.30 30.12 -29.88
CA THR D 149 9.02 28.72 -29.56
C THR D 149 9.31 27.81 -30.76
N GLN D 150 8.88 28.23 -31.96
CA GLN D 150 9.12 27.44 -33.15
C GLN D 150 10.61 27.37 -33.47
N ARG D 151 11.30 28.50 -33.37
CA ARG D 151 12.72 28.52 -33.64
C ARG D 151 13.48 27.64 -32.67
N CYS D 152 12.92 27.39 -31.50
CA CYS D 152 13.56 26.49 -30.54
C CYS D 152 13.19 25.04 -30.78
N GLY D 153 12.35 24.75 -31.78
CA GLY D 153 12.04 23.38 -32.13
C GLY D 153 10.90 22.75 -31.38
N LEU D 154 10.07 23.53 -30.70
CA LEU D 154 8.93 22.97 -30.00
C LEU D 154 7.79 22.71 -30.98
N ASP D 155 6.84 21.89 -30.52
CA ASP D 155 5.81 21.37 -31.40
C ASP D 155 4.68 22.37 -31.63
N GLY D 156 4.54 23.39 -30.81
CA GLY D 156 3.46 24.33 -30.98
C GLY D 156 3.28 25.19 -29.74
N VAL D 157 2.17 25.93 -29.72
CA VAL D 157 1.90 26.87 -28.63
C VAL D 157 0.47 26.72 -28.12
N VAL D 158 0.29 27.18 -26.90
CA VAL D 158 -1.03 27.50 -26.38
C VAL D 158 -1.25 28.97 -26.68
N CYS D 159 -2.38 29.27 -27.32
CA CYS D 159 -2.70 30.65 -27.65
C CYS D 159 -4.21 30.80 -27.63
N SER D 160 -4.65 32.05 -27.71
CA SER D 160 -6.06 32.34 -27.85
C SER D 160 -6.52 31.96 -29.24
N ALA D 161 -7.79 31.53 -29.34
CA ALA D 161 -8.35 31.17 -30.64
C ALA D 161 -8.40 32.33 -31.61
N GLN D 162 -8.41 33.58 -31.12
CA GLN D 162 -8.40 34.74 -31.99
C GLN D 162 -7.07 34.91 -32.74
N GLU D 163 -6.02 34.22 -32.31
CA GLU D 163 -4.72 34.32 -32.93
C GLU D 163 -4.43 33.16 -33.89
N ALA D 164 -5.37 32.24 -34.07
CA ALA D 164 -5.07 31.05 -34.85
C ALA D 164 -4.83 31.41 -36.30
N VAL D 165 -5.71 32.25 -36.88
CA VAL D 165 -5.56 32.62 -38.28
C VAL D 165 -4.22 33.28 -38.52
N ARG D 166 -3.82 34.20 -37.64
CA ARG D 166 -2.53 34.84 -37.81
C ARG D 166 -1.38 33.85 -37.62
N PHE D 167 -1.43 32.99 -36.60
CA PHE D 167 -0.28 32.14 -36.33
C PHE D 167 -0.09 31.10 -37.43
N LYS D 168 -1.17 30.46 -37.85
CA LYS D 168 -1.09 29.48 -38.93
C LYS D 168 -0.56 30.10 -40.21
N HIS D 169 -0.87 31.36 -40.46
CA HIS D 169 -0.42 32.07 -41.65
C HIS D 169 1.05 32.46 -41.55
N GLU D 170 1.51 32.89 -40.37
CA GLU D 170 2.90 33.33 -40.24
C GLU D 170 3.85 32.17 -39.95
N LEU D 171 3.40 31.16 -39.21
CA LEU D 171 4.28 30.09 -38.75
C LEU D 171 4.04 28.75 -39.45
N GLY D 172 2.99 28.60 -40.23
CA GLY D 172 2.78 27.40 -41.03
C GLY D 172 1.80 26.44 -40.39
N GLN D 173 1.39 25.45 -41.19
CA GLN D 173 0.38 24.51 -40.73
C GLN D 173 0.92 23.53 -39.69
N ALA D 174 2.20 23.15 -39.79
CA ALA D 174 2.73 22.10 -38.92
C ALA D 174 2.83 22.53 -37.46
N PHE D 175 3.04 23.82 -37.20
CA PHE D 175 3.13 24.29 -35.82
C PHE D 175 1.75 24.19 -35.18
N LYS D 176 1.66 23.43 -34.08
CA LYS D 176 0.35 23.10 -33.51
C LYS D 176 -0.16 24.17 -32.57
N LEU D 177 -1.47 24.40 -32.60
CA LEU D 177 -2.13 25.42 -31.79
C LEU D 177 -3.10 24.75 -30.83
N VAL D 178 -2.93 24.99 -29.54
CA VAL D 178 -3.82 24.48 -28.50
C VAL D 178 -4.53 25.70 -27.90
N THR D 179 -5.85 25.74 -28.00
CA THR D 179 -6.56 26.93 -27.57
C THR D 179 -7.61 26.58 -26.53
N PRO D 180 -7.61 27.24 -25.37
CA PRO D 180 -8.74 27.13 -24.45
C PRO D 180 -9.86 28.10 -24.83
N GLY D 181 -10.84 28.23 -23.94
CA GLY D 181 -11.98 29.10 -24.16
C GLY D 181 -12.86 28.66 -25.31
N ILE D 182 -13.04 27.35 -25.48
CA ILE D 182 -13.88 26.80 -26.53
C ILE D 182 -15.19 26.40 -25.90
N ARG D 183 -16.29 26.96 -26.41
CA ARG D 183 -17.63 26.68 -25.93
C ARG D 183 -18.50 26.51 -27.16
N PRO D 184 -19.29 25.45 -27.26
CA PRO D 184 -20.35 25.43 -28.26
C PRO D 184 -21.40 26.47 -27.89
N GLN D 185 -22.19 26.87 -28.89
CA GLN D 185 -23.17 27.93 -28.68
C GLN D 185 -24.06 27.64 -27.47
N GLY D 186 -24.49 28.71 -26.81
CA GLY D 186 -25.42 28.61 -25.70
C GLY D 186 -24.76 28.48 -24.35
N ILE D 195 -14.45 33.80 -27.22
CA ILE D 195 -15.00 32.45 -27.28
C ILE D 195 -15.37 32.05 -28.70
N MET D 196 -14.95 30.84 -29.08
CA MET D 196 -15.24 30.24 -30.37
C MET D 196 -15.92 28.89 -30.16
N THR D 197 -16.87 28.56 -31.02
CA THR D 197 -17.40 27.21 -31.06
C THR D 197 -16.32 26.25 -31.54
N PRO D 198 -16.46 24.95 -31.26
CA PRO D 198 -15.49 24.01 -31.83
C PRO D 198 -15.39 24.12 -33.34
N GLU D 199 -16.52 24.31 -34.03
CA GLU D 199 -16.48 24.43 -35.48
C GLU D 199 -15.72 25.68 -35.92
N GLN D 200 -15.92 26.80 -35.22
CA GLN D 200 -15.19 28.01 -35.59
C GLN D 200 -13.69 27.81 -35.39
N ALA D 201 -13.30 27.15 -34.30
CA ALA D 201 -11.89 26.91 -34.05
C ALA D 201 -11.29 25.99 -35.09
N GLN D 202 -12.06 25.01 -35.57
CA GLN D 202 -11.57 24.13 -36.62
C GLN D 202 -11.31 24.92 -37.89
N GLU D 203 -12.26 25.78 -38.26
CA GLU D 203 -12.07 26.60 -39.44
C GLU D 203 -10.87 27.53 -39.27
N ALA D 204 -10.60 27.99 -38.06
CA ALA D 204 -9.44 28.85 -37.82
C ALA D 204 -8.14 28.09 -37.87
N GLY D 205 -8.18 26.76 -37.85
CA GLY D 205 -7.01 25.93 -37.92
C GLY D 205 -6.52 25.39 -36.61
N VAL D 206 -7.31 25.50 -35.54
CA VAL D 206 -6.88 25.01 -34.24
C VAL D 206 -6.68 23.50 -34.30
N ASP D 207 -5.59 23.03 -33.70
CA ASP D 207 -5.29 21.60 -33.68
C ASP D 207 -5.94 20.88 -32.50
N TYR D 208 -5.88 21.47 -31.31
CA TYR D 208 -6.45 20.85 -30.11
C TYR D 208 -7.18 21.92 -29.33
N MET D 209 -8.44 21.66 -29.04
CA MET D 209 -9.30 22.62 -28.37
C MET D 209 -9.57 22.14 -26.94
N VAL D 210 -9.29 23.01 -25.98
CA VAL D 210 -9.49 22.69 -24.57
C VAL D 210 -10.87 23.20 -24.17
N ILE D 211 -11.69 22.30 -23.67
CA ILE D 211 -13.06 22.59 -23.30
C ILE D 211 -13.28 22.13 -21.86
N GLY D 212 -14.01 22.95 -21.09
CA GLY D 212 -14.20 22.68 -19.68
C GLY D 212 -15.64 22.48 -19.27
N ARG D 213 -16.21 23.50 -18.62
CA ARG D 213 -17.53 23.36 -18.03
C ARG D 213 -18.65 22.96 -19.01
N PRO D 214 -18.66 23.37 -20.29
CA PRO D 214 -19.70 22.86 -21.19
C PRO D 214 -19.75 21.34 -21.27
N VAL D 215 -18.67 20.66 -20.94
CA VAL D 215 -18.68 19.20 -20.90
C VAL D 215 -18.76 18.68 -19.47
N THR D 216 -17.98 19.26 -18.54
CA THR D 216 -17.94 18.71 -17.19
C THR D 216 -19.22 18.99 -16.41
N GLN D 217 -19.91 20.08 -16.73
CA GLN D 217 -21.18 20.40 -16.11
C GLN D 217 -22.36 19.94 -16.95
N SER D 218 -22.11 19.19 -18.01
CA SER D 218 -23.19 18.69 -18.87
C SER D 218 -23.99 17.62 -18.15
N ALA D 219 -25.30 17.59 -18.42
CA ALA D 219 -26.13 16.53 -17.87
C ALA D 219 -25.92 15.21 -18.58
N ASP D 220 -25.35 15.23 -19.79
CA ASP D 220 -24.93 14.02 -20.51
C ASP D 220 -23.62 14.33 -21.22
N PRO D 221 -22.50 14.24 -20.51
CA PRO D 221 -21.22 14.67 -21.10
C PRO D 221 -20.81 13.87 -22.33
N ALA D 222 -21.02 12.55 -22.31
CA ALA D 222 -20.66 11.74 -23.47
C ALA D 222 -21.44 12.18 -24.71
N ALA D 223 -22.73 12.47 -24.54
CA ALA D 223 -23.52 12.94 -25.66
C ALA D 223 -23.03 14.28 -26.16
N THR D 224 -22.63 15.16 -25.24
CA THR D 224 -22.07 16.45 -25.64
C THR D 224 -20.79 16.27 -26.44
N LEU D 225 -19.89 15.39 -25.96
CA LEU D 225 -18.67 15.11 -26.69
C LEU D 225 -18.98 14.49 -28.05
N ARG D 226 -19.90 13.52 -28.09
CA ARG D 226 -20.19 12.87 -29.36
C ARG D 226 -20.73 13.85 -30.39
N ALA D 227 -21.56 14.80 -29.96
CA ALA D 227 -22.10 15.80 -30.88
C ALA D 227 -21.02 16.74 -31.37
N ILE D 228 -20.08 17.14 -30.50
CA ILE D 228 -18.99 18.01 -30.93
C ILE D 228 -18.12 17.30 -31.96
N ASN D 229 -17.76 16.03 -31.67
CA ASN D 229 -16.91 15.26 -32.58
C ASN D 229 -17.56 15.04 -33.92
N ASP D 230 -18.88 14.81 -33.94
CA ASP D 230 -19.56 14.61 -35.22
C ASP D 230 -19.53 15.89 -36.05
N SER D 231 -19.75 17.04 -35.41
CA SER D 231 -19.73 18.30 -36.16
C SER D 231 -18.35 18.57 -36.75
N LEU D 232 -17.29 18.13 -36.06
CA LEU D 232 -15.93 18.31 -36.56
C LEU D 232 -15.59 17.35 -37.69
N ARG D 233 -16.11 16.14 -37.65
CA ARG D 233 -15.95 15.19 -38.74
C ARG D 233 -16.66 15.72 -39.99
N HIS E 5 -11.20 15.99 20.25
CA HIS E 5 -10.96 15.24 21.47
C HIS E 5 -9.95 14.08 21.25
N HIS E 6 -10.42 12.98 20.66
CA HIS E 6 -9.59 11.82 20.42
C HIS E 6 -10.18 11.01 19.27
N HIS E 7 -10.19 11.61 18.08
CA HIS E 7 -10.84 11.00 16.93
C HIS E 7 -10.09 9.76 16.43
N MET E 8 -8.77 9.80 16.44
CA MET E 8 -7.98 8.81 15.69
C MET E 8 -7.95 7.43 16.31
N VAL E 9 -8.21 6.43 15.46
CA VAL E 9 -8.00 5.03 15.81
C VAL E 9 -7.13 4.43 14.72
N VAL E 10 -5.95 3.94 15.10
CA VAL E 10 -4.96 3.44 14.16
C VAL E 10 -5.14 1.94 14.00
N ALA E 11 -5.26 1.50 12.76
CA ALA E 11 -5.50 0.10 12.46
C ALA E 11 -4.20 -0.69 12.52
N LEU E 12 -4.16 -1.68 13.42
CA LEU E 12 -3.03 -2.62 13.51
C LEU E 12 -3.35 -3.83 12.65
N ASP E 13 -2.84 -3.85 11.43
CA ASP E 13 -3.06 -4.96 10.53
C ASP E 13 -1.74 -5.63 10.18
N TYR E 14 -1.04 -6.16 11.18
CA TYR E 14 0.25 -6.81 10.95
C TYR E 14 0.07 -8.31 10.90
N ASP E 15 1.06 -8.97 10.29
CA ASP E 15 1.14 -10.43 10.32
C ASP E 15 2.27 -10.87 11.23
N ASN E 16 2.79 -9.96 12.05
CA ASN E 16 3.97 -10.23 12.87
C ASN E 16 3.85 -9.45 14.18
N ARG E 17 3.98 -10.15 15.30
CA ARG E 17 3.83 -9.52 16.61
C ARG E 17 4.96 -8.54 16.88
N ASP E 18 6.20 -8.89 16.53
CA ASP E 18 7.33 -8.01 16.82
C ASP E 18 7.18 -6.67 16.09
N LYS E 19 6.80 -6.70 14.81
CA LYS E 19 6.62 -5.46 14.07
C LYS E 19 5.48 -4.62 14.66
N ALA E 20 4.39 -5.28 15.03
CA ALA E 20 3.26 -4.57 15.63
C ALA E 20 3.67 -3.92 16.95
N LEU E 21 4.40 -4.64 17.81
CA LEU E 21 4.80 -4.01 19.07
C LEU E 21 5.86 -2.95 18.85
N ALA E 22 6.70 -3.08 17.82
CA ALA E 22 7.66 -2.03 17.50
C ALA E 22 6.95 -0.76 17.06
N PHE E 23 5.84 -0.89 16.33
CA PHE E 23 5.10 0.29 15.91
C PHE E 23 4.41 0.94 17.10
N VAL E 24 3.75 0.12 17.93
CA VAL E 24 3.03 0.64 19.08
C VAL E 24 3.99 1.37 20.00
N ASP E 25 5.24 0.89 20.06
CA ASP E 25 6.24 1.56 20.88
C ASP E 25 6.58 2.96 20.39
N ARG E 26 6.24 3.28 19.15
CA ARG E 26 6.59 4.59 18.62
C ARG E 26 5.53 5.64 18.89
N ILE E 27 4.36 5.26 19.36
CA ILE E 27 3.29 6.20 19.61
C ILE E 27 2.91 6.12 21.08
N ASP E 28 2.03 7.03 21.47
CA ASP E 28 1.59 7.24 22.84
C ASP E 28 0.07 7.13 22.91
N PRO E 29 -0.47 6.61 24.01
CA PRO E 29 -1.94 6.50 24.12
C PRO E 29 -2.68 7.81 23.94
N ARG E 30 -2.05 8.95 24.25
CA ARG E 30 -2.71 10.23 24.00
C ARG E 30 -2.82 10.54 22.51
N ASP E 31 -2.06 9.85 21.66
CA ASP E 31 -2.09 10.13 20.23
C ASP E 31 -3.29 9.49 19.54
N CYS E 32 -3.72 8.32 20.00
CA CYS E 32 -4.74 7.58 19.28
C CYS E 32 -5.18 6.40 20.14
N ARG E 33 -6.27 5.78 19.72
CA ARG E 33 -6.62 4.43 20.12
C ARG E 33 -6.21 3.46 19.03
N LEU E 34 -6.28 2.17 19.34
CA LEU E 34 -5.83 1.13 18.42
C LEU E 34 -6.97 0.22 18.02
N LYS E 35 -6.97 -0.23 16.77
CA LYS E 35 -7.95 -1.19 16.27
C LYS E 35 -7.29 -2.53 15.99
N VAL E 36 -7.84 -3.59 16.55
CA VAL E 36 -7.37 -4.96 16.28
C VAL E 36 -8.48 -5.66 15.50
N GLY E 37 -8.15 -6.15 14.30
CA GLY E 37 -9.10 -6.75 13.40
C GLY E 37 -8.93 -8.25 13.30
N LYS E 38 -9.59 -8.82 12.30
CA LYS E 38 -9.59 -10.28 12.15
C LYS E 38 -8.18 -10.83 11.98
N GLU E 39 -7.29 -10.11 11.26
CA GLU E 39 -5.98 -10.68 10.98
C GLU E 39 -5.17 -10.87 12.26
N MET E 40 -4.97 -9.78 13.02
CA MET E 40 -4.13 -9.89 14.20
C MET E 40 -4.75 -10.77 15.26
N PHE E 41 -6.08 -10.71 15.41
CA PHE E 41 -6.71 -11.52 16.44
C PHE E 41 -6.62 -13.00 16.10
N THR E 42 -6.76 -13.34 14.83
CA THR E 42 -6.64 -14.75 14.44
C THR E 42 -5.20 -15.24 14.61
N LEU E 43 -4.20 -14.36 14.49
CA LEU E 43 -2.83 -14.81 14.68
C LEU E 43 -2.44 -14.85 16.15
N LEU E 44 -2.92 -13.90 16.96
CA LEU E 44 -2.43 -13.72 18.31
C LEU E 44 -3.48 -13.94 19.39
N GLY E 45 -4.75 -13.71 19.10
CA GLY E 45 -5.80 -13.93 20.06
C GLY E 45 -5.87 -12.87 21.15
N PRO E 46 -6.54 -13.20 22.25
CA PRO E 46 -6.82 -12.19 23.27
C PRO E 46 -5.56 -11.66 23.95
N GLN E 47 -4.48 -12.44 24.00
CA GLN E 47 -3.29 -11.98 24.69
C GLN E 47 -2.73 -10.70 24.10
N PHE E 48 -2.84 -10.54 22.77
CA PHE E 48 -2.34 -9.32 22.16
C PHE E 48 -3.14 -8.10 22.62
N VAL E 49 -4.46 -8.24 22.77
CA VAL E 49 -5.25 -7.13 23.29
C VAL E 49 -4.78 -6.77 24.70
N ARG E 50 -4.53 -7.77 25.53
CA ARG E 50 -4.00 -7.49 26.86
C ARG E 50 -2.63 -6.83 26.78
N ASP E 51 -1.81 -7.24 25.81
CA ASP E 51 -0.51 -6.61 25.60
C ASP E 51 -0.65 -5.12 25.31
N LEU E 52 -1.64 -4.75 24.50
CA LEU E 52 -1.87 -3.35 24.22
C LEU E 52 -2.40 -2.61 25.44
N HIS E 53 -3.28 -3.26 26.21
CA HIS E 53 -3.78 -2.66 27.44
C HIS E 53 -2.66 -2.45 28.44
N GLN E 54 -1.72 -3.40 28.51
CA GLN E 54 -0.58 -3.22 29.41
C GLN E 54 0.25 -2.01 29.05
N ARG E 55 0.21 -1.59 27.78
CA ARG E 55 0.95 -0.43 27.32
C ARG E 55 0.13 0.84 27.41
N GLY E 56 -1.10 0.75 27.91
CA GLY E 56 -1.92 1.91 28.19
C GLY E 56 -2.88 2.32 27.09
N PHE E 57 -3.01 1.52 26.03
CA PHE E 57 -3.86 1.91 24.91
C PHE E 57 -5.25 1.33 25.06
N GLU E 58 -6.22 2.11 24.60
CA GLU E 58 -7.59 1.64 24.45
C GLU E 58 -7.75 1.00 23.07
N VAL E 59 -8.52 -0.08 23.00
CA VAL E 59 -8.57 -0.93 21.83
C VAL E 59 -9.98 -0.98 21.27
N PHE E 60 -10.09 -0.79 19.95
CA PHE E 60 -11.30 -1.07 19.20
C PHE E 60 -11.15 -2.49 18.66
N LEU E 61 -11.90 -3.44 19.25
CA LEU E 61 -11.88 -4.82 18.78
C LEU E 61 -12.86 -4.95 17.61
N ASP E 62 -12.31 -5.04 16.41
CA ASP E 62 -13.04 -4.99 15.14
C ASP E 62 -13.10 -6.38 14.55
N LEU E 63 -13.95 -7.22 15.12
CA LEU E 63 -14.12 -8.59 14.63
C LEU E 63 -15.41 -8.78 13.85
N LYS E 64 -16.28 -7.77 13.85
CA LYS E 64 -17.51 -7.79 13.05
C LYS E 64 -18.30 -9.07 13.30
N PHE E 65 -18.59 -9.35 14.57
CA PHE E 65 -19.33 -10.55 14.93
C PHE E 65 -20.62 -10.63 14.13
N HIS E 66 -20.87 -11.80 13.54
CA HIS E 66 -22.08 -12.04 12.75
C HIS E 66 -22.47 -13.51 12.93
N ASP E 67 -23.35 -13.77 13.91
CA ASP E 67 -23.73 -15.13 14.25
C ASP E 67 -25.16 -15.13 14.78
N ILE E 68 -25.61 -16.30 15.25
CA ILE E 68 -26.91 -16.41 15.91
C ILE E 68 -26.85 -15.57 17.17
N PRO E 69 -28.00 -15.11 17.69
CA PRO E 69 -27.96 -14.14 18.81
C PRO E 69 -27.17 -14.60 20.02
N ASN E 70 -27.36 -15.84 20.46
CA ASN E 70 -26.69 -16.29 21.68
C ASN E 70 -25.18 -16.29 21.53
N THR E 71 -24.68 -16.79 20.39
CA THR E 71 -23.24 -16.83 20.16
C THR E 71 -22.66 -15.42 20.09
N THR E 72 -23.36 -14.51 19.42
CA THR E 72 -22.90 -13.13 19.36
C THR E 72 -22.87 -12.51 20.74
N ALA E 73 -23.88 -12.79 21.56
CA ALA E 73 -23.93 -12.25 22.92
C ALA E 73 -22.76 -12.75 23.74
N ARG E 74 -22.45 -14.04 23.66
CA ARG E 74 -21.31 -14.56 24.42
C ARG E 74 -19.99 -13.99 23.92
N ALA E 75 -19.88 -13.74 22.61
CA ALA E 75 -18.65 -13.17 22.08
C ALA E 75 -18.48 -11.73 22.51
N VAL E 76 -19.58 -10.96 22.51
CA VAL E 76 -19.52 -9.59 22.97
C VAL E 76 -19.17 -9.53 24.45
N ALA E 77 -19.76 -10.43 25.25
CA ALA E 77 -19.42 -10.48 26.67
C ALA E 77 -17.96 -10.87 26.88
N ALA E 78 -17.45 -11.81 26.08
CA ALA E 78 -16.04 -12.17 26.20
C ALA E 78 -15.16 -10.97 25.88
N ALA E 79 -15.57 -10.16 24.90
CA ALA E 79 -14.85 -8.94 24.58
C ALA E 79 -14.92 -7.95 25.74
N ALA E 80 -16.06 -7.87 26.40
CA ALA E 80 -16.19 -6.98 27.56
C ALA E 80 -15.32 -7.46 28.71
N GLU E 81 -15.28 -8.78 28.95
CA GLU E 81 -14.38 -9.32 29.97
C GLU E 81 -12.94 -8.97 29.67
N LEU E 82 -12.62 -8.77 28.40
CA LEU E 82 -11.27 -8.35 28.03
C LEU E 82 -11.04 -6.87 28.33
N GLY E 83 -12.11 -6.10 28.53
CA GLY E 83 -11.99 -4.69 28.84
C GLY E 83 -11.78 -3.78 27.66
N VAL E 84 -12.20 -4.17 26.46
CA VAL E 84 -11.97 -3.34 25.29
C VAL E 84 -12.84 -2.09 25.34
N TRP E 85 -12.40 -1.07 24.60
CA TRP E 85 -13.09 0.22 24.57
C TRP E 85 -14.28 0.19 23.61
N MET E 86 -14.20 -0.61 22.55
CA MET E 86 -15.24 -0.69 21.54
C MET E 86 -15.20 -2.07 20.91
N VAL E 87 -16.37 -2.58 20.54
CA VAL E 87 -16.50 -3.86 19.84
C VAL E 87 -17.68 -3.74 18.88
N ASN E 88 -17.63 -4.47 17.76
CA ASN E 88 -18.66 -4.29 16.75
C ASN E 88 -19.26 -5.61 16.31
N VAL E 89 -20.44 -5.49 15.68
CA VAL E 89 -21.21 -6.61 15.15
C VAL E 89 -21.71 -6.19 13.76
N HIS E 90 -22.20 -7.16 13.00
CA HIS E 90 -22.81 -6.88 11.71
C HIS E 90 -24.29 -6.58 11.88
N ALA E 91 -24.70 -5.36 11.50
CA ALA E 91 -26.11 -5.01 11.58
C ALA E 91 -26.96 -5.91 10.71
N SER E 92 -26.39 -6.46 9.63
CA SER E 92 -27.18 -7.40 8.84
C SER E 92 -27.33 -8.75 9.55
N GLY E 93 -26.80 -8.87 10.76
CA GLY E 93 -27.13 -10.01 11.60
C GLY E 93 -28.55 -9.97 12.14
N GLY E 94 -29.20 -8.81 12.11
CA GLY E 94 -30.60 -8.72 12.46
C GLY E 94 -30.82 -8.05 13.80
N ALA E 95 -32.08 -7.68 14.02
CA ALA E 95 -32.45 -6.93 15.22
C ALA E 95 -32.33 -7.78 16.49
N ARG E 96 -32.82 -9.02 16.45
CA ARG E 96 -32.70 -9.87 17.63
C ARG E 96 -31.24 -10.13 17.98
N MET E 97 -30.38 -10.25 16.96
CA MET E 97 -28.97 -10.46 17.24
C MET E 97 -28.36 -9.22 17.90
N MET E 98 -28.61 -8.04 17.34
CA MET E 98 -28.05 -6.83 17.91
C MET E 98 -28.59 -6.59 19.31
N THR E 99 -29.87 -6.90 19.53
CA THR E 99 -30.46 -6.77 20.86
C THR E 99 -29.82 -7.74 21.85
N ALA E 100 -29.61 -8.99 21.45
CA ALA E 100 -28.93 -9.94 22.34
C ALA E 100 -27.54 -9.44 22.71
N ALA E 101 -26.85 -8.81 21.76
CA ALA E 101 -25.51 -8.29 22.03
C ALA E 101 -25.56 -7.16 23.04
N ARG E 102 -26.51 -6.23 22.90
CA ARG E 102 -26.63 -5.13 23.84
C ARG E 102 -26.96 -5.62 25.24
N GLU E 103 -27.90 -6.56 25.35
CA GLU E 103 -28.27 -7.09 26.66
C GLU E 103 -27.10 -7.80 27.33
N ALA E 104 -26.21 -8.40 26.54
CA ALA E 104 -25.05 -9.08 27.10
C ALA E 104 -24.11 -8.11 27.81
N LEU E 105 -24.16 -6.83 27.46
CA LEU E 105 -23.28 -5.82 28.06
C LEU E 105 -23.84 -5.20 29.33
N LEU E 106 -25.13 -5.40 29.64
CA LEU E 106 -25.69 -4.83 30.86
C LEU E 106 -24.93 -5.21 32.13
N PRO E 107 -24.45 -6.43 32.33
CA PRO E 107 -23.69 -6.71 33.57
C PRO E 107 -22.41 -5.91 33.70
N PHE E 108 -21.89 -5.34 32.62
CA PHE E 108 -20.64 -4.60 32.68
C PHE E 108 -20.84 -3.12 32.96
N GLY E 109 -22.09 -2.65 33.04
CA GLY E 109 -22.35 -1.29 33.46
C GLY E 109 -21.61 -0.27 32.62
N LYS E 110 -21.11 0.77 33.29
CA LYS E 110 -20.37 1.82 32.62
C LYS E 110 -19.04 1.33 32.06
N ASP E 111 -18.57 0.15 32.49
CA ASP E 111 -17.35 -0.46 31.96
C ASP E 111 -17.57 -1.19 30.65
N ALA E 112 -18.81 -1.29 30.19
CA ALA E 112 -19.06 -1.99 28.93
C ALA E 112 -18.35 -1.26 27.79
N PRO E 113 -17.83 -1.97 26.80
CA PRO E 113 -17.32 -1.29 25.61
C PRO E 113 -18.47 -0.66 24.84
N LEU E 114 -18.13 0.34 24.05
CA LEU E 114 -19.10 0.88 23.10
C LEU E 114 -19.49 -0.21 22.12
N LEU E 115 -20.78 -0.32 21.83
CA LEU E 115 -21.28 -1.36 20.94
C LEU E 115 -21.72 -0.72 19.62
N ILE E 116 -20.93 -0.97 18.57
CA ILE E 116 -21.11 -0.39 17.24
C ILE E 116 -21.50 -1.50 16.29
N ALA E 117 -22.32 -1.16 15.29
CA ALA E 117 -22.72 -2.11 14.26
C ALA E 117 -22.15 -1.71 12.90
N VAL E 118 -21.66 -2.71 12.18
CA VAL E 118 -21.26 -2.50 10.79
C VAL E 118 -22.53 -2.42 9.96
N THR E 119 -22.65 -1.38 9.13
CA THR E 119 -23.78 -1.28 8.21
C THR E 119 -23.43 -1.99 6.90
N VAL E 120 -23.00 -1.25 5.89
CA VAL E 120 -22.50 -1.85 4.66
C VAL E 120 -21.00 -1.64 4.62
N LEU E 121 -20.25 -2.72 4.46
CA LEU E 121 -18.81 -2.62 4.39
C LEU E 121 -18.43 -1.69 3.25
N THR E 122 -17.40 -0.86 3.48
CA THR E 122 -17.01 0.17 2.51
C THR E 122 -16.55 -0.42 1.18
N SER E 123 -16.28 -1.71 1.12
CA SER E 123 -15.89 -2.35 -0.14
C SER E 123 -17.08 -2.71 -1.02
N MET E 124 -18.29 -2.77 -0.49
CA MET E 124 -19.44 -3.26 -1.24
C MET E 124 -19.99 -2.17 -2.15
N GLU E 125 -20.03 -2.46 -3.45
CA GLU E 125 -20.66 -1.61 -4.44
C GLU E 125 -22.03 -2.16 -4.81
N SER E 126 -22.71 -1.46 -5.73
CA SER E 126 -24.07 -1.84 -6.08
C SER E 126 -24.13 -3.24 -6.67
N SER E 127 -23.18 -3.58 -7.55
CA SER E 127 -23.20 -4.90 -8.18
C SER E 127 -23.01 -6.02 -7.17
N ASP E 128 -22.27 -5.77 -6.09
CA ASP E 128 -22.09 -6.79 -5.06
C ASP E 128 -23.40 -7.09 -4.34
N LEU E 129 -24.19 -6.06 -4.05
CA LEU E 129 -25.45 -6.28 -3.34
C LEU E 129 -26.48 -6.97 -4.22
N GLN E 130 -26.40 -6.80 -5.54
CA GLN E 130 -27.38 -7.42 -6.42
C GLN E 130 -27.28 -8.94 -6.37
N ASP E 131 -26.08 -9.48 -6.13
CA ASP E 131 -25.95 -10.92 -5.97
C ASP E 131 -26.66 -11.41 -4.73
N LEU E 132 -26.84 -10.55 -3.73
CA LEU E 132 -27.55 -10.91 -2.51
C LEU E 132 -29.05 -10.57 -2.57
N GLY E 133 -29.53 -10.12 -3.72
CA GLY E 133 -30.91 -9.71 -3.85
C GLY E 133 -31.23 -8.33 -3.33
N ILE E 134 -30.25 -7.61 -2.78
CA ILE E 134 -30.48 -6.25 -2.30
C ILE E 134 -30.48 -5.31 -3.50
N THR E 135 -31.56 -4.55 -3.66
CA THR E 135 -31.68 -3.63 -4.78
C THR E 135 -31.34 -2.20 -4.42
N LEU E 136 -31.24 -1.88 -3.12
CA LEU E 136 -30.91 -0.52 -2.71
C LEU E 136 -29.44 -0.26 -2.95
N SER E 137 -29.11 1.02 -3.17
CA SER E 137 -27.72 1.41 -3.27
C SER E 137 -27.02 1.15 -1.94
N PRO E 138 -25.69 1.01 -1.96
CA PRO E 138 -24.96 0.87 -0.68
C PRO E 138 -25.32 1.96 0.32
N ALA E 139 -25.49 3.20 -0.14
CA ALA E 139 -25.83 4.29 0.76
C ALA E 139 -27.20 4.08 1.39
N ASP E 140 -28.21 3.78 0.56
CA ASP E 140 -29.56 3.56 1.08
C ASP E 140 -29.63 2.33 1.98
N TYR E 141 -28.91 1.27 1.61
CA TYR E 141 -28.91 0.08 2.45
C TYR E 141 -28.24 0.38 3.79
N ALA E 142 -27.14 1.13 3.78
CA ALA E 142 -26.50 1.49 5.04
C ALA E 142 -27.43 2.32 5.91
N ALA E 143 -28.19 3.24 5.29
CA ALA E 143 -29.13 4.04 6.05
C ALA E 143 -30.18 3.17 6.71
N LYS E 144 -30.69 2.17 5.97
CA LYS E 144 -31.65 1.24 6.54
C LYS E 144 -31.06 0.46 7.71
N LEU E 145 -29.84 -0.04 7.56
CA LEU E 145 -29.24 -0.80 8.66
C LEU E 145 -28.85 0.12 9.81
N ALA E 146 -28.39 1.33 9.51
CA ALA E 146 -28.03 2.26 10.59
C ALA E 146 -29.24 2.56 11.47
N ALA E 147 -30.38 2.85 10.84
CA ALA E 147 -31.60 3.11 11.60
C ALA E 147 -31.99 1.91 12.45
N LEU E 148 -31.86 0.69 11.88
CA LEU E 148 -32.17 -0.52 12.64
C LEU E 148 -31.25 -0.66 13.84
N THR E 149 -29.96 -0.32 13.65
CA THR E 149 -29.00 -0.38 14.75
C THR E 149 -29.43 0.55 15.88
N GLN E 150 -29.88 1.76 15.53
CA GLN E 150 -30.29 2.73 16.56
C GLN E 150 -31.53 2.27 17.31
N ARG E 151 -32.54 1.77 16.61
CA ARG E 151 -33.74 1.31 17.28
C ARG E 151 -33.45 0.10 18.16
N CYS E 152 -32.35 -0.60 17.91
CA CYS E 152 -31.92 -1.70 18.76
C CYS E 152 -31.09 -1.26 19.96
N GLY E 153 -30.86 0.05 20.12
CA GLY E 153 -30.19 0.57 21.28
C GLY E 153 -28.68 0.57 21.23
N LEU E 154 -28.09 0.36 20.05
CA LEU E 154 -26.64 0.36 19.97
C LEU E 154 -26.11 1.78 19.91
N ASP E 155 -24.80 1.91 20.14
CA ASP E 155 -24.16 3.21 20.30
C ASP E 155 -23.83 3.90 18.99
N GLY E 156 -23.76 3.17 17.89
CA GLY E 156 -23.43 3.79 16.61
C GLY E 156 -23.10 2.74 15.57
N VAL E 157 -22.60 3.21 14.43
CA VAL E 157 -22.36 2.36 13.28
C VAL E 157 -20.97 2.59 12.72
N VAL E 158 -20.47 1.59 12.00
CA VAL E 158 -19.36 1.78 11.09
C VAL E 158 -19.93 2.05 9.71
N CYS E 159 -19.52 3.15 9.09
CA CYS E 159 -20.04 3.50 7.78
C CYS E 159 -18.98 4.26 7.00
N SER E 160 -19.27 4.48 5.73
CA SER E 160 -18.41 5.33 4.92
C SER E 160 -18.53 6.78 5.39
N ALA E 161 -17.42 7.51 5.27
CA ALA E 161 -17.42 8.91 5.66
C ALA E 161 -18.36 9.76 4.80
N GLN E 162 -18.67 9.33 3.57
CA GLN E 162 -19.60 10.08 2.74
C GLN E 162 -21.02 10.08 3.30
N GLU E 163 -21.33 9.20 4.25
CA GLU E 163 -22.65 9.12 4.83
C GLU E 163 -22.77 9.90 6.13
N ALA E 164 -21.69 10.56 6.56
CA ALA E 164 -21.68 11.18 7.89
C ALA E 164 -22.70 12.30 7.98
N VAL E 165 -22.71 13.21 7.00
CA VAL E 165 -23.62 14.33 7.07
C VAL E 165 -25.07 13.84 7.07
N ARG E 166 -25.38 12.85 6.22
CA ARG E 166 -26.73 12.32 6.16
C ARG E 166 -27.12 11.62 7.47
N PHE E 167 -26.23 10.79 8.01
CA PHE E 167 -26.59 10.03 9.21
C PHE E 167 -26.73 10.95 10.42
N LYS E 168 -25.80 11.88 10.60
CA LYS E 168 -25.90 12.80 11.73
C LYS E 168 -27.20 13.61 11.66
N HIS E 169 -27.64 13.93 10.45
CA HIS E 169 -28.85 14.72 10.27
C HIS E 169 -30.09 13.88 10.56
N GLU E 170 -30.11 12.62 10.09
CA GLU E 170 -31.29 11.78 10.26
C GLU E 170 -31.33 11.11 11.62
N LEU E 171 -30.17 10.69 12.14
CA LEU E 171 -30.12 9.89 13.35
C LEU E 171 -29.61 10.65 14.57
N GLY E 172 -29.08 11.85 14.39
CA GLY E 172 -28.72 12.70 15.50
C GLY E 172 -27.24 12.67 15.83
N GLN E 173 -26.85 13.63 16.67
CA GLN E 173 -25.45 13.77 17.07
C GLN E 173 -25.03 12.66 18.02
N ALA E 174 -25.94 12.16 18.85
CA ALA E 174 -25.57 11.19 19.86
C ALA E 174 -25.18 9.85 19.26
N PHE E 175 -25.73 9.50 18.10
CA PHE E 175 -25.38 8.26 17.43
C PHE E 175 -23.99 8.38 16.80
N LYS E 176 -23.07 7.52 17.22
CA LYS E 176 -21.67 7.68 16.85
C LYS E 176 -21.38 7.04 15.50
N LEU E 177 -20.50 7.69 14.74
CA LEU E 177 -20.09 7.25 13.41
C LEU E 177 -18.60 6.94 13.44
N VAL E 178 -18.26 5.70 13.08
CA VAL E 178 -16.88 5.25 12.94
C VAL E 178 -16.62 4.98 11.46
N THR E 179 -15.66 5.69 10.86
CA THR E 179 -15.43 5.60 9.42
C THR E 179 -13.98 5.26 9.10
N PRO E 180 -13.74 4.24 8.29
CA PRO E 180 -12.39 4.04 7.74
C PRO E 180 -12.21 4.92 6.51
N GLY E 181 -11.17 4.68 5.71
CA GLY E 181 -10.91 5.49 4.53
C GLY E 181 -10.50 6.93 4.82
N ILE E 182 -9.68 7.14 5.86
CA ILE E 182 -9.22 8.46 6.20
C ILE E 182 -7.78 8.60 5.71
N ARG E 183 -7.55 9.56 4.83
CA ARG E 183 -6.25 9.74 4.19
C ARG E 183 -5.81 11.19 4.35
N PRO E 184 -4.77 11.46 5.15
CA PRO E 184 -4.26 12.83 5.23
C PRO E 184 -3.88 13.36 3.85
N GLN E 185 -3.95 14.68 3.72
CA GLN E 185 -3.81 15.33 2.42
C GLN E 185 -2.54 14.87 1.70
N GLY E 186 -2.71 14.42 0.47
CA GLY E 186 -1.59 14.01 -0.35
C GLY E 186 -1.02 12.65 0.01
N SER E 187 -1.87 11.63 0.11
CA SER E 187 -1.41 10.28 0.36
C SER E 187 -2.10 9.31 -0.58
N ASP E 188 -1.46 8.17 -0.80
CA ASP E 188 -1.94 7.21 -1.79
C ASP E 188 -3.26 6.58 -1.35
N ALA E 189 -4.29 6.73 -2.17
CA ALA E 189 -5.53 5.99 -1.97
C ALA E 189 -5.51 4.66 -2.70
N GLY E 190 -5.01 4.64 -3.94
CA GLY E 190 -4.85 3.43 -4.70
C GLY E 190 -6.14 2.64 -4.89
N ASP E 191 -6.25 1.50 -4.20
CA ASP E 191 -7.44 0.67 -4.21
C ASP E 191 -8.54 1.19 -3.31
N GLN E 192 -8.49 2.46 -2.92
CA GLN E 192 -9.52 3.10 -2.12
C GLN E 192 -10.40 3.96 -3.03
N ARG E 193 -11.71 3.72 -2.98
CA ARG E 193 -12.64 4.55 -3.74
C ARG E 193 -12.88 5.87 -3.02
N ARG E 194 -13.80 5.88 -2.06
CA ARG E 194 -14.09 7.07 -1.29
C ARG E 194 -13.01 7.30 -0.24
N ILE E 195 -12.58 8.55 -0.10
CA ILE E 195 -11.63 8.94 0.93
C ILE E 195 -11.95 10.36 1.38
N MET E 196 -11.63 10.63 2.64
CA MET E 196 -11.72 11.96 3.22
C MET E 196 -10.46 12.22 4.04
N THR E 197 -9.98 13.46 3.99
CA THR E 197 -8.96 13.86 4.93
C THR E 197 -9.55 13.87 6.34
N PRO E 198 -8.71 13.80 7.37
CA PRO E 198 -9.25 13.92 8.74
C PRO E 198 -10.07 15.19 8.95
N GLU E 199 -9.63 16.31 8.37
CA GLU E 199 -10.40 17.54 8.48
C GLU E 199 -11.74 17.43 7.78
N GLN E 200 -11.78 16.79 6.62
CA GLN E 200 -13.05 16.62 5.92
C GLN E 200 -14.01 15.77 6.72
N ALA E 201 -13.50 14.68 7.33
CA ALA E 201 -14.35 13.82 8.13
C ALA E 201 -14.85 14.50 9.39
N GLN E 202 -14.02 15.39 9.98
CA GLN E 202 -14.45 16.13 11.14
C GLN E 202 -15.60 17.08 10.78
N GLU E 203 -15.45 17.81 9.68
CA GLU E 203 -16.53 18.70 9.25
C GLU E 203 -17.78 17.91 8.91
N ALA E 204 -17.64 16.68 8.43
CA ALA E 204 -18.78 15.85 8.10
C ALA E 204 -19.49 15.32 9.34
N GLY E 205 -18.85 15.42 10.50
CA GLY E 205 -19.41 14.98 11.76
C GLY E 205 -18.96 13.61 12.23
N VAL E 206 -17.94 13.02 11.61
CA VAL E 206 -17.46 11.71 12.03
C VAL E 206 -16.92 11.80 13.46
N ASP E 207 -17.26 10.81 14.28
CA ASP E 207 -16.76 10.79 15.65
C ASP E 207 -15.41 10.09 15.77
N TYR E 208 -15.24 8.96 15.09
CA TYR E 208 -14.00 8.19 15.21
C TYR E 208 -13.55 7.78 13.82
N MET E 209 -12.33 8.16 13.49
CA MET E 209 -11.77 7.92 12.17
C MET E 209 -10.72 6.83 12.29
N VAL E 210 -10.88 5.79 11.49
CA VAL E 210 -9.96 4.66 11.47
C VAL E 210 -8.94 4.95 10.39
N ILE E 211 -7.67 4.99 10.76
CA ILE E 211 -6.59 5.26 9.84
C ILE E 211 -5.52 4.17 9.97
N GLY E 212 -5.02 3.70 8.84
CA GLY E 212 -4.11 2.57 8.82
C GLY E 212 -2.75 2.90 8.22
N ARG E 213 -2.54 2.47 6.98
CA ARG E 213 -1.25 2.61 6.29
C ARG E 213 -0.70 4.04 6.24
N PRO E 214 -1.53 5.08 6.15
CA PRO E 214 -0.98 6.45 6.28
C PRO E 214 -0.23 6.70 7.57
N VAL E 215 -0.66 6.09 8.68
CA VAL E 215 0.07 6.22 9.94
C VAL E 215 1.11 5.10 10.09
N THR E 216 0.70 3.84 9.91
CA THR E 216 1.61 2.74 10.24
C THR E 216 2.82 2.71 9.32
N GLN E 217 2.67 3.20 8.08
CA GLN E 217 3.80 3.25 7.18
C GLN E 217 4.54 4.56 7.24
N SER E 218 4.18 5.46 8.15
CA SER E 218 4.91 6.71 8.29
C SER E 218 6.34 6.46 8.78
N ALA E 219 7.27 7.30 8.33
CA ALA E 219 8.62 7.24 8.86
C ALA E 219 8.67 7.73 10.30
N ASP E 220 7.65 8.46 10.74
CA ASP E 220 7.54 8.90 12.14
C ASP E 220 6.06 8.93 12.49
N PRO E 221 5.50 7.80 12.89
CA PRO E 221 4.05 7.73 13.10
C PRO E 221 3.56 8.75 14.12
N ALA E 222 4.31 8.96 15.20
CA ALA E 222 3.90 9.92 16.22
C ALA E 222 3.80 11.32 15.62
N ALA E 223 4.77 11.71 14.79
CA ALA E 223 4.73 13.03 14.18
C ALA E 223 3.52 13.15 13.24
N THR E 224 3.17 12.07 12.55
CA THR E 224 1.97 12.08 11.73
C THR E 224 0.72 12.27 12.59
N LEU E 225 0.61 11.49 13.68
CA LEU E 225 -0.54 11.60 14.57
C LEU E 225 -0.63 12.99 15.19
N ARG E 226 0.49 13.54 15.63
CA ARG E 226 0.46 14.88 16.22
C ARG E 226 0.04 15.91 15.19
N ALA E 227 0.45 15.73 13.94
CA ALA E 227 0.04 16.67 12.90
C ALA E 227 -1.45 16.60 12.67
N ILE E 228 -2.02 15.39 12.63
CA ILE E 228 -3.46 15.24 12.44
C ILE E 228 -4.22 15.80 13.63
N ASN E 229 -3.78 15.47 14.85
CA ASN E 229 -4.48 15.92 16.04
C ASN E 229 -4.44 17.44 16.18
N ASP E 230 -3.30 18.05 15.83
CA ASP E 230 -3.21 19.51 15.89
C ASP E 230 -4.21 20.12 14.92
N SER E 231 -4.32 19.54 13.72
CA SER E 231 -5.22 20.05 12.70
C SER E 231 -6.69 19.90 13.12
N LEU E 232 -7.02 18.82 13.84
CA LEU E 232 -8.40 18.62 14.28
C LEU E 232 -8.74 19.53 15.44
N ARG E 233 -7.76 19.77 16.33
CA ARG E 233 -7.99 20.70 17.44
C ARG E 233 -8.33 22.09 16.90
N LYS E 234 -7.57 22.57 15.91
CA LYS E 234 -7.89 23.85 15.28
C LYS E 234 -9.29 23.85 14.66
N GLY E 235 -9.71 22.72 14.11
CA GLY E 235 -11.03 22.62 13.53
C GLY E 235 -12.14 22.59 14.57
N HIS F 5 -17.21 -43.28 6.72
CA HIS F 5 -17.01 -41.84 6.76
C HIS F 5 -17.26 -41.30 8.16
N HIS F 6 -16.64 -40.17 8.49
CA HIS F 6 -16.72 -39.56 9.83
C HIS F 6 -17.56 -38.29 9.75
N HIS F 7 -18.85 -38.41 10.07
CA HIS F 7 -19.79 -37.31 9.95
C HIS F 7 -19.69 -36.32 11.12
N MET F 8 -19.43 -36.80 12.34
CA MET F 8 -19.60 -35.97 13.53
C MET F 8 -18.54 -34.89 13.70
N VAL F 9 -19.00 -33.68 14.01
CA VAL F 9 -18.16 -32.59 14.48
C VAL F 9 -18.78 -32.10 15.77
N VAL F 10 -18.04 -32.20 16.87
CA VAL F 10 -18.58 -31.89 18.19
C VAL F 10 -18.26 -30.45 18.52
N ALA F 11 -19.29 -29.69 18.90
CA ALA F 11 -19.16 -28.26 19.18
C ALA F 11 -18.59 -28.03 20.57
N LEU F 12 -17.40 -27.41 20.63
CA LEU F 12 -16.80 -27.02 21.90
C LEU F 12 -17.23 -25.60 22.22
N ASP F 13 -18.30 -25.49 23.01
CA ASP F 13 -18.83 -24.19 23.40
C ASP F 13 -18.70 -23.98 24.90
N TYR F 14 -17.46 -23.96 25.40
CA TYR F 14 -17.17 -23.75 26.81
C TYR F 14 -16.70 -22.34 27.05
N ASP F 15 -16.84 -21.88 28.29
CA ASP F 15 -16.32 -20.61 28.74
C ASP F 15 -15.11 -20.77 29.64
N ASN F 16 -14.53 -21.96 29.68
CA ASN F 16 -13.45 -22.26 30.60
C ASN F 16 -12.58 -23.30 29.93
N ARG F 17 -11.28 -23.04 29.88
CA ARG F 17 -10.37 -23.91 29.14
C ARG F 17 -10.24 -25.29 29.77
N ASP F 18 -10.13 -25.36 31.09
CA ASP F 18 -9.96 -26.64 31.74
C ASP F 18 -11.18 -27.52 31.53
N LYS F 19 -12.38 -26.94 31.63
CA LYS F 19 -13.59 -27.73 31.41
C LYS F 19 -13.62 -28.27 29.99
N ALA F 20 -13.23 -27.44 29.01
CA ALA F 20 -13.21 -27.89 27.62
C ALA F 20 -12.19 -29.01 27.42
N LEU F 21 -10.97 -28.83 27.96
CA LEU F 21 -9.95 -29.86 27.79
C LEU F 21 -10.28 -31.10 28.60
N ALA F 22 -11.00 -30.96 29.71
CA ALA F 22 -11.45 -32.13 30.46
C ALA F 22 -12.44 -32.95 29.66
N PHE F 23 -13.30 -32.30 28.88
CA PHE F 23 -14.22 -33.07 28.04
C PHE F 23 -13.48 -33.74 26.90
N VAL F 24 -12.58 -33.00 26.25
CA VAL F 24 -11.84 -33.52 25.11
C VAL F 24 -11.00 -34.72 25.51
N ASP F 25 -10.46 -34.72 26.73
CA ASP F 25 -9.67 -35.87 27.15
C ASP F 25 -10.51 -37.14 27.26
N ARG F 26 -11.84 -37.04 27.27
CA ARG F 26 -12.69 -38.22 27.38
C ARG F 26 -13.06 -38.83 26.03
N ILE F 27 -12.77 -38.17 24.92
CA ILE F 27 -13.15 -38.68 23.61
C ILE F 27 -11.90 -38.92 22.77
N ASP F 28 -12.11 -39.50 21.61
CA ASP F 28 -11.00 -39.93 20.79
C ASP F 28 -11.06 -39.26 19.42
N PRO F 29 -9.92 -38.91 18.84
CA PRO F 29 -9.95 -38.30 17.49
C PRO F 29 -10.63 -39.17 16.46
N ARG F 30 -10.62 -40.50 16.65
CA ARG F 30 -11.33 -41.37 15.73
C ARG F 30 -12.84 -41.25 15.86
N ASP F 31 -13.33 -40.69 16.97
CA ASP F 31 -14.77 -40.59 17.18
C ASP F 31 -15.39 -39.40 16.45
N CYS F 32 -14.66 -38.30 16.31
CA CYS F 32 -15.26 -37.08 15.80
C CYS F 32 -14.16 -36.06 15.53
N ARG F 33 -14.54 -35.01 14.81
CA ARG F 33 -13.79 -33.76 14.75
C ARG F 33 -14.42 -32.75 15.71
N LEU F 34 -13.73 -31.64 15.93
CA LEU F 34 -14.14 -30.64 16.89
C LEU F 34 -14.40 -29.30 16.20
N LYS F 35 -15.39 -28.56 16.73
CA LYS F 35 -15.69 -27.22 16.26
C LYS F 35 -15.37 -26.19 17.35
N VAL F 36 -14.57 -25.19 16.99
CA VAL F 36 -14.25 -24.06 17.85
C VAL F 36 -14.94 -22.84 17.28
N GLY F 37 -15.79 -22.21 18.11
CA GLY F 37 -16.58 -21.07 17.68
C GLY F 37 -16.11 -19.76 18.28
N LYS F 38 -16.94 -18.73 18.08
CA LYS F 38 -16.57 -17.38 18.49
C LYS F 38 -16.31 -17.30 19.98
N GLU F 39 -17.09 -18.01 20.78
CA GLU F 39 -16.96 -17.88 22.22
C GLU F 39 -15.59 -18.37 22.70
N MET F 40 -15.24 -19.61 22.37
CA MET F 40 -13.98 -20.14 22.86
C MET F 40 -12.79 -19.42 22.24
N PHE F 41 -12.90 -19.03 20.96
CA PHE F 41 -11.77 -18.37 20.32
C PHE F 41 -11.53 -16.98 20.89
N THR F 42 -12.60 -16.24 21.18
CA THR F 42 -12.44 -14.90 21.76
C THR F 42 -11.85 -14.98 23.16
N LEU F 43 -12.10 -16.08 23.88
CA LEU F 43 -11.55 -16.24 25.23
C LEU F 43 -10.13 -16.77 25.19
N LEU F 44 -9.82 -17.67 24.25
CA LEU F 44 -8.57 -18.41 24.28
C LEU F 44 -7.64 -18.18 23.09
N GLY F 45 -8.17 -17.82 21.92
CA GLY F 45 -7.34 -17.54 20.77
C GLY F 45 -6.78 -18.78 20.10
N PRO F 46 -5.77 -18.60 19.25
CA PRO F 46 -5.28 -19.73 18.44
C PRO F 46 -4.61 -20.81 19.28
N GLN F 47 -4.07 -20.46 20.45
CA GLN F 47 -3.40 -21.44 21.28
C GLN F 47 -4.32 -22.61 21.63
N PHE F 48 -5.62 -22.34 21.81
CA PHE F 48 -6.55 -23.42 22.12
C PHE F 48 -6.68 -24.40 20.95
N VAL F 49 -6.72 -23.88 19.72
CA VAL F 49 -6.73 -24.76 18.55
C VAL F 49 -5.46 -25.59 18.51
N ARG F 50 -4.32 -24.97 18.82
CA ARG F 50 -3.07 -25.72 18.90
C ARG F 50 -3.13 -26.78 19.99
N ASP F 51 -3.79 -26.47 21.12
CA ASP F 51 -3.94 -27.49 22.15
C ASP F 51 -4.69 -28.72 21.61
N LEU F 52 -5.75 -28.49 20.83
CA LEU F 52 -6.52 -29.59 20.27
C LEU F 52 -5.73 -30.34 19.20
N HIS F 53 -5.00 -29.62 18.35
CA HIS F 53 -4.15 -30.30 17.38
C HIS F 53 -3.11 -31.15 18.08
N GLN F 54 -2.58 -30.66 19.20
CA GLN F 54 -1.62 -31.45 19.98
C GLN F 54 -2.25 -32.73 20.53
N ARG F 55 -3.58 -32.76 20.69
CA ARG F 55 -4.27 -33.96 21.14
C ARG F 55 -4.76 -34.84 20.00
N GLY F 56 -4.49 -34.47 18.75
CA GLY F 56 -4.80 -35.31 17.61
C GLY F 56 -6.12 -35.03 16.92
N PHE F 57 -6.81 -33.96 17.28
CA PHE F 57 -8.12 -33.68 16.70
C PHE F 57 -8.01 -32.77 15.49
N GLU F 58 -8.89 -33.00 14.53
CA GLU F 58 -9.09 -32.06 13.44
C GLU F 58 -10.16 -31.06 13.85
N VAL F 59 -9.95 -29.80 13.51
CA VAL F 59 -10.72 -28.70 14.05
C VAL F 59 -11.45 -27.97 12.92
N PHE F 60 -12.74 -27.74 13.12
CA PHE F 60 -13.54 -26.85 12.29
C PHE F 60 -13.53 -25.50 12.98
N LEU F 61 -12.79 -24.54 12.42
CA LEU F 61 -12.75 -23.18 12.97
C LEU F 61 -13.97 -22.42 12.45
N ASP F 62 -14.97 -22.20 13.31
CA ASP F 62 -16.27 -21.65 12.94
C ASP F 62 -16.36 -20.21 13.42
N LEU F 63 -15.67 -19.30 12.73
CA LEU F 63 -15.71 -17.90 13.10
C LEU F 63 -16.58 -17.06 12.17
N LYS F 64 -17.06 -17.64 11.06
CA LYS F 64 -17.98 -16.98 10.16
C LYS F 64 -17.45 -15.61 9.73
N PHE F 65 -16.22 -15.60 9.20
CA PHE F 65 -15.59 -14.37 8.76
C PHE F 65 -16.51 -13.60 7.82
N HIS F 66 -16.69 -12.31 8.10
CA HIS F 66 -17.55 -11.45 7.28
C HIS F 66 -16.92 -10.05 7.28
N ASP F 67 -16.08 -9.80 6.27
CA ASP F 67 -15.32 -8.57 6.23
C ASP F 67 -15.05 -8.21 4.78
N ILE F 68 -14.25 -7.17 4.56
CA ILE F 68 -13.84 -6.77 3.21
C ILE F 68 -12.98 -7.89 2.61
N PRO F 69 -12.87 -7.98 1.27
CA PRO F 69 -12.16 -9.11 0.66
C PRO F 69 -10.75 -9.31 1.15
N ASN F 70 -9.95 -8.25 1.25
CA ASN F 70 -8.56 -8.40 1.66
C ASN F 70 -8.46 -8.93 3.09
N THR F 71 -9.24 -8.36 4.01
CA THR F 71 -9.18 -8.78 5.41
C THR F 71 -9.66 -10.21 5.58
N THR F 72 -10.75 -10.58 4.91
CA THR F 72 -11.25 -11.94 5.02
C THR F 72 -10.21 -12.93 4.50
N ALA F 73 -9.56 -12.58 3.38
CA ALA F 73 -8.52 -13.45 2.82
C ALA F 73 -7.38 -13.64 3.82
N ARG F 74 -6.94 -12.56 4.47
CA ARG F 74 -5.88 -12.65 5.46
C ARG F 74 -6.31 -13.47 6.67
N ALA F 75 -7.58 -13.39 7.05
CA ALA F 75 -8.04 -14.20 8.18
C ALA F 75 -8.12 -15.67 7.81
N VAL F 76 -8.59 -15.98 6.61
CA VAL F 76 -8.64 -17.36 6.17
C VAL F 76 -7.22 -17.93 6.01
N ALA F 77 -6.28 -17.12 5.52
CA ALA F 77 -4.90 -17.60 5.42
C ALA F 77 -4.31 -17.86 6.81
N ALA F 78 -4.62 -17.01 7.78
CA ALA F 78 -4.15 -17.24 9.14
C ALA F 78 -4.70 -18.55 9.69
N ALA F 79 -5.95 -18.86 9.37
CA ALA F 79 -6.52 -20.15 9.77
C ALA F 79 -5.79 -21.31 9.11
N ALA F 80 -5.43 -21.17 7.82
CA ALA F 80 -4.69 -22.24 7.15
C ALA F 80 -3.32 -22.42 7.77
N GLU F 81 -2.63 -21.31 8.06
CA GLU F 81 -1.35 -21.40 8.76
C GLU F 81 -1.50 -22.08 10.11
N LEU F 82 -2.69 -22.01 10.69
CA LEU F 82 -2.97 -22.68 11.95
C LEU F 82 -3.18 -24.19 11.77
N GLY F 83 -3.35 -24.63 10.52
CA GLY F 83 -3.55 -26.03 10.20
C GLY F 83 -4.94 -26.56 10.44
N VAL F 84 -5.97 -25.70 10.46
CA VAL F 84 -7.31 -26.20 10.76
C VAL F 84 -7.84 -27.03 9.59
N TRP F 85 -8.82 -27.88 9.90
CA TRP F 85 -9.39 -28.76 8.89
C TRP F 85 -10.44 -28.05 8.06
N MET F 86 -11.16 -27.10 8.63
CA MET F 86 -12.25 -26.43 7.96
C MET F 86 -12.38 -25.03 8.56
N VAL F 87 -12.76 -24.06 7.73
CA VAL F 87 -12.97 -22.70 8.19
C VAL F 87 -14.11 -22.11 7.36
N ASN F 88 -14.84 -21.16 7.93
CA ASN F 88 -16.03 -20.70 7.23
C ASN F 88 -16.08 -19.18 7.11
N VAL F 89 -16.87 -18.75 6.14
CA VAL F 89 -17.08 -17.34 5.85
C VAL F 89 -18.58 -17.16 5.66
N HIS F 90 -19.03 -15.92 5.68
CA HIS F 90 -20.42 -15.59 5.41
C HIS F 90 -20.63 -15.39 3.92
N ALA F 91 -21.47 -16.23 3.31
CA ALA F 91 -21.72 -16.08 1.89
C ALA F 91 -22.33 -14.73 1.57
N SER F 92 -23.08 -14.14 2.51
CA SER F 92 -23.62 -12.81 2.25
C SER F 92 -22.56 -11.73 2.33
N GLY F 93 -21.29 -12.10 2.52
CA GLY F 93 -20.20 -11.17 2.31
C GLY F 93 -19.94 -10.84 0.85
N GLY F 94 -20.46 -11.63 -0.07
CA GLY F 94 -20.38 -11.32 -1.48
C GLY F 94 -19.39 -12.21 -2.21
N ALA F 95 -19.48 -12.17 -3.54
CA ALA F 95 -18.67 -13.04 -4.40
C ALA F 95 -17.19 -12.66 -4.33
N ARG F 96 -16.88 -11.37 -4.43
CA ARG F 96 -15.49 -10.95 -4.35
C ARG F 96 -14.87 -11.31 -3.01
N MET F 97 -15.64 -11.25 -1.92
CA MET F 97 -15.11 -11.66 -0.64
C MET F 97 -14.82 -13.15 -0.61
N MET F 98 -15.78 -13.96 -1.06
CA MET F 98 -15.58 -15.41 -1.07
C MET F 98 -14.45 -15.81 -2.02
N THR F 99 -14.36 -15.15 -3.18
CA THR F 99 -13.30 -15.44 -4.14
C THR F 99 -11.93 -15.10 -3.58
N ALA F 100 -11.81 -13.94 -2.92
CA ALA F 100 -10.55 -13.61 -2.28
C ALA F 100 -10.17 -14.65 -1.24
N ALA F 101 -11.16 -15.18 -0.51
CA ALA F 101 -10.87 -16.20 0.49
C ALA F 101 -10.34 -17.46 -0.17
N ARG F 102 -10.97 -17.90 -1.26
CA ARG F 102 -10.49 -19.10 -1.94
C ARG F 102 -9.08 -18.89 -2.49
N GLU F 103 -8.85 -17.74 -3.11
CA GLU F 103 -7.54 -17.49 -3.68
C GLU F 103 -6.47 -17.40 -2.59
N ALA F 104 -6.83 -16.96 -1.39
CA ALA F 104 -5.86 -16.90 -0.31
C ALA F 104 -5.37 -18.27 0.12
N LEU F 105 -6.15 -19.32 -0.16
CA LEU F 105 -5.78 -20.68 0.23
C LEU F 105 -4.93 -21.40 -0.82
N LEU F 106 -4.80 -20.84 -2.03
CA LEU F 106 -3.97 -21.48 -3.06
C LEU F 106 -2.54 -21.77 -2.63
N PRO F 107 -1.83 -20.91 -1.91
CA PRO F 107 -0.44 -21.27 -1.54
C PRO F 107 -0.36 -22.49 -0.62
N PHE F 108 -1.45 -22.89 0.02
CA PHE F 108 -1.41 -24.01 0.95
C PHE F 108 -1.67 -25.35 0.27
N GLY F 109 -1.93 -25.36 -1.04
CA GLY F 109 -2.03 -26.60 -1.79
C GLY F 109 -3.08 -27.54 -1.24
N LYS F 110 -2.75 -28.84 -1.29
CA LYS F 110 -3.66 -29.89 -0.83
C LYS F 110 -3.85 -29.88 0.69
N ASP F 111 -3.01 -29.16 1.43
CA ASP F 111 -3.16 -29.02 2.88
C ASP F 111 -4.11 -27.91 3.29
N ALA F 112 -4.66 -27.16 2.35
CA ALA F 112 -5.55 -26.07 2.71
C ALA F 112 -6.77 -26.62 3.44
N PRO F 113 -7.34 -25.87 4.38
CA PRO F 113 -8.60 -26.29 4.99
C PRO F 113 -9.74 -26.23 3.99
N LEU F 114 -10.76 -27.02 4.26
CA LEU F 114 -12.01 -26.88 3.51
C LEU F 114 -12.58 -25.50 3.78
N LEU F 115 -13.07 -24.86 2.74
CA LEU F 115 -13.61 -23.51 2.83
C LEU F 115 -15.12 -23.57 2.65
N ILE F 116 -15.85 -23.30 3.72
CA ILE F 116 -17.31 -23.41 3.77
C ILE F 116 -17.89 -22.02 3.94
N ALA F 117 -19.08 -21.80 3.37
CA ALA F 117 -19.77 -20.52 3.52
C ALA F 117 -21.06 -20.70 4.34
N VAL F 118 -21.31 -19.76 5.24
CA VAL F 118 -22.60 -19.69 5.91
C VAL F 118 -23.62 -19.12 4.93
N THR F 119 -24.75 -19.80 4.77
CA THR F 119 -25.81 -19.25 3.94
C THR F 119 -26.70 -18.37 4.81
N VAL F 120 -27.80 -18.92 5.32
CA VAL F 120 -28.68 -18.24 6.26
C VAL F 120 -28.53 -18.89 7.63
N LEU F 121 -28.22 -18.08 8.64
CA LEU F 121 -28.07 -18.63 9.98
C LEU F 121 -29.37 -19.30 10.41
N THR F 122 -29.23 -20.44 11.10
CA THR F 122 -30.38 -21.24 11.49
C THR F 122 -31.32 -20.50 12.42
N SER F 123 -30.89 -19.37 13.01
CA SER F 123 -31.72 -18.53 13.86
C SER F 123 -32.60 -17.57 13.07
N MET F 124 -32.29 -17.32 11.80
CA MET F 124 -33.00 -16.28 11.04
C MET F 124 -34.34 -16.82 10.54
N GLU F 125 -35.42 -16.14 10.94
CA GLU F 125 -36.75 -16.44 10.43
C GLU F 125 -37.14 -15.40 9.36
N SER F 126 -38.33 -15.57 8.80
CA SER F 126 -38.74 -14.69 7.71
C SER F 126 -38.80 -13.24 8.17
N SER F 127 -39.34 -12.99 9.36
CA SER F 127 -39.44 -11.63 9.87
C SER F 127 -38.08 -11.01 10.14
N ASP F 128 -37.07 -11.82 10.50
CA ASP F 128 -35.73 -11.27 10.69
C ASP F 128 -35.14 -10.75 9.39
N LEU F 129 -35.40 -11.47 8.29
CA LEU F 129 -34.87 -11.04 7.01
C LEU F 129 -35.60 -9.83 6.50
N GLN F 130 -36.87 -9.66 6.88
CA GLN F 130 -37.66 -8.55 6.37
C GLN F 130 -37.12 -7.21 6.86
N ASP F 131 -36.51 -7.17 8.04
CA ASP F 131 -35.86 -5.95 8.50
C ASP F 131 -34.68 -5.56 7.61
N LEU F 132 -34.08 -6.53 6.93
CA LEU F 132 -32.98 -6.26 6.01
C LEU F 132 -33.44 -6.06 4.58
N GLY F 133 -34.76 -6.03 4.34
CA GLY F 133 -35.27 -5.92 2.99
C GLY F 133 -35.33 -7.21 2.22
N ILE F 134 -34.92 -8.34 2.81
CA ILE F 134 -34.97 -9.63 2.13
C ILE F 134 -36.41 -10.14 2.18
N THR F 135 -36.97 -10.42 1.00
CA THR F 135 -38.35 -10.86 0.89
C THR F 135 -38.48 -12.37 0.73
N LEU F 136 -37.40 -13.07 0.42
CA LEU F 136 -37.42 -14.51 0.27
C LEU F 136 -37.49 -15.20 1.61
N SER F 137 -38.07 -16.40 1.62
CA SER F 137 -38.04 -17.22 2.81
C SER F 137 -36.59 -17.56 3.15
N PRO F 138 -36.31 -17.91 4.41
CA PRO F 138 -34.94 -18.34 4.74
C PRO F 138 -34.40 -19.43 3.81
N ALA F 139 -35.23 -20.40 3.44
CA ALA F 139 -34.77 -21.48 2.56
C ALA F 139 -34.44 -20.95 1.16
N ASP F 140 -35.35 -20.16 0.58
CA ASP F 140 -35.09 -19.63 -0.76
C ASP F 140 -33.87 -18.71 -0.74
N TYR F 141 -33.73 -17.91 0.30
CA TYR F 141 -32.57 -17.04 0.41
C TYR F 141 -31.30 -17.85 0.58
N ALA F 142 -31.35 -18.92 1.37
CA ALA F 142 -30.18 -19.77 1.53
C ALA F 142 -29.76 -20.41 0.21
N ALA F 143 -30.75 -20.86 -0.59
CA ALA F 143 -30.43 -21.47 -1.87
C ALA F 143 -29.70 -20.49 -2.78
N LYS F 144 -30.15 -19.25 -2.80
CA LYS F 144 -29.49 -18.20 -3.56
C LYS F 144 -28.05 -18.02 -3.11
N LEU F 145 -27.81 -18.04 -1.79
CA LEU F 145 -26.45 -17.88 -1.29
C LEU F 145 -25.60 -19.13 -1.55
N ALA F 146 -26.19 -20.31 -1.41
CA ALA F 146 -25.43 -21.54 -1.67
C ALA F 146 -24.98 -21.61 -3.12
N ALA F 147 -25.90 -21.33 -4.05
CA ALA F 147 -25.53 -21.34 -5.46
C ALA F 147 -24.42 -20.33 -5.72
N LEU F 148 -24.51 -19.16 -5.08
CA LEU F 148 -23.45 -18.17 -5.19
C LEU F 148 -22.14 -18.71 -4.65
N THR F 149 -22.19 -19.42 -3.52
CA THR F 149 -20.97 -20.00 -2.96
C THR F 149 -20.31 -20.96 -3.93
N GLN F 150 -21.11 -21.80 -4.61
CA GLN F 150 -20.56 -22.76 -5.55
C GLN F 150 -19.88 -22.06 -6.72
N ARG F 151 -20.50 -21.00 -7.25
CA ARG F 151 -19.89 -20.28 -8.34
C ARG F 151 -18.58 -19.63 -7.94
N CYS F 152 -18.37 -19.38 -6.67
CA CYS F 152 -17.11 -18.82 -6.21
C CYS F 152 -16.06 -19.89 -5.92
N GLY F 153 -16.38 -21.17 -6.11
CA GLY F 153 -15.38 -22.21 -5.98
C GLY F 153 -15.16 -22.72 -4.57
N LEU F 154 -16.06 -22.41 -3.63
CA LEU F 154 -15.88 -22.88 -2.27
C LEU F 154 -16.32 -24.33 -2.13
N ASP F 155 -15.92 -24.94 -1.02
CA ASP F 155 -16.13 -26.37 -0.87
C ASP F 155 -17.54 -26.73 -0.43
N GLY F 156 -18.30 -25.78 0.12
CA GLY F 156 -19.64 -26.10 0.55
C GLY F 156 -20.21 -25.00 1.41
N VAL F 157 -21.35 -25.31 2.05
CA VAL F 157 -22.09 -24.34 2.83
C VAL F 157 -22.45 -24.95 4.18
N VAL F 158 -22.69 -24.07 5.14
CA VAL F 158 -23.43 -24.45 6.35
C VAL F 158 -24.89 -24.14 6.10
N CYS F 159 -25.75 -25.13 6.31
CA CYS F 159 -27.17 -24.94 6.07
C CYS F 159 -27.96 -25.78 7.05
N SER F 160 -29.27 -25.57 7.04
CA SER F 160 -30.17 -26.41 7.80
C SER F 160 -30.25 -27.79 7.18
N ALA F 161 -30.40 -28.80 8.04
CA ALA F 161 -30.56 -30.16 7.56
C ALA F 161 -31.84 -30.34 6.75
N GLN F 162 -32.83 -29.48 6.97
CA GLN F 162 -34.07 -29.54 6.20
C GLN F 162 -33.87 -29.16 4.74
N GLU F 163 -32.73 -28.56 4.39
CA GLU F 163 -32.44 -28.18 3.02
C GLU F 163 -31.50 -29.15 2.32
N ALA F 164 -31.09 -30.23 2.99
CA ALA F 164 -30.07 -31.12 2.45
C ALA F 164 -30.55 -31.80 1.17
N VAL F 165 -31.76 -32.36 1.20
CA VAL F 165 -32.27 -33.04 0.01
C VAL F 165 -32.36 -32.09 -1.16
N ARG F 166 -32.84 -30.87 -0.92
CA ARG F 166 -32.93 -29.88 -1.99
C ARG F 166 -31.57 -29.46 -2.50
N PHE F 167 -30.63 -29.18 -1.59
CA PHE F 167 -29.33 -28.67 -2.00
C PHE F 167 -28.53 -29.72 -2.74
N LYS F 168 -28.53 -30.97 -2.26
CA LYS F 168 -27.80 -32.03 -2.95
C LYS F 168 -28.30 -32.20 -4.37
N HIS F 169 -29.61 -32.02 -4.60
CA HIS F 169 -30.16 -32.21 -5.92
C HIS F 169 -29.80 -31.05 -6.85
N GLU F 170 -29.86 -29.81 -6.34
CA GLU F 170 -29.61 -28.65 -7.19
C GLU F 170 -28.12 -28.37 -7.36
N LEU F 171 -27.32 -28.65 -6.34
CA LEU F 171 -25.90 -28.31 -6.33
C LEU F 171 -24.98 -29.51 -6.48
N GLY F 172 -25.48 -30.73 -6.34
CA GLY F 172 -24.69 -31.90 -6.64
C GLY F 172 -24.11 -32.54 -5.38
N GLN F 173 -23.57 -33.74 -5.57
CA GLN F 173 -23.04 -34.49 -4.45
C GLN F 173 -21.72 -33.94 -3.94
N ALA F 174 -20.90 -33.35 -4.81
CA ALA F 174 -19.57 -32.92 -4.40
C ALA F 174 -19.63 -31.71 -3.47
N PHE F 175 -20.64 -30.87 -3.60
CA PHE F 175 -20.76 -29.69 -2.74
C PHE F 175 -21.16 -30.14 -1.35
N LYS F 176 -20.30 -29.84 -0.37
CA LYS F 176 -20.45 -30.41 0.96
C LYS F 176 -21.38 -29.58 1.85
N LEU F 177 -22.22 -30.27 2.61
CA LEU F 177 -23.22 -29.63 3.46
C LEU F 177 -22.89 -29.92 4.91
N VAL F 178 -22.72 -28.86 5.69
CA VAL F 178 -22.48 -28.93 7.13
C VAL F 178 -23.73 -28.38 7.82
N THR F 179 -24.39 -29.20 8.64
CA THR F 179 -25.64 -28.79 9.28
C THR F 179 -25.53 -28.92 10.79
N PRO F 180 -25.86 -27.87 11.54
CA PRO F 180 -26.02 -28.03 12.99
C PRO F 180 -27.41 -28.55 13.33
N GLY F 181 -27.82 -28.49 14.59
CA GLY F 181 -29.14 -28.98 14.96
C GLY F 181 -29.34 -30.48 14.82
N ILE F 182 -28.33 -31.26 15.20
CA ILE F 182 -28.39 -32.72 15.09
C ILE F 182 -28.66 -33.27 16.49
N ARG F 183 -29.78 -33.97 16.63
CA ARG F 183 -30.23 -34.49 17.93
C ARG F 183 -30.42 -35.99 17.85
N PRO F 184 -29.58 -36.79 18.49
CA PRO F 184 -29.90 -38.22 18.61
C PRO F 184 -31.25 -38.41 19.26
N GLN F 185 -31.85 -39.55 18.97
CA GLN F 185 -33.18 -39.85 19.48
C GLN F 185 -33.21 -39.75 21.00
N GLY F 186 -34.20 -39.05 21.53
CA GLY F 186 -34.40 -38.95 22.97
C GLY F 186 -33.88 -37.68 23.61
N SER F 187 -33.12 -36.86 22.90
CA SER F 187 -32.53 -35.67 23.48
C SER F 187 -33.37 -34.44 23.16
N ASP F 188 -33.53 -33.56 24.15
CA ASP F 188 -34.39 -32.40 24.00
C ASP F 188 -33.95 -31.53 22.83
N ALA F 189 -34.93 -30.96 22.13
CA ALA F 189 -34.66 -29.99 21.09
C ALA F 189 -34.31 -28.63 21.67
N GLY F 190 -34.91 -28.28 22.80
CA GLY F 190 -34.67 -26.96 23.37
C GLY F 190 -35.41 -25.90 22.59
N ASP F 191 -34.68 -24.84 22.22
CA ASP F 191 -35.21 -23.81 21.34
C ASP F 191 -35.04 -24.17 19.87
N GLN F 192 -34.13 -25.09 19.56
CA GLN F 192 -33.91 -25.54 18.19
C GLN F 192 -35.22 -26.04 17.58
N ARG F 193 -35.45 -25.69 16.32
CA ARG F 193 -36.67 -26.10 15.62
C ARG F 193 -36.39 -27.14 14.55
N ARG F 194 -35.62 -26.81 13.53
CA ARG F 194 -35.46 -27.67 12.36
C ARG F 194 -34.45 -28.79 12.61
N ILE F 195 -34.78 -29.66 13.57
CA ILE F 195 -33.85 -30.68 14.05
C ILE F 195 -34.00 -31.97 13.25
N MET F 196 -32.98 -32.82 13.33
CA MET F 196 -32.92 -34.11 12.66
C MET F 196 -32.03 -35.03 13.49
N THR F 197 -32.39 -36.31 13.54
CA THR F 197 -31.49 -37.30 14.10
C THR F 197 -30.27 -37.44 13.21
N PRO F 198 -29.15 -37.95 13.74
CA PRO F 198 -28.00 -38.22 12.86
C PRO F 198 -28.35 -39.11 11.68
N GLU F 199 -29.16 -40.15 11.91
CA GLU F 199 -29.56 -41.02 10.81
C GLU F 199 -30.42 -40.27 9.79
N GLN F 200 -31.34 -39.41 10.26
CA GLN F 200 -32.17 -38.65 9.35
C GLN F 200 -31.33 -37.71 8.50
N ALA F 201 -30.34 -37.05 9.11
CA ALA F 201 -29.47 -36.17 8.35
C ALA F 201 -28.60 -36.94 7.37
N GLN F 202 -28.21 -38.17 7.72
CA GLN F 202 -27.45 -39.00 6.79
C GLN F 202 -28.29 -39.35 5.57
N GLU F 203 -29.53 -39.76 5.79
CA GLU F 203 -30.41 -40.08 4.68
C GLU F 203 -30.64 -38.86 3.80
N ALA F 204 -30.67 -37.67 4.40
CA ALA F 204 -30.88 -36.44 3.63
C ALA F 204 -29.66 -36.03 2.84
N GLY F 205 -28.50 -36.63 3.10
CA GLY F 205 -27.29 -36.33 2.37
C GLY F 205 -26.32 -35.38 3.06
N VAL F 206 -26.49 -35.11 4.35
CA VAL F 206 -25.57 -34.24 5.05
C VAL F 206 -24.19 -34.88 5.07
N ASP F 207 -23.17 -34.05 4.83
CA ASP F 207 -21.79 -34.54 4.82
C ASP F 207 -21.16 -34.49 6.21
N TYR F 208 -21.35 -33.40 6.93
CA TYR F 208 -20.78 -33.24 8.25
C TYR F 208 -21.85 -32.67 9.17
N MET F 209 -22.08 -33.33 10.30
CA MET F 209 -23.14 -32.96 11.21
C MET F 209 -22.51 -32.37 12.47
N VAL F 210 -22.91 -31.16 12.81
CA VAL F 210 -22.40 -30.48 13.99
C VAL F 210 -23.34 -30.78 15.15
N ILE F 211 -22.81 -31.37 16.20
CA ILE F 211 -23.58 -31.75 17.36
C ILE F 211 -22.89 -31.21 18.61
N GLY F 212 -23.69 -30.76 19.58
CA GLY F 212 -23.14 -30.13 20.75
C GLY F 212 -23.57 -30.74 22.07
N ARG F 213 -24.58 -30.13 22.69
CA ARG F 213 -25.02 -30.58 24.01
C ARG F 213 -25.38 -32.07 24.10
N PRO F 214 -26.00 -32.70 23.09
CA PRO F 214 -26.23 -34.15 23.19
C PRO F 214 -24.97 -34.97 23.50
N VAL F 215 -23.80 -34.51 23.07
CA VAL F 215 -22.53 -35.20 23.31
C VAL F 215 -21.81 -34.61 24.51
N THR F 216 -21.68 -33.28 24.56
CA THR F 216 -20.89 -32.66 25.62
C THR F 216 -21.53 -32.77 27.00
N GLN F 217 -22.84 -32.98 27.06
CA GLN F 217 -23.51 -33.17 28.33
C GLN F 217 -23.81 -34.64 28.60
N SER F 218 -23.48 -35.53 27.68
CA SER F 218 -23.63 -36.96 27.90
C SER F 218 -22.83 -37.41 29.13
N ALA F 219 -23.35 -38.45 29.80
CA ALA F 219 -22.60 -39.01 30.93
C ALA F 219 -21.34 -39.72 30.45
N ASP F 220 -21.38 -40.29 29.25
CA ASP F 220 -20.22 -40.92 28.61
C ASP F 220 -20.20 -40.45 27.16
N PRO F 221 -19.49 -39.36 26.87
CA PRO F 221 -19.50 -38.83 25.50
C PRO F 221 -19.00 -39.82 24.47
N ALA F 222 -17.93 -40.56 24.80
CA ALA F 222 -17.40 -41.55 23.86
C ALA F 222 -18.44 -42.62 23.54
N ALA F 223 -19.19 -43.07 24.55
CA ALA F 223 -20.21 -44.08 24.30
C ALA F 223 -21.32 -43.54 23.40
N THR F 224 -21.71 -42.28 23.60
CA THR F 224 -22.69 -41.64 22.72
C THR F 224 -22.15 -41.54 21.28
N LEU F 225 -20.91 -41.09 21.14
CA LEU F 225 -20.31 -40.97 19.81
C LEU F 225 -20.23 -42.32 19.10
N ARG F 226 -19.82 -43.38 19.82
CA ARG F 226 -19.73 -44.70 19.21
C ARG F 226 -21.10 -45.20 18.78
N ALA F 227 -22.12 -44.92 19.60
CA ALA F 227 -23.47 -45.34 19.24
C ALA F 227 -23.95 -44.58 18.01
N ILE F 228 -23.66 -43.28 17.94
CA ILE F 228 -24.03 -42.49 16.77
C ILE F 228 -23.27 -42.99 15.54
N ASN F 229 -21.96 -43.24 15.69
CA ASN F 229 -21.17 -43.70 14.55
C ASN F 229 -21.62 -45.08 14.07
N ASP F 230 -21.95 -45.98 15.00
CA ASP F 230 -22.39 -47.31 14.59
C ASP F 230 -23.68 -47.25 13.80
N SER F 231 -24.64 -46.42 14.23
CA SER F 231 -25.88 -46.30 13.48
C SER F 231 -25.64 -45.71 12.10
N LEU F 232 -24.66 -44.83 11.97
CA LEU F 232 -24.34 -44.25 10.66
C LEU F 232 -23.56 -45.23 9.79
N ARG F 233 -22.64 -46.00 10.37
CA ARG F 233 -21.92 -47.00 9.59
C ARG F 233 -22.86 -48.03 8.98
N LYS F 234 -24.01 -48.27 9.61
CA LYS F 234 -24.99 -49.18 9.06
C LYS F 234 -25.86 -48.51 8.00
N GLY F 235 -26.04 -47.19 8.09
CA GLY F 235 -26.92 -46.46 7.18
C GLY F 235 -26.29 -46.13 5.85
N HIS G 6 -50.09 17.02 7.32
CA HIS G 6 -50.87 17.71 8.34
C HIS G 6 -50.16 17.67 9.69
N HIS G 7 -49.73 18.85 10.15
CA HIS G 7 -49.01 18.94 11.42
C HIS G 7 -49.95 19.03 12.62
N MET G 8 -51.07 19.73 12.47
CA MET G 8 -51.94 20.08 13.59
C MET G 8 -52.72 18.91 14.17
N VAL G 9 -52.73 18.82 15.50
CA VAL G 9 -53.55 17.88 16.27
C VAL G 9 -54.32 18.69 17.31
N VAL G 10 -55.65 18.58 17.29
CA VAL G 10 -56.51 19.37 18.17
C VAL G 10 -56.84 18.59 19.42
N ALA G 11 -56.62 19.21 20.59
CA ALA G 11 -56.88 18.58 21.88
C ALA G 11 -58.36 18.64 22.23
N LEU G 12 -58.98 17.47 22.36
CA LEU G 12 -60.38 17.37 22.77
C LEU G 12 -60.44 17.23 24.28
N ASP G 13 -60.62 18.35 24.98
CA ASP G 13 -60.72 18.34 26.44
C ASP G 13 -62.13 18.75 26.85
N TYR G 14 -63.12 17.97 26.43
CA TYR G 14 -64.51 18.21 26.78
C TYR G 14 -64.94 17.24 27.87
N ASP G 15 -66.02 17.61 28.56
CA ASP G 15 -66.65 16.75 29.54
C ASP G 15 -68.00 16.22 29.05
N ASN G 16 -68.31 16.38 27.76
CA ASN G 16 -69.62 16.03 27.23
C ASN G 16 -69.45 15.59 25.77
N ARG G 17 -70.00 14.43 25.43
CA ARG G 17 -69.81 13.87 24.09
C ARG G 17 -70.45 14.73 23.02
N ASP G 18 -71.65 15.25 23.28
CA ASP G 18 -72.37 16.05 22.28
C ASP G 18 -71.63 17.35 21.96
N LYS G 19 -71.11 18.03 22.99
CA LYS G 19 -70.38 19.27 22.74
C LYS G 19 -69.12 19.00 21.91
N ALA G 20 -68.41 17.92 22.21
CA ALA G 20 -67.21 17.58 21.45
C ALA G 20 -67.53 17.20 20.01
N LEU G 21 -68.55 16.36 19.81
CA LEU G 21 -68.89 15.93 18.45
C LEU G 21 -69.50 17.07 17.63
N ALA G 22 -70.15 18.04 18.28
CA ALA G 22 -70.62 19.20 17.55
C ALA G 22 -69.46 20.00 16.98
N PHE G 23 -68.34 20.03 17.70
CA PHE G 23 -67.14 20.70 17.19
C PHE G 23 -66.49 19.89 16.08
N VAL G 24 -66.34 18.58 16.28
CA VAL G 24 -65.70 17.74 15.27
C VAL G 24 -66.51 17.73 13.98
N ASP G 25 -67.84 17.76 14.10
CA ASP G 25 -68.69 17.78 12.92
C ASP G 25 -68.56 19.09 12.14
N ARG G 26 -68.01 20.13 12.76
CA ARG G 26 -67.82 21.42 12.09
C ARG G 26 -66.46 21.52 11.39
N ILE G 27 -65.58 20.55 11.57
CA ILE G 27 -64.25 20.55 10.97
C ILE G 27 -64.09 19.32 10.09
N ASP G 28 -62.95 19.22 9.39
CA ASP G 28 -62.74 18.16 8.42
C ASP G 28 -61.48 17.36 8.78
N PRO G 29 -61.48 16.05 8.52
CA PRO G 29 -60.28 15.24 8.83
C PRO G 29 -59.02 15.74 8.14
N ARG G 30 -59.14 16.37 6.97
CA ARG G 30 -57.97 16.92 6.31
C ARG G 30 -57.42 18.13 7.05
N ASP G 31 -58.19 18.72 7.96
CA ASP G 31 -57.74 19.90 8.68
C ASP G 31 -56.80 19.55 9.83
N CYS G 32 -57.02 18.43 10.49
CA CYS G 32 -56.25 18.09 11.69
C CYS G 32 -56.54 16.65 12.08
N ARG G 33 -55.70 16.14 12.98
CA ARG G 33 -55.98 14.94 13.75
C ARG G 33 -56.49 15.34 15.13
N LEU G 34 -57.03 14.36 15.86
CA LEU G 34 -57.65 14.61 17.14
C LEU G 34 -56.89 13.90 18.25
N LYS G 35 -56.85 14.52 19.42
CA LYS G 35 -56.24 13.93 20.61
C LYS G 35 -57.31 13.65 21.66
N VAL G 36 -57.38 12.41 22.11
CA VAL G 36 -58.28 12.01 23.20
C VAL G 36 -57.41 11.73 24.42
N GLY G 37 -57.65 12.47 25.50
CA GLY G 37 -56.84 12.38 26.69
C GLY G 37 -57.55 11.69 27.84
N LYS G 38 -56.96 11.83 29.03
CA LYS G 38 -57.51 11.15 30.20
C LYS G 38 -58.95 11.58 30.47
N GLU G 39 -59.27 12.85 30.23
CA GLU G 39 -60.60 13.34 30.57
C GLU G 39 -61.66 12.63 29.76
N MET G 40 -61.57 12.71 28.42
CA MET G 40 -62.60 12.13 27.59
C MET G 40 -62.58 10.60 27.64
N PHE G 41 -61.41 10.00 27.77
CA PHE G 41 -61.35 8.53 27.78
C PHE G 41 -61.97 7.96 29.06
N THR G 42 -61.74 8.60 30.20
CA THR G 42 -62.33 8.11 31.44
C THR G 42 -63.85 8.28 31.43
N LEU G 43 -64.36 9.28 30.72
CA LEU G 43 -65.79 9.52 30.66
C LEU G 43 -66.48 8.62 29.64
N LEU G 44 -65.84 8.36 28.50
CA LEU G 44 -66.48 7.70 27.38
C LEU G 44 -65.88 6.37 26.99
N GLY G 45 -64.60 6.16 27.22
CA GLY G 45 -63.95 4.91 26.89
C GLY G 45 -63.67 4.76 25.41
N PRO G 46 -63.40 3.53 24.97
CA PRO G 46 -62.92 3.32 23.59
C PRO G 46 -63.96 3.65 22.54
N GLN G 47 -65.26 3.56 22.87
CA GLN G 47 -66.30 3.80 21.86
C GLN G 47 -66.20 5.21 21.30
N PHE G 48 -65.79 6.19 22.09
CA PHE G 48 -65.65 7.55 21.58
C PHE G 48 -64.55 7.62 20.53
N VAL G 49 -63.45 6.91 20.73
CA VAL G 49 -62.39 6.86 19.74
C VAL G 49 -62.92 6.25 18.45
N ARG G 50 -63.71 5.18 18.56
CA ARG G 50 -64.31 4.58 17.38
C ARG G 50 -65.27 5.55 16.69
N ASP G 51 -66.00 6.33 17.47
CA ASP G 51 -66.89 7.35 16.91
C ASP G 51 -66.10 8.32 16.04
N LEU G 52 -64.90 8.68 16.49
CA LEU G 52 -64.06 9.58 15.69
C LEU G 52 -63.52 8.88 14.46
N HIS G 53 -63.16 7.60 14.58
CA HIS G 53 -62.70 6.84 13.42
C HIS G 53 -63.79 6.71 12.37
N GLN G 54 -65.05 6.52 12.80
CA GLN G 54 -66.15 6.44 11.85
C GLN G 54 -66.34 7.72 11.06
N ARG G 55 -65.89 8.85 11.58
CA ARG G 55 -65.98 10.13 10.88
C ARG G 55 -64.73 10.46 10.07
N GLY G 56 -63.74 9.56 10.04
CA GLY G 56 -62.58 9.75 9.19
C GLY G 56 -61.38 10.39 9.85
N PHE G 57 -61.39 10.55 11.17
CA PHE G 57 -60.31 11.24 11.86
C PHE G 57 -59.28 10.23 12.37
N GLU G 58 -58.01 10.67 12.35
CA GLU G 58 -56.94 9.95 13.02
C GLU G 58 -56.80 10.49 14.44
N VAL G 59 -56.55 9.58 15.39
CA VAL G 59 -56.66 9.90 16.81
C VAL G 59 -55.31 9.71 17.49
N PHE G 60 -54.90 10.70 18.26
CA PHE G 60 -53.77 10.58 19.17
C PHE G 60 -54.34 10.21 20.55
N LEU G 61 -54.15 8.96 20.96
CA LEU G 61 -54.59 8.51 22.27
C LEU G 61 -53.55 8.94 23.29
N ASP G 62 -53.89 9.94 24.10
CA ASP G 62 -52.97 10.58 25.03
C ASP G 62 -53.30 10.13 26.44
N LEU G 63 -52.93 8.89 26.76
CA LEU G 63 -53.19 8.38 28.11
C LEU G 63 -51.93 8.32 28.97
N LYS G 64 -50.75 8.54 28.39
CA LYS G 64 -49.49 8.63 29.13
C LYS G 64 -49.28 7.44 30.06
N PHE G 65 -49.41 6.24 29.50
CA PHE G 65 -49.25 5.00 30.28
C PHE G 65 -47.96 4.98 31.07
N HIS G 66 -48.07 4.66 32.36
CA HIS G 66 -46.91 4.60 33.26
C HIS G 66 -47.19 3.46 34.25
N ASP G 67 -46.69 2.27 33.92
CA ASP G 67 -46.99 1.09 34.70
C ASP G 67 -45.82 0.11 34.58
N ILE G 68 -45.99 -1.08 35.13
CA ILE G 68 -45.01 -2.16 35.01
C ILE G 68 -44.91 -2.54 33.54
N PRO G 69 -43.79 -3.12 33.09
CA PRO G 69 -43.64 -3.38 31.65
C PRO G 69 -44.76 -4.21 31.05
N ASN G 70 -45.13 -5.33 31.68
CA ASN G 70 -46.13 -6.20 31.08
C ASN G 70 -47.47 -5.49 30.95
N THR G 71 -47.90 -4.77 31.99
CA THR G 71 -49.18 -4.08 31.95
C THR G 71 -49.18 -2.95 30.92
N THR G 72 -48.11 -2.17 30.87
CA THR G 72 -48.04 -1.08 29.89
C THR G 72 -48.11 -1.64 28.48
N ALA G 73 -47.43 -2.77 28.24
CA ALA G 73 -47.45 -3.39 26.93
C ALA G 73 -48.87 -3.80 26.54
N ARG G 74 -49.60 -4.39 27.49
CA ARG G 74 -50.97 -4.80 27.19
C ARG G 74 -51.87 -3.60 26.92
N ALA G 75 -51.62 -2.47 27.59
CA ALA G 75 -52.42 -1.29 27.32
C ALA G 75 -52.09 -0.73 25.95
N VAL G 76 -50.81 -0.72 25.59
CA VAL G 76 -50.41 -0.28 24.26
C VAL G 76 -51.00 -1.21 23.20
N ALA G 77 -50.98 -2.51 23.47
CA ALA G 77 -51.60 -3.47 22.54
C ALA G 77 -53.10 -3.23 22.44
N ALA G 78 -53.75 -2.90 23.57
CA ALA G 78 -55.18 -2.60 23.53
C ALA G 78 -55.46 -1.35 22.71
N ALA G 79 -54.63 -0.33 22.86
CA ALA G 79 -54.79 0.88 22.06
C ALA G 79 -54.55 0.60 20.58
N ALA G 80 -53.57 -0.26 20.28
CA ALA G 80 -53.32 -0.64 18.90
C ALA G 80 -54.48 -1.43 18.32
N GLU G 81 -55.05 -2.37 19.10
CA GLU G 81 -56.23 -3.10 18.65
C GLU G 81 -57.37 -2.14 18.32
N LEU G 82 -57.38 -0.97 18.96
CA LEU G 82 -58.35 0.08 18.68
C LEU G 82 -58.04 0.80 17.38
N GLY G 83 -56.84 0.64 16.84
CA GLY G 83 -56.45 1.23 15.56
C GLY G 83 -56.06 2.69 15.60
N VAL G 84 -55.64 3.19 16.76
CA VAL G 84 -55.31 4.61 16.86
C VAL G 84 -54.04 4.93 16.08
N TRP G 85 -53.89 6.20 15.74
CA TRP G 85 -52.74 6.65 14.98
C TRP G 85 -51.51 6.86 15.85
N MET G 86 -51.70 7.25 17.11
CA MET G 86 -50.58 7.52 18.00
C MET G 86 -51.01 7.28 19.44
N VAL G 87 -50.09 6.77 20.24
CA VAL G 87 -50.32 6.53 21.66
C VAL G 87 -49.00 6.77 22.37
N ASN G 88 -49.06 7.24 23.62
CA ASN G 88 -47.84 7.66 24.31
C ASN G 88 -47.72 6.98 25.66
N VAL G 89 -46.49 7.00 26.18
CA VAL G 89 -46.15 6.44 27.48
C VAL G 89 -45.22 7.42 28.19
N HIS G 90 -45.01 7.17 29.48
CA HIS G 90 -44.11 7.99 30.30
C HIS G 90 -42.69 7.44 30.19
N ALA G 91 -41.76 8.28 29.72
CA ALA G 91 -40.36 7.85 29.62
C ALA G 91 -39.78 7.53 30.98
N SER G 92 -40.26 8.17 32.03
CA SER G 92 -39.78 7.82 33.36
C SER G 92 -40.37 6.49 33.86
N GLY G 93 -41.11 5.77 33.02
CA GLY G 93 -41.54 4.41 33.31
C GLY G 93 -40.45 3.36 33.25
N GLY G 94 -39.30 3.69 32.69
CA GLY G 94 -38.14 2.82 32.69
C GLY G 94 -37.89 2.21 31.32
N ALA G 95 -36.65 1.72 31.14
CA ALA G 95 -36.25 1.19 29.84
C ALA G 95 -37.00 -0.10 29.51
N ARG G 96 -37.09 -1.01 30.47
CA ARG G 96 -37.80 -2.26 30.25
C ARG G 96 -39.27 -2.02 29.93
N MET G 97 -39.87 -0.98 30.54
CA MET G 97 -41.27 -0.68 30.26
C MET G 97 -41.45 -0.17 28.83
N MET G 98 -40.60 0.76 28.41
CA MET G 98 -40.70 1.27 27.05
C MET G 98 -40.38 0.18 26.03
N THR G 99 -39.38 -0.65 26.33
CA THR G 99 -39.03 -1.76 25.44
C THR G 99 -40.18 -2.74 25.29
N ALA G 100 -40.83 -3.08 26.41
CA ALA G 100 -42.00 -3.94 26.36
C ALA G 100 -43.10 -3.29 25.53
N ALA G 101 -43.24 -1.97 25.62
CA ALA G 101 -44.28 -1.27 24.88
C ALA G 101 -44.04 -1.35 23.38
N ARG G 102 -42.78 -1.14 22.96
CA ARG G 102 -42.45 -1.28 21.55
C ARG G 102 -42.65 -2.71 21.07
N GLU G 103 -42.22 -3.69 21.88
CA GLU G 103 -42.36 -5.08 21.47
C GLU G 103 -43.81 -5.49 21.32
N ALA G 104 -44.70 -4.88 22.10
CA ALA G 104 -46.13 -5.20 22.00
C ALA G 104 -46.72 -4.78 20.67
N LEU G 105 -46.10 -3.83 19.97
CA LEU G 105 -46.59 -3.37 18.68
C LEU G 105 -46.06 -4.16 17.51
N LEU G 106 -45.03 -4.99 17.71
CA LEU G 106 -44.49 -5.80 16.61
C LEU G 106 -45.54 -6.66 15.92
N PRO G 107 -46.47 -7.31 16.61
CA PRO G 107 -47.48 -8.09 15.88
C PRO G 107 -48.36 -7.24 14.97
N PHE G 108 -48.42 -5.94 15.19
CA PHE G 108 -49.31 -5.07 14.44
C PHE G 108 -48.67 -4.52 13.17
N GLY G 109 -47.40 -4.82 12.94
CA GLY G 109 -46.74 -4.47 11.69
C GLY G 109 -46.74 -2.98 11.38
N LYS G 110 -46.87 -2.65 10.10
CA LYS G 110 -46.83 -1.26 9.66
C LYS G 110 -48.05 -0.47 10.07
N ASP G 111 -49.14 -1.13 10.45
CA ASP G 111 -50.34 -0.44 10.92
C ASP G 111 -50.29 -0.06 12.40
N ALA G 112 -49.24 -0.44 13.12
CA ALA G 112 -49.15 -0.10 14.52
C ALA G 112 -49.13 1.41 14.70
N PRO G 113 -49.70 1.92 15.78
CA PRO G 113 -49.62 3.36 16.05
C PRO G 113 -48.20 3.79 16.37
N LEU G 114 -47.93 5.07 16.13
CA LEU G 114 -46.67 5.64 16.60
C LEU G 114 -46.63 5.60 18.11
N LEU G 115 -45.48 5.21 18.66
CA LEU G 115 -45.28 5.07 20.09
C LEU G 115 -44.37 6.19 20.57
N ILE G 116 -44.93 7.11 21.34
CA ILE G 116 -44.26 8.33 21.81
C ILE G 116 -44.08 8.23 23.32
N ALA G 117 -43.04 8.86 23.83
CA ALA G 117 -42.82 8.91 25.27
C ALA G 117 -42.92 10.35 25.77
N VAL G 118 -43.58 10.52 26.91
CA VAL G 118 -43.56 11.80 27.62
C VAL G 118 -42.24 11.88 28.37
N THR G 119 -41.53 13.01 28.21
CA THR G 119 -40.31 13.21 28.99
C THR G 119 -40.63 13.88 30.32
N VAL G 120 -40.51 15.20 30.39
CA VAL G 120 -40.88 15.97 31.57
C VAL G 120 -42.15 16.73 31.25
N LEU G 121 -43.18 16.52 32.07
CA LEU G 121 -44.46 17.16 31.84
C LEU G 121 -44.32 18.67 31.80
N THR G 122 -45.07 19.30 30.88
CA THR G 122 -45.00 20.74 30.67
C THR G 122 -45.42 21.53 31.91
N SER G 123 -46.06 20.89 32.87
CA SER G 123 -46.41 21.57 34.11
C SER G 123 -45.28 21.57 35.14
N MET G 124 -44.32 20.65 35.01
CA MET G 124 -43.31 20.49 36.05
C MET G 124 -42.19 21.49 35.82
N GLU G 125 -41.95 22.33 36.82
CA GLU G 125 -40.83 23.25 36.81
C GLU G 125 -39.71 22.71 37.69
N SER G 126 -38.63 23.48 37.81
CA SER G 126 -37.48 23.03 38.58
C SER G 126 -37.87 22.81 40.04
N SER G 127 -38.68 23.72 40.60
CA SER G 127 -39.13 23.54 41.98
C SER G 127 -40.03 22.33 42.13
N ASP G 128 -40.80 22.00 41.08
CA ASP G 128 -41.65 20.81 41.12
C ASP G 128 -40.81 19.53 41.15
N LEU G 129 -39.71 19.50 40.40
CA LEU G 129 -38.86 18.31 40.35
C LEU G 129 -38.05 18.13 41.63
N GLN G 130 -37.76 19.21 42.34
CA GLN G 130 -36.94 19.11 43.55
C GLN G 130 -37.65 18.35 44.67
N ASP G 131 -38.98 18.37 44.71
CA ASP G 131 -39.71 17.60 45.73
C ASP G 131 -39.50 16.10 45.57
N LEU G 132 -39.19 15.64 44.36
CA LEU G 132 -38.92 14.24 44.09
C LEU G 132 -37.44 13.91 44.15
N GLY G 133 -36.59 14.86 44.53
CA GLY G 133 -35.15 14.66 44.54
C GLY G 133 -34.46 14.85 43.21
N ILE G 134 -35.18 15.23 42.16
CA ILE G 134 -34.58 15.44 40.85
C ILE G 134 -33.85 16.77 40.87
N THR G 135 -32.54 16.74 40.59
CA THR G 135 -31.70 17.94 40.66
C THR G 135 -31.41 18.55 39.29
N LEU G 136 -31.64 17.82 38.20
CA LEU G 136 -31.39 18.36 36.87
C LEU G 136 -32.49 19.34 36.47
N SER G 137 -32.12 20.31 35.63
CA SER G 137 -33.09 21.25 35.10
C SER G 137 -34.14 20.51 34.27
N PRO G 138 -35.33 21.10 34.12
CA PRO G 138 -36.33 20.49 33.23
C PRO G 138 -35.80 20.21 31.83
N ALA G 139 -34.98 21.12 31.29
CA ALA G 139 -34.43 20.89 29.95
C ALA G 139 -33.49 19.69 29.95
N ASP G 140 -32.55 19.66 30.89
CA ASP G 140 -31.57 18.57 30.93
C ASP G 140 -32.21 17.23 31.25
N TYR G 141 -33.15 17.21 32.19
CA TYR G 141 -33.80 15.94 32.53
C TYR G 141 -34.63 15.43 31.36
N ALA G 142 -35.32 16.32 30.66
CA ALA G 142 -36.07 15.91 29.47
C ALA G 142 -35.14 15.36 28.39
N ALA G 143 -33.99 16.01 28.19
CA ALA G 143 -33.05 15.53 27.18
C ALA G 143 -32.57 14.13 27.51
N LYS G 144 -32.25 13.87 28.78
CA LYS G 144 -31.86 12.54 29.20
C LYS G 144 -32.96 11.52 28.93
N LEU G 145 -34.21 11.89 29.25
CA LEU G 145 -35.32 10.97 29.01
C LEU G 145 -35.57 10.79 27.52
N ALA G 146 -35.41 11.86 26.75
CA ALA G 146 -35.56 11.73 25.31
C ALA G 146 -34.51 10.78 24.74
N ALA G 147 -33.25 10.93 25.18
CA ALA G 147 -32.20 10.02 24.74
C ALA G 147 -32.52 8.58 25.13
N LEU G 148 -33.01 8.37 26.35
CA LEU G 148 -33.40 7.03 26.76
C LEU G 148 -34.53 6.50 25.89
N THR G 149 -35.51 7.36 25.59
CA THR G 149 -36.62 6.97 24.73
C THR G 149 -36.13 6.54 23.35
N GLN G 150 -35.17 7.27 22.79
CA GLN G 150 -34.65 6.91 21.47
C GLN G 150 -33.92 5.57 21.51
N ARG G 151 -33.12 5.34 22.55
CA ARG G 151 -32.40 4.07 22.67
C ARG G 151 -33.34 2.88 22.86
N CYS G 152 -34.57 3.10 23.30
CA CYS G 152 -35.53 2.01 23.42
C CYS G 152 -36.26 1.74 22.13
N GLY G 153 -36.01 2.52 21.08
CA GLY G 153 -36.62 2.25 19.80
C GLY G 153 -37.98 2.87 19.61
N LEU G 154 -38.37 3.82 20.46
CA LEU G 154 -39.64 4.50 20.29
C LEU G 154 -39.52 5.57 19.20
N ASP G 155 -40.68 6.03 18.71
CA ASP G 155 -40.70 6.89 17.53
C ASP G 155 -40.43 8.35 17.84
N GLY G 156 -40.59 8.79 19.08
CA GLY G 156 -40.34 10.18 19.40
C GLY G 156 -40.85 10.51 20.79
N VAL G 157 -40.82 11.81 21.10
CA VAL G 157 -41.18 12.29 22.43
C VAL G 157 -42.14 13.46 22.33
N VAL G 158 -42.85 13.68 23.42
CA VAL G 158 -43.52 14.95 23.65
C VAL G 158 -42.54 15.86 24.38
N CYS G 159 -42.37 17.07 23.87
CA CYS G 159 -41.41 18.00 24.47
C CYS G 159 -41.93 19.42 24.34
N SER G 160 -41.24 20.34 25.03
CA SER G 160 -41.53 21.75 24.88
C SER G 160 -41.03 22.25 23.53
N ALA G 161 -41.77 23.20 22.95
CA ALA G 161 -41.34 23.78 21.68
C ALA G 161 -40.03 24.54 21.81
N GLN G 162 -39.72 25.03 23.01
CA GLN G 162 -38.44 25.70 23.23
C GLN G 162 -37.27 24.73 23.19
N GLU G 163 -37.53 23.43 23.28
CA GLU G 163 -36.49 22.41 23.24
C GLU G 163 -36.40 21.70 21.90
N ALA G 164 -37.17 22.12 20.89
CA ALA G 164 -37.26 21.39 19.63
C ALA G 164 -35.95 21.46 18.84
N VAL G 165 -35.39 22.66 18.70
CA VAL G 165 -34.17 22.83 17.91
C VAL G 165 -33.04 21.98 18.47
N ARG G 166 -32.90 21.95 19.79
CA ARG G 166 -31.88 21.12 20.42
C ARG G 166 -32.13 19.64 20.16
N PHE G 167 -33.39 19.21 20.28
CA PHE G 167 -33.72 17.79 20.14
C PHE G 167 -33.53 17.32 18.69
N LYS G 168 -34.03 18.09 17.71
CA LYS G 168 -33.84 17.71 16.32
C LYS G 168 -32.37 17.63 15.97
N HIS G 169 -31.56 18.51 16.55
CA HIS G 169 -30.13 18.47 16.25
C HIS G 169 -29.44 17.31 16.96
N GLU G 170 -29.80 17.04 18.22
CA GLU G 170 -29.12 16.00 18.96
C GLU G 170 -29.65 14.61 18.64
N LEU G 171 -30.94 14.49 18.32
CA LEU G 171 -31.55 13.19 18.11
C LEU G 171 -31.88 12.89 16.65
N GLY G 172 -31.85 13.88 15.77
CA GLY G 172 -31.99 13.64 14.36
C GLY G 172 -33.39 13.92 13.85
N GLN G 173 -33.52 13.94 12.52
CA GLN G 173 -34.79 14.27 11.91
C GLN G 173 -35.80 13.15 12.08
N ALA G 174 -35.35 11.91 12.14
CA ALA G 174 -36.27 10.78 12.17
C ALA G 174 -37.05 10.72 13.48
N PHE G 175 -36.45 11.20 14.56
CA PHE G 175 -37.12 11.20 15.86
C PHE G 175 -38.20 12.27 15.87
N LYS G 176 -39.44 11.87 16.11
CA LYS G 176 -40.59 12.75 15.96
C LYS G 176 -40.83 13.55 17.24
N LEU G 177 -41.15 14.84 17.07
CA LEU G 177 -41.37 15.74 18.20
C LEU G 177 -42.82 16.22 18.19
N VAL G 178 -43.53 15.94 19.28
CA VAL G 178 -44.91 16.40 19.48
C VAL G 178 -44.89 17.44 20.59
N THR G 179 -45.35 18.65 20.29
CA THR G 179 -45.27 19.73 21.27
C THR G 179 -46.65 20.30 21.54
N PRO G 180 -47.10 20.32 22.80
CA PRO G 180 -48.30 21.10 23.13
C PRO G 180 -47.92 22.56 23.35
N GLY G 181 -48.85 23.36 23.87
CA GLY G 181 -48.55 24.77 24.07
C GLY G 181 -48.28 25.48 22.77
N ILE G 182 -49.02 25.13 21.72
CA ILE G 182 -48.84 25.74 20.41
C ILE G 182 -49.92 26.80 20.15
N MET G 196 -45.06 31.06 20.72
CA MET G 196 -45.04 29.77 20.02
C MET G 196 -46.08 29.72 18.90
N THR G 197 -45.84 30.51 17.85
CA THR G 197 -46.70 30.47 16.68
C THR G 197 -46.57 29.15 15.93
N PRO G 198 -47.60 28.76 15.16
CA PRO G 198 -47.47 27.57 14.31
C PRO G 198 -46.30 27.66 13.35
N GLU G 199 -46.09 28.85 12.75
CA GLU G 199 -44.96 29.04 11.84
C GLU G 199 -43.64 28.92 12.59
N GLN G 200 -43.58 29.44 13.82
CA GLN G 200 -42.37 29.33 14.62
C GLN G 200 -42.06 27.87 14.96
N ALA G 201 -43.10 27.09 15.28
CA ALA G 201 -42.89 25.67 15.58
C ALA G 201 -42.45 24.91 14.35
N GLN G 202 -42.93 25.30 13.16
CA GLN G 202 -42.49 24.65 11.94
C GLN G 202 -41.00 24.91 11.69
N GLU G 203 -40.57 26.17 11.83
CA GLU G 203 -39.16 26.49 11.65
C GLU G 203 -38.28 25.80 12.68
N ALA G 204 -38.79 25.58 13.88
CA ALA G 204 -38.02 24.89 14.90
C ALA G 204 -37.92 23.39 14.63
N GLY G 205 -38.76 22.87 13.75
CA GLY G 205 -38.72 21.48 13.37
C GLY G 205 -39.71 20.57 14.06
N VAL G 206 -40.72 21.13 14.74
CA VAL G 206 -41.72 20.29 15.39
C VAL G 206 -42.47 19.51 14.32
N ASP G 207 -42.70 18.23 14.59
CA ASP G 207 -43.41 17.38 13.65
C ASP G 207 -44.93 17.45 13.79
N TYR G 208 -45.43 17.45 15.03
CA TYR G 208 -46.87 17.47 15.29
C TYR G 208 -47.15 18.47 16.40
N MET G 209 -48.06 19.40 16.13
CA MET G 209 -48.37 20.49 17.05
C MET G 209 -49.77 20.33 17.64
N VAL G 210 -49.87 20.34 18.96
CA VAL G 210 -51.14 20.23 19.66
C VAL G 210 -51.60 21.63 20.04
N ILE G 211 -52.79 22.01 19.59
CA ILE G 211 -53.35 23.32 19.87
C ILE G 211 -54.74 23.21 20.49
N PRO G 221 -63.91 28.16 13.28
CA PRO G 221 -62.79 27.31 13.69
C PRO G 221 -62.18 26.54 12.52
N ALA G 222 -63.02 26.01 11.64
CA ALA G 222 -62.49 25.28 10.48
C ALA G 222 -61.66 26.20 9.59
N ALA G 223 -62.15 27.41 9.35
CA ALA G 223 -61.38 28.40 8.59
C ALA G 223 -60.14 28.82 9.35
N THR G 224 -60.22 28.90 10.68
CA THR G 224 -59.05 29.20 11.50
C THR G 224 -57.98 28.14 11.33
N LEU G 225 -58.38 26.86 11.36
CA LEU G 225 -57.43 25.77 11.13
C LEU G 225 -56.84 25.85 9.72
N ARG G 226 -57.69 26.13 8.73
CA ARG G 226 -57.23 26.21 7.33
C ARG G 226 -56.24 27.36 7.14
N ALA G 227 -56.46 28.48 7.83
CA ALA G 227 -55.52 29.59 7.73
C ALA G 227 -54.17 29.20 8.33
N ILE G 228 -54.19 28.47 9.44
CA ILE G 228 -52.96 27.97 10.04
C ILE G 228 -52.30 26.97 9.10
N ASN G 229 -53.08 26.04 8.53
CA ASN G 229 -52.52 25.06 7.60
C ASN G 229 -51.93 25.76 6.38
N ASP G 230 -52.58 26.81 5.89
CA ASP G 230 -52.04 27.56 4.77
C ASP G 230 -50.70 28.19 5.14
N SER G 231 -50.60 28.69 6.38
CA SER G 231 -49.34 29.24 6.85
C SER G 231 -48.25 28.18 6.90
N LEU G 232 -48.62 26.94 7.21
CA LEU G 232 -47.65 25.86 7.21
C LEU G 232 -47.33 25.40 5.79
N ARG G 233 -48.34 25.36 4.93
CA ARG G 233 -48.15 25.04 3.51
C ARG G 233 -47.27 26.07 2.82
N HIS H 6 -62.96 -6.08 55.33
CA HIS H 6 -62.75 -6.65 54.01
C HIS H 6 -61.55 -6.00 53.32
N HIS H 7 -60.44 -6.72 53.31
CA HIS H 7 -59.18 -6.26 52.74
C HIS H 7 -59.01 -6.60 51.27
N MET H 8 -59.51 -7.77 50.85
CA MET H 8 -59.14 -8.33 49.55
C MET H 8 -59.70 -7.52 48.39
N VAL H 9 -58.82 -7.26 47.42
CA VAL H 9 -59.18 -6.68 46.12
C VAL H 9 -58.60 -7.57 45.05
N VAL H 10 -59.46 -8.11 44.19
CA VAL H 10 -59.05 -9.07 43.16
C VAL H 10 -58.78 -8.32 41.87
N ALA H 11 -57.60 -8.55 41.29
CA ALA H 11 -57.19 -7.88 40.06
C ALA H 11 -57.82 -8.58 38.86
N LEU H 12 -58.63 -7.84 38.11
CA LEU H 12 -59.23 -8.33 36.86
C LEU H 12 -58.30 -7.97 35.70
N ASP H 13 -57.43 -8.91 35.33
CA ASP H 13 -56.49 -8.67 34.24
C ASP H 13 -56.79 -9.61 33.07
N TYR H 14 -57.98 -9.49 32.51
CA TYR H 14 -58.43 -10.29 31.37
C TYR H 14 -58.39 -9.47 30.09
N ASP H 15 -58.40 -10.18 28.96
CA ASP H 15 -58.50 -9.55 27.65
C ASP H 15 -59.86 -9.74 27.00
N ASN H 16 -60.85 -10.21 27.76
CA ASN H 16 -62.15 -10.53 27.19
C ASN H 16 -63.23 -10.32 28.25
N ARG H 17 -64.28 -9.58 27.89
CA ARG H 17 -65.32 -9.24 28.86
C ARG H 17 -66.05 -10.48 29.35
N ASP H 18 -66.36 -11.41 28.44
CA ASP H 18 -67.06 -12.63 28.85
C ASP H 18 -66.20 -13.46 29.79
N LYS H 19 -64.90 -13.56 29.50
CA LYS H 19 -63.99 -14.30 30.37
C LYS H 19 -63.90 -13.68 31.75
N ALA H 20 -63.81 -12.34 31.81
CA ALA H 20 -63.74 -11.64 33.10
C ALA H 20 -65.04 -11.81 33.89
N LEU H 21 -66.18 -11.63 33.23
CA LEU H 21 -67.46 -11.75 33.91
C LEU H 21 -67.75 -13.19 34.32
N ALA H 22 -67.16 -14.17 33.62
CA ALA H 22 -67.31 -15.55 34.03
C ALA H 22 -66.71 -15.78 35.42
N PHE H 23 -65.61 -15.09 35.73
CA PHE H 23 -65.05 -15.16 37.07
C PHE H 23 -65.86 -14.34 38.06
N VAL H 24 -66.26 -13.13 37.68
CA VAL H 24 -66.97 -12.23 38.60
C VAL H 24 -68.31 -12.83 39.02
N ASP H 25 -69.00 -13.49 38.08
CA ASP H 25 -70.29 -14.10 38.40
C ASP H 25 -70.18 -15.30 39.32
N ARG H 26 -68.98 -15.86 39.48
CA ARG H 26 -68.78 -17.01 40.35
C ARG H 26 -68.47 -16.61 41.79
N ILE H 27 -68.27 -15.33 42.06
CA ILE H 27 -67.96 -14.85 43.39
C ILE H 27 -69.03 -13.86 43.83
N ASP H 28 -68.96 -13.43 45.08
CA ASP H 28 -69.99 -12.62 45.71
C ASP H 28 -69.39 -11.32 46.23
N PRO H 29 -70.16 -10.23 46.20
CA PRO H 29 -69.64 -8.94 46.69
C PRO H 29 -69.09 -9.00 48.10
N ARG H 30 -69.60 -9.91 48.93
CA ARG H 30 -69.07 -10.07 50.27
C ARG H 30 -67.66 -10.67 50.26
N ASP H 31 -67.23 -11.25 49.14
CA ASP H 31 -65.92 -11.89 49.11
C ASP H 31 -64.78 -10.89 48.92
N CYS H 32 -64.99 -9.84 48.12
CA CYS H 32 -63.88 -8.96 47.76
C CYS H 32 -64.40 -7.73 47.03
N ARG H 33 -63.51 -6.76 46.86
CA ARG H 33 -63.64 -5.69 45.89
C ARG H 33 -62.84 -6.04 44.64
N LEU H 34 -63.06 -5.28 43.56
CA LEU H 34 -62.42 -5.54 42.28
C LEU H 34 -61.55 -4.37 41.85
N LYS H 35 -60.43 -4.68 41.21
CA LYS H 35 -59.52 -3.68 40.65
C LYS H 35 -59.54 -3.78 39.13
N VAL H 36 -59.81 -2.65 38.47
CA VAL H 36 -59.78 -2.54 37.01
C VAL H 36 -58.58 -1.67 36.64
N GLY H 37 -57.70 -2.21 35.79
CA GLY H 37 -56.47 -1.54 35.43
C GLY H 37 -56.47 -1.00 34.01
N LYS H 38 -55.26 -0.62 33.56
CA LYS H 38 -55.12 0.00 32.24
C LYS H 38 -55.60 -0.92 31.13
N GLU H 39 -55.36 -2.22 31.26
CA GLU H 39 -55.70 -3.15 30.19
C GLU H 39 -57.20 -3.20 29.96
N MET H 40 -57.96 -3.55 31.00
CA MET H 40 -59.40 -3.70 30.81
C MET H 40 -60.10 -2.37 30.56
N PHE H 41 -59.62 -1.29 31.16
CA PHE H 41 -60.27 0.00 30.92
C PHE H 41 -60.04 0.48 29.50
N THR H 42 -58.83 0.26 28.97
CA THR H 42 -58.56 0.64 27.58
C THR H 42 -59.38 -0.21 26.62
N LEU H 43 -59.72 -1.44 27.00
CA LEU H 43 -60.49 -2.32 26.13
C LEU H 43 -61.99 -2.05 26.22
N LEU H 44 -62.49 -1.77 27.42
CA LEU H 44 -63.93 -1.71 27.66
C LEU H 44 -64.43 -0.35 28.12
N GLY H 45 -63.61 0.46 28.78
CA GLY H 45 -64.01 1.77 29.20
C GLY H 45 -64.92 1.76 30.41
N PRO H 46 -65.63 2.86 30.64
CA PRO H 46 -66.41 2.98 31.88
C PRO H 46 -67.55 1.98 31.98
N GLN H 47 -68.04 1.47 30.85
CA GLN H 47 -69.15 0.52 30.90
C GLN H 47 -68.81 -0.73 31.71
N PHE H 48 -67.55 -1.17 31.66
CA PHE H 48 -67.16 -2.34 32.43
C PHE H 48 -67.26 -2.07 33.93
N VAL H 49 -66.89 -0.86 34.35
CA VAL H 49 -67.05 -0.48 35.75
C VAL H 49 -68.53 -0.53 36.14
N ARG H 50 -69.40 -0.04 35.26
CA ARG H 50 -70.83 -0.10 35.53
C ARG H 50 -71.30 -1.54 35.61
N ASP H 51 -70.74 -2.41 34.77
CA ASP H 51 -71.08 -3.83 34.83
C ASP H 51 -70.72 -4.41 36.18
N LEU H 52 -69.57 -4.04 36.73
CA LEU H 52 -69.17 -4.54 38.05
C LEU H 52 -70.04 -3.92 39.15
N HIS H 53 -70.36 -2.63 39.03
CA HIS H 53 -71.26 -2.01 40.00
C HIS H 53 -72.63 -2.68 39.98
N GLN H 54 -73.11 -3.02 38.78
CA GLN H 54 -74.39 -3.72 38.66
C GLN H 54 -74.35 -5.09 39.32
N ARG H 55 -73.17 -5.69 39.48
CA ARG H 55 -73.04 -6.99 40.12
C ARG H 55 -72.78 -6.87 41.63
N GLY H 56 -72.74 -5.64 42.15
CA GLY H 56 -72.64 -5.43 43.58
C GLY H 56 -71.23 -5.24 44.11
N PHE H 57 -70.23 -5.13 43.25
CA PHE H 57 -68.85 -5.02 43.70
C PHE H 57 -68.44 -3.55 43.75
N GLU H 58 -67.58 -3.23 44.71
CA GLU H 58 -66.90 -1.95 44.74
C GLU H 58 -65.60 -2.07 43.96
N VAL H 59 -65.26 -1.02 43.21
CA VAL H 59 -64.22 -1.10 42.19
C VAL H 59 -63.08 -0.15 42.54
N PHE H 60 -61.86 -0.69 42.52
CA PHE H 60 -60.62 0.09 42.58
C PHE H 60 -60.19 0.35 41.14
N LEU H 61 -60.33 1.60 40.70
CA LEU H 61 -59.88 1.99 39.37
C LEU H 61 -58.38 2.24 39.41
N ASP H 62 -57.60 1.31 38.87
CA ASP H 62 -56.14 1.33 38.97
C ASP H 62 -55.56 1.76 37.62
N LEU H 63 -55.68 3.07 37.34
CA LEU H 63 -55.18 3.63 36.09
C LEU H 63 -53.90 4.44 36.26
N LYS H 64 -53.47 4.71 37.49
CA LYS H 64 -52.20 5.37 37.78
C LYS H 64 -52.05 6.68 37.00
N PHE H 65 -53.03 7.55 37.12
CA PHE H 65 -53.01 8.84 36.43
C PHE H 65 -51.72 9.59 36.71
N HIS H 66 -51.05 10.03 35.64
CA HIS H 66 -49.78 10.76 35.74
C HIS H 66 -49.78 11.78 34.61
N ASP H 67 -50.20 12.99 34.92
CA ASP H 67 -50.37 14.04 33.92
C ASP H 67 -50.16 15.39 34.59
N ILE H 68 -50.43 16.47 33.86
CA ILE H 68 -50.38 17.82 34.42
C ILE H 68 -51.49 17.95 35.47
N PRO H 69 -51.37 18.87 36.45
CA PRO H 69 -52.38 18.90 37.52
C PRO H 69 -53.81 19.02 37.03
N ASN H 70 -54.05 19.93 36.08
CA ASN H 70 -55.42 20.16 35.60
C ASN H 70 -56.00 18.91 34.98
N THR H 71 -55.23 18.24 34.12
CA THR H 71 -55.73 17.03 33.47
C THR H 71 -55.95 15.92 34.49
N THR H 72 -55.01 15.75 35.42
CA THR H 72 -55.16 14.72 36.46
C THR H 72 -56.39 14.99 37.30
N ALA H 73 -56.64 16.27 37.64
CA ALA H 73 -57.81 16.61 38.42
C ALA H 73 -59.09 16.26 37.68
N ARG H 74 -59.16 16.59 36.39
CA ARG H 74 -60.37 16.28 35.62
C ARG H 74 -60.57 14.78 35.48
N ALA H 75 -59.48 14.01 35.40
CA ALA H 75 -59.62 12.56 35.30
C ALA H 75 -60.08 11.93 36.61
N VAL H 76 -59.56 12.41 37.74
CA VAL H 76 -59.99 11.87 39.03
C VAL H 76 -61.46 12.17 39.27
N ALA H 77 -61.91 13.38 38.93
CA ALA H 77 -63.32 13.72 39.05
C ALA H 77 -64.17 12.86 38.11
N ALA H 78 -63.66 12.59 36.90
CA ALA H 78 -64.38 11.70 35.99
C ALA H 78 -64.50 10.30 36.57
N ALA H 79 -63.45 9.83 37.25
CA ALA H 79 -63.54 8.56 37.95
C ALA H 79 -64.55 8.65 39.10
N ALA H 80 -64.56 9.77 39.80
CA ALA H 80 -65.52 9.95 40.89
C ALA H 80 -66.94 10.02 40.35
N GLU H 81 -67.16 10.74 39.24
CA GLU H 81 -68.48 10.74 38.61
C GLU H 81 -68.91 9.33 38.22
N LEU H 82 -67.95 8.45 37.96
CA LEU H 82 -68.23 7.07 37.65
C LEU H 82 -68.60 6.26 38.89
N GLY H 83 -68.34 6.80 40.08
CA GLY H 83 -68.70 6.13 41.31
C GLY H 83 -67.74 5.04 41.76
N VAL H 84 -66.48 5.10 41.34
CA VAL H 84 -65.56 4.05 41.74
C VAL H 84 -65.23 4.18 43.22
N TRP H 85 -64.79 3.06 43.81
CA TRP H 85 -64.48 3.05 45.23
C TRP H 85 -63.10 3.63 45.50
N MET H 86 -62.16 3.47 44.56
CA MET H 86 -60.80 3.95 44.75
C MET H 86 -60.19 4.24 43.38
N VAL H 87 -59.33 5.25 43.34
CA VAL H 87 -58.60 5.62 42.13
C VAL H 87 -57.23 6.10 42.58
N ASN H 88 -56.21 5.89 41.74
CA ASN H 88 -54.84 6.19 42.15
C ASN H 88 -54.13 7.06 41.12
N VAL H 89 -53.04 7.67 41.58
CA VAL H 89 -52.20 8.50 40.75
C VAL H 89 -50.75 8.17 41.07
N HIS H 90 -49.85 8.66 40.22
CA HIS H 90 -48.41 8.51 40.41
C HIS H 90 -47.92 9.66 41.29
N ALA H 91 -47.34 9.34 42.45
CA ALA H 91 -46.80 10.38 43.32
C ALA H 91 -45.70 11.18 42.65
N SER H 92 -44.97 10.56 41.71
CA SER H 92 -43.95 11.31 40.99
C SER H 92 -44.55 12.29 40.00
N GLY H 93 -45.87 12.43 39.95
CA GLY H 93 -46.50 13.50 39.20
C GLY H 93 -46.33 14.88 39.82
N GLY H 94 -45.91 14.96 41.07
CA GLY H 94 -45.59 16.19 41.75
C GLY H 94 -46.64 16.58 42.77
N ALA H 95 -46.25 17.49 43.67
CA ALA H 95 -47.14 17.90 44.75
C ALA H 95 -48.33 18.67 44.20
N ARG H 96 -48.09 19.59 43.26
CA ARG H 96 -49.18 20.35 42.67
C ARG H 96 -50.17 19.44 41.95
N MET H 97 -49.68 18.35 41.34
CA MET H 97 -50.59 17.42 40.68
C MET H 97 -51.47 16.71 41.70
N MET H 98 -50.87 16.18 42.77
CA MET H 98 -51.64 15.47 43.78
C MET H 98 -52.62 16.39 44.51
N THR H 99 -52.20 17.63 44.79
CA THR H 99 -53.09 18.57 45.46
C THR H 99 -54.29 18.91 44.58
N ALA H 100 -54.05 19.16 43.28
CA ALA H 100 -55.17 19.40 42.38
C ALA H 100 -56.11 18.21 42.34
N ALA H 101 -55.56 17.00 42.43
CA ALA H 101 -56.40 15.80 42.41
C ALA H 101 -57.29 15.72 43.65
N ARG H 102 -56.73 16.01 44.83
CA ARG H 102 -57.52 15.98 46.05
C ARG H 102 -58.62 17.03 46.01
N GLU H 103 -58.29 18.25 45.58
CA GLU H 103 -59.28 19.32 45.54
C GLU H 103 -60.40 18.99 44.58
N ALA H 104 -60.10 18.21 43.53
CA ALA H 104 -61.14 17.77 42.61
C ALA H 104 -62.14 16.85 43.30
N LEU H 105 -61.76 16.22 44.41
CA LEU H 105 -62.66 15.32 45.12
C LEU H 105 -63.53 16.03 46.16
N LEU H 106 -63.19 17.26 46.54
CA LEU H 106 -64.01 17.98 47.51
C LEU H 106 -65.46 18.14 47.08
N PRO H 107 -65.79 18.43 45.81
CA PRO H 107 -67.21 18.55 45.44
C PRO H 107 -67.99 17.26 45.58
N PHE H 108 -67.33 16.10 45.60
CA PHE H 108 -68.03 14.84 45.71
C PHE H 108 -68.23 14.39 47.15
N GLY H 109 -67.73 15.16 48.11
CA GLY H 109 -67.99 14.90 49.52
C GLY H 109 -67.54 13.52 49.96
N LYS H 110 -68.33 12.94 50.87
CA LYS H 110 -68.00 11.64 51.45
C LYS H 110 -68.13 10.50 50.44
N ASP H 111 -68.81 10.73 49.31
CA ASP H 111 -68.90 9.71 48.27
C ASP H 111 -67.68 9.69 47.36
N ALA H 112 -66.73 10.61 47.57
CA ALA H 112 -65.53 10.64 46.75
C ALA H 112 -64.76 9.32 46.92
N PRO H 113 -64.10 8.86 45.86
CA PRO H 113 -63.24 7.68 46.01
C PRO H 113 -62.03 7.98 46.86
N LEU H 114 -61.46 6.93 47.42
CA LEU H 114 -60.16 7.04 48.07
C LEU H 114 -59.12 7.45 47.03
N LEU H 115 -58.27 8.39 47.40
CA LEU H 115 -57.25 8.93 46.49
C LEU H 115 -55.90 8.41 46.96
N ILE H 116 -55.32 7.50 46.17
CA ILE H 116 -54.10 6.80 46.50
C ILE H 116 -53.02 7.20 45.50
N ALA H 117 -51.77 7.22 45.96
CA ALA H 117 -50.66 7.55 45.08
C ALA H 117 -49.73 6.36 44.93
N VAL H 118 -49.31 6.10 43.69
CA VAL H 118 -48.26 5.12 43.43
C VAL H 118 -46.93 5.77 43.78
N THR H 119 -46.12 5.06 44.57
CA THR H 119 -44.78 5.57 44.87
C THR H 119 -43.78 5.11 43.82
N VAL H 120 -43.09 4.01 44.08
CA VAL H 120 -42.17 3.39 43.13
C VAL H 120 -42.81 2.10 42.65
N LEU H 121 -42.94 1.94 41.33
CA LEU H 121 -43.57 0.75 40.78
C LEU H 121 -42.85 -0.50 41.23
N THR H 122 -43.63 -1.54 41.56
CA THR H 122 -43.06 -2.77 42.07
C THR H 122 -42.16 -3.45 41.05
N SER H 123 -42.25 -3.05 39.78
CA SER H 123 -41.37 -3.59 38.75
C SER H 123 -40.01 -2.91 38.72
N MET H 124 -39.91 -1.70 39.27
CA MET H 124 -38.69 -0.91 39.13
C MET H 124 -37.71 -1.37 40.20
N GLU H 125 -36.54 -1.83 39.77
CA GLU H 125 -35.47 -2.15 40.69
C GLU H 125 -34.47 -1.00 40.68
N SER H 126 -33.42 -1.14 41.49
CA SER H 126 -32.44 -0.06 41.60
C SER H 126 -31.75 0.20 40.27
N SER H 127 -31.39 -0.87 39.54
CA SER H 127 -30.75 -0.71 38.24
C SER H 127 -31.71 -0.10 37.21
N ASP H 128 -33.01 -0.40 37.32
CA ASP H 128 -33.98 0.21 36.42
C ASP H 128 -34.13 1.70 36.71
N LEU H 129 -34.05 2.09 37.99
CA LEU H 129 -34.14 3.48 38.39
C LEU H 129 -32.90 4.28 38.02
N GLN H 130 -31.74 3.62 37.88
CA GLN H 130 -30.50 4.34 37.59
C GLN H 130 -30.54 4.99 36.21
N ASP H 131 -31.32 4.43 35.27
CA ASP H 131 -31.45 5.07 33.96
C ASP H 131 -32.15 6.43 34.05
N LEU H 132 -32.97 6.65 35.07
CA LEU H 132 -33.69 7.91 35.23
C LEU H 132 -32.94 8.92 36.10
N GLY H 133 -31.72 8.63 36.53
CA GLY H 133 -30.99 9.51 37.39
C GLY H 133 -31.35 9.42 38.86
N ILE H 134 -32.29 8.56 39.24
CA ILE H 134 -32.66 8.40 40.64
C ILE H 134 -31.58 7.56 41.31
N THR H 135 -30.98 8.10 42.37
CA THR H 135 -29.89 7.43 43.07
C THR H 135 -30.32 6.72 44.34
N LEU H 136 -31.52 6.99 44.85
CA LEU H 136 -32.00 6.31 46.05
C LEU H 136 -32.49 4.91 45.71
N SER H 137 -32.41 4.02 46.70
CA SER H 137 -32.94 2.68 46.55
C SER H 137 -34.45 2.74 46.29
N PRO H 138 -35.02 1.69 45.70
CA PRO H 138 -36.49 1.65 45.53
C PRO H 138 -37.24 1.94 46.82
N ALA H 139 -36.77 1.40 47.95
CA ALA H 139 -37.43 1.66 49.23
C ALA H 139 -37.27 3.11 49.66
N ASP H 140 -36.04 3.65 49.59
CA ASP H 140 -35.80 5.01 50.04
C ASP H 140 -36.54 6.03 49.19
N TYR H 141 -36.53 5.85 47.87
CA TYR H 141 -37.25 6.78 47.00
C TYR H 141 -38.76 6.69 47.23
N ALA H 142 -39.28 5.48 47.44
CA ALA H 142 -40.70 5.32 47.74
C ALA H 142 -41.06 6.05 49.03
N ALA H 143 -40.19 5.97 50.04
CA ALA H 143 -40.47 6.63 51.32
C ALA H 143 -40.60 8.14 51.14
N LYS H 144 -39.72 8.74 50.33
CA LYS H 144 -39.82 10.16 50.05
C LYS H 144 -41.16 10.48 49.38
N LEU H 145 -41.56 9.66 48.41
CA LEU H 145 -42.81 9.90 47.69
C LEU H 145 -44.02 9.67 48.59
N ALA H 146 -43.93 8.68 49.48
CA ALA H 146 -45.03 8.41 50.40
C ALA H 146 -45.25 9.59 51.35
N ALA H 147 -44.17 10.12 51.92
CA ALA H 147 -44.29 11.28 52.80
C ALA H 147 -44.87 12.47 52.05
N LEU H 148 -44.42 12.69 50.82
CA LEU H 148 -44.98 13.78 50.02
C LEU H 148 -46.46 13.56 49.77
N THR H 149 -46.86 12.31 49.51
CA THR H 149 -48.27 12.00 49.33
C THR H 149 -49.07 12.34 50.59
N GLN H 150 -48.51 12.02 51.77
CA GLN H 150 -49.21 12.35 53.00
C GLN H 150 -49.27 13.86 53.20
N ARG H 151 -48.16 14.56 52.96
CA ARG H 151 -48.15 16.02 53.11
C ARG H 151 -49.06 16.71 52.11
N CYS H 152 -49.43 16.04 51.02
CA CYS H 152 -50.40 16.61 50.08
C CYS H 152 -51.84 16.26 50.44
N GLY H 153 -52.06 15.49 51.51
CA GLY H 153 -53.40 15.21 51.97
C GLY H 153 -54.11 14.04 51.32
N LEU H 154 -53.38 13.18 50.62
CA LEU H 154 -54.02 12.02 50.00
C LEU H 154 -54.23 10.92 51.04
N ASP H 155 -55.09 9.96 50.69
CA ASP H 155 -55.54 8.97 51.65
C ASP H 155 -54.54 7.86 51.87
N GLY H 156 -53.60 7.67 50.97
CA GLY H 156 -52.63 6.61 51.13
C GLY H 156 -51.83 6.41 49.86
N VAL H 157 -51.05 5.32 49.86
CA VAL H 157 -50.15 5.01 48.76
C VAL H 157 -50.30 3.54 48.40
N VAL H 158 -49.93 3.23 47.15
CA VAL H 158 -49.67 1.86 46.73
C VAL H 158 -48.19 1.57 46.89
N CYS H 159 -47.88 0.50 47.62
CA CYS H 159 -46.50 0.11 47.82
C CYS H 159 -46.46 -1.41 47.94
N SER H 160 -45.25 -1.95 47.91
CA SER H 160 -45.03 -3.37 48.16
C SER H 160 -45.24 -3.65 49.64
N ALA H 161 -45.58 -4.91 49.95
CA ALA H 161 -45.72 -5.30 51.35
C ALA H 161 -44.41 -5.17 52.13
N GLN H 162 -43.27 -5.15 51.44
CA GLN H 162 -41.99 -4.96 52.12
C GLN H 162 -41.84 -3.58 52.74
N GLU H 163 -42.68 -2.61 52.38
CA GLU H 163 -42.64 -1.26 52.96
C GLU H 163 -43.74 -1.03 54.01
N ALA H 164 -44.52 -2.07 54.37
CA ALA H 164 -45.71 -1.85 55.19
C ALA H 164 -45.38 -1.43 56.62
N VAL H 165 -44.51 -2.18 57.31
CA VAL H 165 -44.20 -1.86 58.70
C VAL H 165 -43.55 -0.49 58.83
N ARG H 166 -42.62 -0.17 57.93
CA ARG H 166 -41.95 1.13 57.99
C ARG H 166 -42.94 2.26 57.76
N PHE H 167 -43.85 2.10 56.79
CA PHE H 167 -44.77 3.18 56.44
C PHE H 167 -45.78 3.42 57.55
N LYS H 168 -46.36 2.34 58.10
CA LYS H 168 -47.29 2.50 59.21
C LYS H 168 -46.64 3.18 60.40
N HIS H 169 -45.36 2.89 60.63
CA HIS H 169 -44.66 3.51 61.76
C HIS H 169 -44.30 4.97 61.46
N GLU H 170 -43.84 5.25 60.24
CA GLU H 170 -43.41 6.61 59.92
C GLU H 170 -44.57 7.51 59.55
N LEU H 171 -45.61 6.96 58.91
CA LEU H 171 -46.72 7.76 58.41
C LEU H 171 -48.01 7.59 59.20
N GLY H 172 -48.11 6.59 60.07
CA GLY H 172 -49.25 6.45 60.96
C GLY H 172 -50.26 5.45 60.45
N GLN H 173 -51.19 5.10 61.34
CA GLN H 173 -52.21 4.10 61.03
C GLN H 173 -53.24 4.61 60.05
N ALA H 174 -53.54 5.91 60.06
CA ALA H 174 -54.63 6.41 59.21
C ALA H 174 -54.27 6.39 57.74
N PHE H 175 -52.99 6.50 57.41
CA PHE H 175 -52.55 6.47 56.02
C PHE H 175 -52.68 5.05 55.47
N LYS H 176 -53.49 4.88 54.42
CA LYS H 176 -53.82 3.55 53.95
C LYS H 176 -52.75 3.01 53.01
N LEU H 177 -52.43 1.73 53.16
CA LEU H 177 -51.41 1.08 52.36
C LEU H 177 -52.06 -0.02 51.53
N VAL H 178 -51.93 0.07 50.21
CA VAL H 178 -52.43 -0.95 49.30
C VAL H 178 -51.23 -1.65 48.70
N THR H 179 -51.13 -2.96 48.92
CA THR H 179 -49.97 -3.75 48.50
C THR H 179 -50.42 -4.87 47.58
N PRO H 180 -49.89 -4.97 46.37
CA PRO H 180 -50.12 -6.17 45.58
C PRO H 180 -49.17 -7.29 45.99
N GLY H 181 -49.09 -8.36 45.21
CA GLY H 181 -48.22 -9.46 45.58
C GLY H 181 -48.65 -10.17 46.84
N ILE H 182 -49.95 -10.37 47.02
CA ILE H 182 -50.47 -11.04 48.21
C ILE H 182 -50.83 -12.50 47.89
N MET H 196 -45.73 -11.28 50.06
CA MET H 196 -45.83 -12.14 51.24
C MET H 196 -47.17 -12.86 51.30
N THR H 197 -47.35 -13.68 52.32
CA THR H 197 -48.62 -14.34 52.57
C THR H 197 -49.69 -13.34 53.00
N PRO H 198 -50.97 -13.68 52.79
CA PRO H 198 -52.05 -12.81 53.30
C PRO H 198 -51.99 -12.60 54.80
N GLU H 199 -51.71 -13.66 55.56
CA GLU H 199 -51.60 -13.53 57.01
C GLU H 199 -50.41 -12.66 57.39
N GLN H 200 -49.29 -12.82 56.67
CA GLN H 200 -48.12 -11.99 56.94
C GLN H 200 -48.41 -10.52 56.63
N ALA H 201 -49.13 -10.26 55.52
CA ALA H 201 -49.46 -8.89 55.17
C ALA H 201 -50.43 -8.26 56.18
N GLN H 202 -51.33 -9.07 56.74
CA GLN H 202 -52.24 -8.55 57.76
C GLN H 202 -51.48 -8.15 59.02
N GLU H 203 -50.57 -9.01 59.48
CA GLU H 203 -49.79 -8.71 60.67
C GLU H 203 -48.91 -7.49 60.48
N ALA H 204 -48.45 -7.23 59.25
CA ALA H 204 -47.60 -6.08 58.98
C ALA H 204 -48.35 -4.76 58.98
N GLY H 205 -49.69 -4.79 58.95
CA GLY H 205 -50.47 -3.58 58.96
C GLY H 205 -51.00 -3.13 57.62
N VAL H 206 -50.95 -3.98 56.59
CA VAL H 206 -51.48 -3.60 55.29
C VAL H 206 -52.99 -3.41 55.39
N ASP H 207 -53.49 -2.37 54.73
CA ASP H 207 -54.92 -2.09 54.74
C ASP H 207 -55.68 -2.86 53.67
N TYR H 208 -55.15 -2.91 52.44
CA TYR H 208 -55.81 -3.61 51.34
C TYR H 208 -54.78 -4.39 50.54
N MET H 209 -55.06 -5.67 50.33
CA MET H 209 -54.15 -6.56 49.61
C MET H 209 -54.76 -6.92 48.26
N VAL H 210 -54.00 -6.70 47.20
CA VAL H 210 -54.42 -7.00 45.84
C VAL H 210 -53.85 -8.35 45.46
N ILE H 211 -54.72 -9.29 45.06
CA ILE H 211 -54.32 -10.63 44.65
C ILE H 211 -54.87 -10.89 43.25
N GLY H 212 -54.19 -11.76 42.51
CA GLY H 212 -54.58 -12.01 41.14
C GLY H 212 -54.65 -13.48 40.74
N ARG H 213 -53.57 -13.99 40.13
CA ARG H 213 -53.52 -15.36 39.62
C ARG H 213 -53.88 -16.40 40.69
N PRO H 214 -53.49 -16.22 41.96
CA PRO H 214 -54.02 -17.13 43.00
C PRO H 214 -55.53 -17.17 43.06
N VAL H 215 -56.21 -16.06 42.79
CA VAL H 215 -57.67 -16.04 42.72
C VAL H 215 -58.17 -16.16 41.29
N THR H 216 -57.53 -15.45 40.36
CA THR H 216 -57.94 -15.49 38.96
C THR H 216 -57.66 -16.87 38.35
N ASP H 220 -61.31 -23.39 42.28
CA ASP H 220 -62.40 -22.74 43.00
C ASP H 220 -61.97 -21.40 43.58
N PRO H 221 -62.14 -20.32 42.80
CA PRO H 221 -61.79 -18.99 43.31
C PRO H 221 -62.65 -18.54 44.47
N ALA H 222 -63.96 -18.79 44.43
CA ALA H 222 -64.83 -18.39 45.52
C ALA H 222 -64.42 -19.09 46.82
N ALA H 223 -64.10 -20.38 46.73
CA ALA H 223 -63.64 -21.11 47.90
C ALA H 223 -62.30 -20.54 48.40
N THR H 224 -61.45 -20.12 47.46
CA THR H 224 -60.20 -19.47 47.85
C THR H 224 -60.46 -18.18 48.61
N LEU H 225 -61.42 -17.38 48.14
CA LEU H 225 -61.77 -16.14 48.83
C LEU H 225 -62.29 -16.40 50.23
N ARG H 226 -63.16 -17.41 50.39
CA ARG H 226 -63.72 -17.71 51.70
C ARG H 226 -62.64 -18.16 52.68
N ALA H 227 -61.64 -18.90 52.21
CA ALA H 227 -60.56 -19.34 53.10
C ALA H 227 -59.71 -18.18 53.58
N ILE H 228 -59.38 -17.24 52.70
CA ILE H 228 -58.59 -16.09 53.11
C ILE H 228 -59.41 -15.18 54.04
N ASN H 229 -60.66 -14.90 53.66
CA ASN H 229 -61.50 -13.98 54.44
C ASN H 229 -61.82 -14.53 55.83
N ASP H 230 -62.14 -15.82 55.93
CA ASP H 230 -62.46 -16.41 57.22
C ASP H 230 -61.26 -16.41 58.16
N SER H 231 -60.06 -16.66 57.62
CA SER H 231 -58.85 -16.70 58.43
C SER H 231 -58.53 -15.34 59.06
N LEU H 232 -58.84 -14.24 58.36
CA LEU H 232 -58.54 -12.93 58.91
C LEU H 232 -59.50 -12.51 60.00
N ARG H 233 -60.79 -12.84 59.86
CA ARG H 233 -61.78 -12.52 60.88
C ARG H 233 -61.45 -13.17 62.22
N HIS I 7 14.63 -14.98 -38.73
CA HIS I 7 15.16 -14.92 -37.37
C HIS I 7 14.12 -14.32 -36.41
N MET I 8 14.21 -13.00 -36.18
CA MET I 8 13.42 -12.33 -35.15
C MET I 8 11.97 -12.17 -35.58
N VAL I 9 11.04 -12.51 -34.68
CA VAL I 9 9.61 -12.32 -34.89
C VAL I 9 9.08 -11.49 -33.73
N VAL I 10 8.49 -10.34 -34.04
CA VAL I 10 8.05 -9.40 -33.02
C VAL I 10 6.57 -9.66 -32.72
N ALA I 11 6.26 -9.82 -31.43
CA ALA I 11 4.89 -10.09 -31.01
C ALA I 11 4.11 -8.79 -31.00
N LEU I 12 3.06 -8.72 -31.83
CA LEU I 12 2.17 -7.58 -31.83
C LEU I 12 1.07 -7.89 -30.83
N ASP I 13 1.25 -7.40 -29.61
CA ASP I 13 0.30 -7.64 -28.54
C ASP I 13 -0.38 -6.31 -28.20
N TYR I 14 -1.08 -5.76 -29.18
CA TYR I 14 -1.80 -4.51 -29.06
C TYR I 14 -3.30 -4.78 -28.94
N ASP I 15 -4.01 -3.82 -28.38
CA ASP I 15 -5.47 -3.85 -28.29
C ASP I 15 -6.13 -2.84 -29.22
N ASN I 16 -5.39 -2.27 -30.17
CA ASN I 16 -5.90 -1.18 -30.99
C ASN I 16 -5.23 -1.25 -32.36
N ARG I 17 -6.03 -1.18 -33.42
CA ARG I 17 -5.51 -1.35 -34.78
C ARG I 17 -4.55 -0.23 -35.15
N ASP I 18 -4.90 1.01 -34.81
CA ASP I 18 -4.04 2.15 -35.13
C ASP I 18 -2.73 2.10 -34.35
N LYS I 19 -2.79 1.74 -33.06
CA LYS I 19 -1.58 1.67 -32.25
C LYS I 19 -0.60 0.62 -32.76
N ALA I 20 -1.11 -0.55 -33.16
CA ALA I 20 -0.25 -1.60 -33.71
C ALA I 20 0.36 -1.17 -35.03
N LEU I 21 -0.46 -0.58 -35.92
CA LEU I 21 0.03 -0.13 -37.22
C LEU I 21 0.96 1.06 -37.09
N ALA I 22 0.80 1.87 -36.05
CA ALA I 22 1.74 2.97 -35.80
C ALA I 22 3.13 2.45 -35.47
N PHE I 23 3.20 1.33 -34.74
CA PHE I 23 4.50 0.71 -34.46
C PHE I 23 5.07 0.01 -35.69
N VAL I 24 4.24 -0.75 -36.40
CA VAL I 24 4.70 -1.52 -37.56
C VAL I 24 5.27 -0.59 -38.62
N ASP I 25 4.67 0.59 -38.79
CA ASP I 25 5.16 1.57 -39.75
C ASP I 25 6.52 2.13 -39.36
N ARG I 26 6.97 1.93 -38.11
CA ARG I 26 8.27 2.42 -37.67
C ARG I 26 9.40 1.44 -37.96
N ILE I 27 9.09 0.21 -38.35
CA ILE I 27 10.12 -0.79 -38.61
C ILE I 27 10.00 -1.27 -40.04
N ASP I 28 10.93 -2.14 -40.46
CA ASP I 28 10.99 -2.55 -41.85
C ASP I 28 10.86 -4.07 -41.97
N PRO I 29 10.19 -4.56 -43.02
CA PRO I 29 10.06 -6.02 -43.18
C PRO I 29 11.38 -6.75 -43.27
N ARG I 30 12.46 -6.09 -43.74
CA ARG I 30 13.77 -6.72 -43.74
C ARG I 30 14.32 -6.89 -42.34
N ASP I 31 13.77 -6.17 -41.36
CA ASP I 31 14.25 -6.25 -39.99
C ASP I 31 13.69 -7.47 -39.25
N CYS I 32 12.46 -7.88 -39.54
CA CYS I 32 11.80 -8.90 -38.73
C CYS I 32 10.53 -9.39 -39.41
N ARG I 33 10.02 -10.52 -38.89
CA ARG I 33 8.66 -10.99 -39.13
C ARG I 33 7.77 -10.60 -37.95
N LEU I 34 6.47 -10.73 -38.14
CA LEU I 34 5.48 -10.28 -37.16
C LEU I 34 4.64 -11.45 -36.67
N LYS I 35 4.27 -11.43 -35.39
CA LYS I 35 3.44 -12.45 -34.78
C LYS I 35 2.08 -11.87 -34.38
N VAL I 36 1.01 -12.50 -34.86
CA VAL I 36 -0.36 -12.16 -34.52
C VAL I 36 -0.96 -13.29 -33.69
N GLY I 37 -1.42 -12.97 -32.48
CA GLY I 37 -1.92 -13.95 -31.55
C GLY I 37 -3.43 -13.90 -31.36
N LYS I 38 -3.89 -14.64 -30.34
CA LYS I 38 -5.32 -14.74 -30.06
C LYS I 38 -5.94 -13.39 -29.75
N GLU I 39 -5.22 -12.52 -29.04
CA GLU I 39 -5.79 -11.25 -28.61
C GLU I 39 -6.11 -10.36 -29.81
N MET I 40 -5.11 -10.08 -30.64
CA MET I 40 -5.34 -9.20 -31.79
C MET I 40 -6.25 -9.83 -32.84
N PHE I 41 -6.19 -11.16 -32.99
CA PHE I 41 -7.03 -11.82 -33.97
C PHE I 41 -8.50 -11.77 -33.59
N THR I 42 -8.79 -11.90 -32.30
CA THR I 42 -10.17 -11.83 -31.85
C THR I 42 -10.74 -10.42 -32.03
N LEU I 43 -9.89 -9.39 -32.01
CA LEU I 43 -10.36 -8.03 -32.17
C LEU I 43 -10.52 -7.63 -33.65
N LEU I 44 -9.61 -8.07 -34.52
CA LEU I 44 -9.58 -7.56 -35.88
C LEU I 44 -9.82 -8.60 -36.96
N GLY I 45 -9.46 -9.87 -36.73
CA GLY I 45 -9.69 -10.93 -37.70
C GLY I 45 -8.71 -10.96 -38.85
N PRO I 46 -9.08 -11.65 -39.93
CA PRO I 46 -8.13 -11.89 -41.03
C PRO I 46 -7.69 -10.62 -41.72
N GLN I 47 -8.49 -9.55 -41.65
CA GLN I 47 -8.14 -8.32 -42.32
C GLN I 47 -6.81 -7.76 -41.80
N PHE I 48 -6.53 -7.95 -40.50
CA PHE I 48 -5.28 -7.47 -39.94
C PHE I 48 -4.07 -8.18 -40.54
N VAL I 49 -4.18 -9.49 -40.76
CA VAL I 49 -3.09 -10.22 -41.42
C VAL I 49 -2.86 -9.67 -42.83
N ARG I 50 -3.93 -9.36 -43.55
CA ARG I 50 -3.81 -8.80 -44.88
C ARG I 50 -3.10 -7.44 -44.85
N ASP I 51 -3.39 -6.63 -43.84
CA ASP I 51 -2.73 -5.34 -43.69
C ASP I 51 -1.22 -5.48 -43.53
N LEU I 52 -0.78 -6.49 -42.77
CA LEU I 52 0.66 -6.73 -42.60
C LEU I 52 1.29 -7.23 -43.88
N HIS I 53 0.57 -8.06 -44.63
CA HIS I 53 1.06 -8.52 -45.93
C HIS I 53 1.19 -7.35 -46.91
N GLN I 54 0.25 -6.41 -46.86
CA GLN I 54 0.33 -5.21 -47.69
C GLN I 54 1.54 -4.34 -47.35
N ARG I 55 2.06 -4.46 -46.11
CA ARG I 55 3.24 -3.74 -45.67
C ARG I 55 4.53 -4.54 -45.84
N GLY I 56 4.46 -5.76 -46.38
CA GLY I 56 5.64 -6.53 -46.73
C GLY I 56 6.14 -7.50 -45.69
N PHE I 57 5.40 -7.70 -44.60
CA PHE I 57 5.81 -8.59 -43.53
C PHE I 57 5.20 -9.99 -43.69
N GLU I 58 5.96 -10.99 -43.29
CA GLU I 58 5.43 -12.35 -43.12
C GLU I 58 4.92 -12.50 -41.69
N VAL I 59 3.79 -13.21 -41.55
CA VAL I 59 3.02 -13.22 -40.30
C VAL I 59 3.00 -14.62 -39.72
N PHE I 60 3.28 -14.72 -38.42
CA PHE I 60 3.08 -15.94 -37.64
C PHE I 60 1.71 -15.88 -36.98
N LEU I 61 0.78 -16.70 -37.45
CA LEU I 61 -0.54 -16.80 -36.84
C LEU I 61 -0.45 -17.72 -35.62
N ASP I 62 -0.50 -17.13 -34.42
CA ASP I 62 -0.29 -17.85 -33.16
C ASP I 62 -1.63 -18.03 -32.46
N LEU I 63 -2.45 -18.93 -32.98
CA LEU I 63 -3.77 -19.16 -32.40
C LEU I 63 -3.88 -20.44 -31.59
N LYS I 64 -2.86 -21.30 -31.60
CA LYS I 64 -2.76 -22.49 -30.75
C LYS I 64 -4.02 -23.36 -30.83
N PHE I 65 -4.40 -23.70 -32.06
CA PHE I 65 -5.57 -24.53 -32.31
C PHE I 65 -5.56 -25.85 -31.52
N HIS I 66 -6.67 -26.13 -30.85
CA HIS I 66 -6.80 -27.36 -30.06
C HIS I 66 -8.26 -27.80 -30.18
N ASP I 67 -8.53 -28.69 -31.13
CA ASP I 67 -9.89 -29.10 -31.46
C ASP I 67 -9.86 -30.55 -31.90
N ILE I 68 -11.01 -31.05 -32.36
CA ILE I 68 -11.10 -32.40 -32.91
C ILE I 68 -10.29 -32.46 -34.19
N PRO I 69 -9.83 -33.66 -34.63
CA PRO I 69 -8.99 -33.71 -35.84
C PRO I 69 -9.64 -33.06 -37.04
N ASN I 70 -10.93 -33.33 -37.27
CA ASN I 70 -11.62 -32.78 -38.44
C ASN I 70 -11.67 -31.26 -38.39
N THR I 71 -12.03 -30.69 -37.23
CA THR I 71 -12.13 -29.23 -37.11
C THR I 71 -10.75 -28.57 -37.21
N THR I 72 -9.73 -29.18 -36.59
CA THR I 72 -8.39 -28.61 -36.64
C THR I 72 -7.88 -28.50 -38.07
N ALA I 73 -8.15 -29.53 -38.89
CA ALA I 73 -7.73 -29.49 -40.28
C ALA I 73 -8.37 -28.32 -41.01
N ARG I 74 -9.66 -28.08 -40.76
CA ARG I 74 -10.35 -26.98 -41.43
C ARG I 74 -9.82 -25.62 -41.01
N ALA I 75 -9.40 -25.48 -39.75
CA ALA I 75 -8.87 -24.18 -39.30
C ALA I 75 -7.49 -23.90 -39.89
N VAL I 76 -6.61 -24.91 -39.90
CA VAL I 76 -5.28 -24.74 -40.48
C VAL I 76 -5.37 -24.50 -41.99
N ALA I 77 -6.30 -25.20 -42.65
CA ALA I 77 -6.49 -24.97 -44.07
C ALA I 77 -6.95 -23.54 -44.34
N ALA I 78 -7.80 -23.01 -43.45
CA ALA I 78 -8.22 -21.61 -43.58
C ALA I 78 -7.04 -20.65 -43.44
N ALA I 79 -6.13 -20.94 -42.51
CA ALA I 79 -4.96 -20.08 -42.31
C ALA I 79 -4.08 -20.06 -43.56
N ALA I 80 -3.96 -21.19 -44.24
CA ALA I 80 -3.22 -21.23 -45.50
C ALA I 80 -3.90 -20.37 -46.55
N GLU I 81 -5.23 -20.38 -46.58
CA GLU I 81 -5.96 -19.50 -47.50
C GLU I 81 -5.63 -18.03 -47.24
N LEU I 82 -5.30 -17.68 -46.00
CA LEU I 82 -4.89 -16.31 -45.67
C LEU I 82 -3.46 -16.01 -46.08
N GLY I 83 -2.68 -17.05 -46.40
CA GLY I 83 -1.32 -16.90 -46.87
C GLY I 83 -0.30 -16.62 -45.78
N VAL I 84 -0.60 -16.96 -44.53
CA VAL I 84 0.34 -16.65 -43.45
C VAL I 84 1.57 -17.56 -43.55
N TRP I 85 2.66 -17.10 -42.94
CA TRP I 85 3.94 -17.80 -43.01
C TRP I 85 4.02 -18.99 -42.05
N MET I 86 3.31 -18.93 -40.93
CA MET I 86 3.36 -20.00 -39.93
C MET I 86 2.06 -20.05 -39.14
N VAL I 87 1.67 -21.26 -38.74
CA VAL I 87 0.46 -21.50 -37.95
C VAL I 87 0.73 -22.63 -36.98
N ASN I 88 0.08 -22.60 -35.81
CA ASN I 88 0.37 -23.56 -34.76
C ASN I 88 -0.89 -24.23 -34.22
N VAL I 89 -0.67 -25.38 -33.58
CA VAL I 89 -1.70 -26.17 -32.92
C VAL I 89 -1.15 -26.67 -31.58
N HIS I 90 -2.03 -27.25 -30.78
CA HIS I 90 -1.65 -27.87 -29.51
C HIS I 90 -1.26 -29.33 -29.75
N ALA I 91 -0.01 -29.68 -29.44
CA ALA I 91 0.41 -31.07 -29.58
C ALA I 91 -0.40 -32.00 -28.70
N SER I 92 -0.90 -31.50 -27.56
CA SER I 92 -1.75 -32.28 -26.68
C SER I 92 -3.15 -32.50 -27.24
N GLY I 93 -3.42 -32.05 -28.46
CA GLY I 93 -4.64 -32.41 -29.17
C GLY I 93 -4.66 -33.86 -29.65
N GLY I 94 -3.52 -34.52 -29.68
CA GLY I 94 -3.42 -35.94 -30.00
C GLY I 94 -2.78 -36.17 -31.35
N ALA I 95 -2.35 -37.42 -31.55
CA ALA I 95 -1.62 -37.78 -32.77
C ALA I 95 -2.52 -37.69 -34.00
N ARG I 96 -3.74 -38.21 -33.92
CA ARG I 96 -4.65 -38.14 -35.06
C ARG I 96 -4.99 -36.71 -35.43
N MET I 97 -5.07 -35.81 -34.43
CA MET I 97 -5.38 -34.42 -34.72
C MET I 97 -4.23 -33.74 -35.47
N MET I 98 -3.00 -33.88 -34.98
CA MET I 98 -1.88 -33.24 -35.63
C MET I 98 -1.68 -33.81 -37.04
N THR I 99 -1.91 -35.12 -37.19
CA THR I 99 -1.80 -35.74 -38.50
C THR I 99 -2.81 -35.18 -39.48
N ALA I 100 -4.06 -35.01 -39.04
CA ALA I 100 -5.08 -34.41 -39.89
C ALA I 100 -4.70 -33.00 -40.31
N ALA I 101 -4.04 -32.25 -39.43
CA ALA I 101 -3.66 -30.88 -39.75
C ALA I 101 -2.64 -30.85 -40.90
N ARG I 102 -1.63 -31.72 -40.85
CA ARG I 102 -0.65 -31.75 -41.93
C ARG I 102 -1.28 -32.18 -43.25
N GLU I 103 -2.18 -33.17 -43.22
CA GLU I 103 -2.86 -33.60 -44.44
C GLU I 103 -3.69 -32.47 -45.03
N ALA I 104 -4.19 -31.55 -44.19
CA ALA I 104 -4.94 -30.41 -44.69
C ALA I 104 -4.10 -29.44 -45.51
N LEU I 105 -2.78 -29.43 -45.33
CA LEU I 105 -1.91 -28.53 -46.07
C LEU I 105 -1.40 -29.12 -47.38
N LEU I 106 -1.59 -30.42 -47.60
CA LEU I 106 -1.16 -31.04 -48.86
C LEU I 106 -1.68 -30.33 -50.10
N PRO I 107 -2.93 -29.84 -50.16
CA PRO I 107 -3.36 -29.12 -51.36
C PRO I 107 -2.61 -27.81 -51.62
N PHE I 108 -1.98 -27.21 -50.62
CA PHE I 108 -1.32 -25.93 -50.84
C PHE I 108 0.14 -26.06 -51.26
N GLY I 109 0.67 -27.29 -51.31
CA GLY I 109 2.01 -27.50 -51.82
C GLY I 109 3.06 -26.72 -51.05
N LYS I 110 4.06 -26.22 -51.78
CA LYS I 110 5.17 -25.49 -51.17
C LYS I 110 4.74 -24.15 -50.60
N ASP I 111 3.58 -23.64 -50.99
CA ASP I 111 3.08 -22.37 -50.45
C ASP I 111 2.39 -22.54 -49.10
N ALA I 112 2.25 -23.77 -48.61
CA ALA I 112 1.62 -23.99 -47.33
C ALA I 112 2.42 -23.32 -46.22
N PRO I 113 1.76 -22.81 -45.18
CA PRO I 113 2.49 -22.29 -44.03
C PRO I 113 3.18 -23.40 -43.26
N LEU I 114 4.22 -23.01 -42.52
CA LEU I 114 4.86 -23.92 -41.59
C LEU I 114 3.87 -24.33 -40.50
N LEU I 115 3.86 -25.61 -40.16
CA LEU I 115 2.93 -26.17 -39.18
C LEU I 115 3.67 -26.51 -37.90
N ILE I 116 3.39 -25.75 -36.85
CA ILE I 116 4.08 -25.86 -35.57
C ILE I 116 3.10 -26.37 -34.53
N ALA I 117 3.61 -27.09 -33.54
CA ALA I 117 2.80 -27.56 -32.43
C ALA I 117 3.30 -26.91 -31.14
N VAL I 118 2.35 -26.51 -30.32
CA VAL I 118 2.65 -26.07 -28.96
C VAL I 118 2.86 -27.30 -28.10
N THR I 119 3.95 -27.30 -27.32
CA THR I 119 4.15 -28.40 -26.38
C THR I 119 3.48 -28.03 -25.06
N VAL I 120 4.27 -27.51 -24.12
CA VAL I 120 3.79 -27.04 -22.82
C VAL I 120 3.86 -25.53 -22.81
N LEU I 121 2.74 -24.89 -22.48
CA LEU I 121 2.70 -23.43 -22.43
C LEU I 121 3.72 -22.91 -21.43
N THR I 122 4.37 -21.80 -21.79
CA THR I 122 5.46 -21.25 -20.98
C THR I 122 5.01 -20.83 -19.59
N SER I 123 3.70 -20.68 -19.37
CA SER I 123 3.18 -20.34 -18.05
C SER I 123 2.96 -21.55 -17.15
N MET I 124 2.87 -22.75 -17.71
CA MET I 124 2.50 -23.91 -16.90
C MET I 124 3.71 -24.45 -16.16
N GLU I 125 3.61 -24.48 -14.83
CA GLU I 125 4.61 -25.06 -13.95
C GLU I 125 4.14 -26.44 -13.48
N SER I 126 4.98 -27.09 -12.67
CA SER I 126 4.70 -28.44 -12.22
C SER I 126 3.41 -28.50 -11.40
N SER I 127 3.18 -27.52 -10.53
CA SER I 127 1.97 -27.51 -9.72
C SER I 127 0.70 -27.36 -10.56
N ASP I 128 0.78 -26.62 -11.67
CA ASP I 128 -0.38 -26.48 -12.54
C ASP I 128 -0.73 -27.79 -13.21
N LEU I 129 0.28 -28.54 -13.66
CA LEU I 129 0.04 -29.82 -14.30
C LEU I 129 -0.33 -30.90 -13.29
N GLN I 130 0.12 -30.78 -12.03
CA GLN I 130 -0.19 -31.80 -11.04
C GLN I 130 -1.68 -31.83 -10.74
N ASP I 131 -2.36 -30.69 -10.83
CA ASP I 131 -3.82 -30.68 -10.72
C ASP I 131 -4.47 -31.40 -11.88
N LEU I 132 -3.78 -31.48 -13.03
CA LEU I 132 -4.24 -32.21 -14.20
C LEU I 132 -3.72 -33.64 -14.25
N GLY I 133 -3.02 -34.10 -13.22
CA GLY I 133 -2.45 -35.44 -13.18
C GLY I 133 -1.14 -35.64 -13.89
N ILE I 134 -0.56 -34.61 -14.50
CA ILE I 134 0.72 -34.77 -15.19
C ILE I 134 1.83 -34.82 -14.15
N THR I 135 2.60 -35.91 -14.16
CA THR I 135 3.68 -36.10 -13.20
C THR I 135 5.06 -35.81 -13.77
N LEU I 136 5.20 -35.70 -15.09
CA LEU I 136 6.48 -35.41 -15.70
C LEU I 136 6.82 -33.93 -15.54
N SER I 137 8.13 -33.64 -15.48
CA SER I 137 8.58 -32.26 -15.43
C SER I 137 8.17 -31.53 -16.70
N PRO I 138 8.07 -30.20 -16.65
CA PRO I 138 7.82 -29.45 -17.89
C PRO I 138 8.79 -29.80 -18.99
N ALA I 139 10.07 -29.98 -18.65
CA ALA I 139 11.08 -30.34 -19.63
C ALA I 139 10.81 -31.71 -20.24
N ASP I 140 10.60 -32.72 -19.39
CA ASP I 140 10.39 -34.07 -19.87
C ASP I 140 9.09 -34.19 -20.66
N TYR I 141 8.03 -33.56 -20.17
CA TYR I 141 6.75 -33.63 -20.88
C TYR I 141 6.81 -32.89 -22.22
N ALA I 142 7.49 -31.74 -22.25
CA ALA I 142 7.65 -31.03 -23.51
C ALA I 142 8.43 -31.86 -24.51
N ALA I 143 9.47 -32.56 -24.04
CA ALA I 143 10.24 -33.41 -24.94
C ALA I 143 9.38 -34.52 -25.52
N LYS I 144 8.53 -35.14 -24.70
CA LYS I 144 7.61 -36.15 -25.20
C LYS I 144 6.68 -35.57 -26.26
N LEU I 145 6.14 -34.37 -26.02
CA LEU I 145 5.24 -33.76 -26.97
C LEU I 145 5.97 -33.32 -28.23
N ALA I 146 7.20 -32.85 -28.08
CA ALA I 146 8.00 -32.48 -29.25
C ALA I 146 8.28 -33.71 -30.11
N ALA I 147 8.68 -34.81 -29.47
CA ALA I 147 8.93 -36.04 -30.21
C ALA I 147 7.67 -36.53 -30.92
N LEU I 148 6.52 -36.43 -30.24
CA LEU I 148 5.27 -36.81 -30.89
C LEU I 148 4.98 -35.93 -32.10
N THR I 149 5.25 -34.62 -31.97
CA THR I 149 5.00 -33.68 -33.06
C THR I 149 5.81 -34.04 -34.30
N GLN I 150 7.07 -34.41 -34.12
CA GLN I 150 7.90 -34.78 -35.26
C GLN I 150 7.38 -36.04 -35.94
N ARG I 151 6.98 -37.04 -35.15
CA ARG I 151 6.44 -38.26 -35.74
C ARG I 151 5.11 -38.01 -36.46
N CYS I 152 4.44 -36.90 -36.17
CA CYS I 152 3.24 -36.57 -36.90
C CYS I 152 3.54 -35.78 -38.16
N GLY I 153 4.80 -35.46 -38.42
CA GLY I 153 5.19 -34.78 -39.64
C GLY I 153 5.09 -33.28 -39.59
N LEU I 154 4.99 -32.69 -38.41
CA LEU I 154 4.92 -31.24 -38.39
C LEU I 154 6.31 -30.64 -38.56
N ASP I 155 6.33 -29.34 -38.84
CA ASP I 155 7.58 -28.67 -39.19
C ASP I 155 8.41 -28.32 -37.97
N GLY I 156 7.82 -28.28 -36.78
CA GLY I 156 8.55 -27.93 -35.58
C GLY I 156 7.60 -27.68 -34.42
N VAL I 157 8.18 -27.15 -33.34
CA VAL I 157 7.45 -26.89 -32.11
C VAL I 157 7.79 -25.49 -31.60
N VAL I 158 6.92 -24.97 -30.74
CA VAL I 158 7.26 -23.83 -29.88
C VAL I 158 7.85 -24.40 -28.60
N CYS I 159 9.03 -23.91 -28.23
CA CYS I 159 9.69 -24.43 -27.04
C CYS I 159 10.51 -23.34 -26.37
N SER I 160 10.99 -23.66 -25.17
CA SER I 160 11.92 -22.81 -24.44
C SER I 160 13.30 -22.85 -25.09
N ALA I 161 14.01 -21.72 -25.00
CA ALA I 161 15.38 -21.69 -25.50
C ALA I 161 16.30 -22.62 -24.72
N GLN I 162 15.95 -22.93 -23.46
CA GLN I 162 16.73 -23.86 -22.66
C GLN I 162 16.66 -25.29 -23.19
N GLU I 163 15.71 -25.57 -24.08
CA GLU I 163 15.56 -26.88 -24.69
C GLU I 163 16.10 -26.92 -26.11
N ALA I 164 16.68 -25.81 -26.60
CA ALA I 164 17.05 -25.72 -28.01
C ALA I 164 18.18 -26.68 -28.36
N VAL I 165 19.26 -26.67 -27.58
CA VAL I 165 20.40 -27.55 -27.85
C VAL I 165 19.97 -29.01 -27.77
N ARG I 166 19.17 -29.35 -26.75
CA ARG I 166 18.69 -30.71 -26.61
C ARG I 166 17.81 -31.11 -27.79
N PHE I 167 16.88 -30.22 -28.17
CA PHE I 167 15.95 -30.57 -29.24
C PHE I 167 16.67 -30.68 -30.57
N LYS I 168 17.56 -29.73 -30.88
CA LYS I 168 18.31 -29.79 -32.12
C LYS I 168 19.15 -31.05 -32.20
N HIS I 169 19.71 -31.48 -31.08
CA HIS I 169 20.50 -32.71 -31.11
C HIS I 169 19.62 -33.94 -31.21
N GLU I 170 18.50 -33.97 -30.49
CA GLU I 170 17.65 -35.14 -30.48
C GLU I 170 16.71 -35.19 -31.68
N LEU I 171 16.23 -34.05 -32.15
CA LEU I 171 15.24 -34.02 -33.22
C LEU I 171 15.83 -33.56 -34.55
N GLY I 172 17.02 -33.00 -34.57
CA GLY I 172 17.71 -32.68 -35.81
C GLY I 172 17.61 -31.21 -36.19
N GLN I 173 18.43 -30.86 -37.19
CA GLN I 173 18.47 -29.47 -37.66
C GLN I 173 17.19 -29.11 -38.42
N ALA I 174 16.58 -30.08 -39.11
CA ALA I 174 15.40 -29.77 -39.93
C ALA I 174 14.19 -29.41 -39.08
N PHE I 175 14.12 -29.92 -37.86
CA PHE I 175 12.99 -29.62 -36.99
C PHE I 175 13.11 -28.18 -36.48
N LYS I 176 12.09 -27.36 -36.75
CA LYS I 176 12.16 -25.93 -36.45
C LYS I 176 11.74 -25.67 -35.01
N LEU I 177 12.46 -24.77 -34.35
CA LEU I 177 12.20 -24.40 -32.97
C LEU I 177 11.82 -22.93 -32.91
N VAL I 178 10.64 -22.64 -32.40
CA VAL I 178 10.15 -21.27 -32.21
C VAL I 178 10.13 -20.97 -30.72
N THR I 179 10.88 -19.96 -30.30
CA THR I 179 11.04 -19.65 -28.88
C THR I 179 10.59 -18.21 -28.61
N PRO I 180 9.63 -17.98 -27.71
CA PRO I 180 9.40 -16.60 -27.25
C PRO I 180 10.35 -16.22 -26.13
N GLY I 181 10.10 -15.09 -25.48
CA GLY I 181 10.94 -14.67 -24.37
C GLY I 181 12.38 -14.32 -24.65
N ILE I 182 12.66 -13.59 -25.72
CA ILE I 182 14.03 -13.20 -26.06
C ILE I 182 14.22 -11.76 -25.63
N ARG I 183 15.11 -11.54 -24.68
CA ARG I 183 15.38 -10.20 -24.14
C ARG I 183 16.86 -9.86 -24.29
N PRO I 184 17.22 -8.90 -25.16
CA PRO I 184 18.61 -8.49 -25.40
C PRO I 184 19.20 -7.70 -24.24
N MET I 196 16.77 -15.99 -21.98
CA MET I 196 17.94 -16.16 -22.83
C MET I 196 18.13 -14.97 -23.75
N THR I 197 19.38 -14.54 -23.91
CA THR I 197 19.69 -13.50 -24.87
C THR I 197 19.53 -14.00 -26.29
N PRO I 198 19.29 -13.10 -27.25
CA PRO I 198 19.24 -13.52 -28.65
C PRO I 198 20.52 -14.16 -29.17
N GLU I 199 21.69 -13.62 -28.81
CA GLU I 199 22.94 -14.19 -29.29
C GLU I 199 23.17 -15.59 -28.72
N GLN I 200 22.88 -15.78 -27.43
CA GLN I 200 23.01 -17.12 -26.84
C GLN I 200 22.00 -18.08 -27.46
N ALA I 201 20.77 -17.61 -27.70
CA ALA I 201 19.77 -18.47 -28.31
C ALA I 201 20.15 -18.85 -29.73
N GLN I 202 20.84 -17.96 -30.45
CA GLN I 202 21.34 -18.32 -31.78
C GLN I 202 22.35 -19.46 -31.67
N GLU I 203 23.31 -19.34 -30.74
CA GLU I 203 24.26 -20.43 -30.53
C GLU I 203 23.55 -21.68 -30.06
N ALA I 204 22.45 -21.54 -29.33
CA ALA I 204 21.68 -22.68 -28.86
C ALA I 204 20.91 -23.38 -29.98
N GLY I 205 20.79 -22.74 -31.15
CA GLY I 205 20.14 -23.34 -32.29
C GLY I 205 18.70 -22.95 -32.54
N VAL I 206 18.20 -21.89 -31.90
CA VAL I 206 16.82 -21.48 -32.14
C VAL I 206 16.65 -21.04 -33.59
N ASP I 207 15.55 -21.47 -34.21
CA ASP I 207 15.26 -21.08 -35.58
C ASP I 207 14.53 -19.76 -35.66
N TYR I 208 13.54 -19.57 -34.79
CA TYR I 208 12.76 -18.34 -34.79
C TYR I 208 12.57 -17.89 -33.35
N MET I 209 12.94 -16.65 -33.08
CA MET I 209 12.88 -16.07 -31.75
C MET I 209 11.78 -15.03 -31.74
N VAL I 210 10.86 -15.15 -30.78
CA VAL I 210 9.77 -14.20 -30.63
C VAL I 210 10.18 -13.20 -29.55
N ILE I 211 10.19 -11.92 -29.92
CA ILE I 211 10.54 -10.83 -29.01
C ILE I 211 9.40 -9.83 -29.00
N GLY I 212 9.04 -9.34 -27.81
CA GLY I 212 7.86 -8.51 -27.65
C GLY I 212 8.11 -7.12 -27.10
N ARG I 213 8.30 -7.02 -25.80
CA ARG I 213 8.44 -5.73 -25.12
C ARG I 213 9.78 -5.04 -25.39
N PRO I 214 10.92 -5.76 -25.46
CA PRO I 214 12.17 -5.08 -25.79
C PRO I 214 12.18 -4.41 -27.16
N VAL I 215 11.28 -4.77 -28.06
CA VAL I 215 11.18 -4.14 -29.37
C VAL I 215 10.02 -3.15 -29.43
N THR I 216 8.81 -3.61 -29.08
CA THR I 216 7.63 -2.77 -29.26
C THR I 216 7.68 -1.53 -28.35
N GLN I 217 8.11 -1.69 -27.10
CA GLN I 217 8.17 -0.59 -26.15
C GLN I 217 9.48 0.19 -26.23
N SER I 218 10.22 0.07 -27.33
CA SER I 218 11.49 0.77 -27.49
C SER I 218 11.24 2.20 -27.97
N ALA I 219 12.24 3.06 -27.72
CA ALA I 219 12.17 4.44 -28.20
C ALA I 219 12.41 4.54 -29.70
N ASP I 220 13.27 3.68 -30.24
CA ASP I 220 13.48 3.55 -31.69
C ASP I 220 13.41 2.07 -32.00
N PRO I 221 12.21 1.55 -32.32
CA PRO I 221 12.06 0.09 -32.49
C PRO I 221 12.86 -0.49 -33.65
N ALA I 222 12.89 0.20 -34.80
CA ALA I 222 13.64 -0.31 -35.94
C ALA I 222 15.13 -0.40 -35.65
N ALA I 223 15.69 0.62 -34.99
CA ALA I 223 17.12 0.60 -34.67
C ALA I 223 17.47 -0.53 -33.72
N THR I 224 16.61 -0.81 -32.74
CA THR I 224 16.83 -1.95 -31.85
C THR I 224 16.82 -3.26 -32.64
N LEU I 225 15.87 -3.41 -33.57
CA LEU I 225 15.83 -4.59 -34.42
C LEU I 225 17.10 -4.70 -35.25
N ARG I 226 17.54 -3.58 -35.84
CA ARG I 226 18.76 -3.59 -36.64
C ARG I 226 19.98 -3.88 -35.78
N ALA I 227 19.98 -3.39 -34.53
CA ALA I 227 21.09 -3.65 -33.62
C ALA I 227 21.16 -5.12 -33.23
N ILE I 228 20.01 -5.74 -32.95
CA ILE I 228 19.99 -7.16 -32.62
C ILE I 228 20.40 -8.00 -33.83
N ASN I 229 19.89 -7.66 -35.02
CA ASN I 229 20.19 -8.43 -36.22
C ASN I 229 21.68 -8.41 -36.54
N ASP I 230 22.34 -7.26 -36.36
CA ASP I 230 23.76 -7.15 -36.66
C ASP I 230 24.60 -8.04 -35.74
N SER I 231 24.26 -8.09 -34.45
CA SER I 231 25.00 -8.92 -33.50
C SER I 231 24.86 -10.39 -33.82
N LEU I 232 23.71 -10.81 -34.36
CA LEU I 232 23.53 -12.21 -34.70
C LEU I 232 24.32 -12.57 -35.94
N ARG I 233 24.37 -11.67 -36.92
CA ARG I 233 25.24 -11.89 -38.09
C ARG I 233 26.70 -11.95 -37.67
N LYS I 234 27.08 -11.22 -36.64
CA LYS I 234 28.44 -11.23 -36.11
C LYS I 234 28.61 -12.31 -35.04
N MET J 8 -31.11 -25.25 -28.53
CA MET J 8 -30.62 -25.88 -29.74
C MET J 8 -29.67 -24.95 -30.51
N VAL J 9 -28.38 -25.29 -30.51
CA VAL J 9 -27.35 -24.52 -31.20
C VAL J 9 -26.93 -25.28 -32.45
N VAL J 10 -26.77 -24.55 -33.55
CA VAL J 10 -26.35 -25.12 -34.83
C VAL J 10 -24.90 -24.72 -35.10
N ALA J 11 -24.08 -25.67 -35.51
CA ALA J 11 -22.70 -25.41 -35.88
C ALA J 11 -22.65 -25.01 -37.36
N LEU J 12 -22.28 -23.75 -37.62
CA LEU J 12 -22.15 -23.25 -38.98
C LEU J 12 -20.65 -23.24 -39.33
N ASP J 13 -20.17 -24.37 -39.84
CA ASP J 13 -18.77 -24.54 -40.21
C ASP J 13 -18.71 -24.58 -41.74
N TYR J 14 -18.61 -23.41 -42.35
CA TYR J 14 -18.66 -23.27 -43.79
C TYR J 14 -17.36 -22.67 -44.33
N ASP J 15 -17.10 -22.95 -45.61
CA ASP J 15 -15.96 -22.40 -46.32
C ASP J 15 -16.32 -21.20 -47.18
N ASN J 16 -17.52 -20.63 -46.99
CA ASN J 16 -18.00 -19.52 -47.79
C ASN J 16 -19.07 -18.77 -47.01
N ARG J 17 -19.03 -17.44 -47.08
CA ARG J 17 -19.97 -16.61 -46.32
C ARG J 17 -21.36 -16.62 -46.94
N ASP J 18 -21.44 -16.65 -48.27
CA ASP J 18 -22.75 -16.72 -48.92
C ASP J 18 -23.40 -18.07 -48.68
N LYS J 19 -22.60 -19.15 -48.67
CA LYS J 19 -23.16 -20.49 -48.47
C LYS J 19 -23.79 -20.61 -47.09
N ALA J 20 -23.12 -20.10 -46.06
CA ALA J 20 -23.61 -20.23 -44.69
C ALA J 20 -24.72 -19.23 -44.39
N LEU J 21 -24.57 -17.97 -44.84
CA LEU J 21 -25.64 -17.00 -44.63
C LEU J 21 -26.92 -17.42 -45.34
N ALA J 22 -26.79 -18.17 -46.44
CA ALA J 22 -27.98 -18.71 -47.09
C ALA J 22 -28.68 -19.73 -46.20
N PHE J 23 -27.92 -20.43 -45.35
CA PHE J 23 -28.53 -21.30 -44.35
C PHE J 23 -29.07 -20.51 -43.17
N VAL J 24 -28.48 -19.35 -42.87
CA VAL J 24 -28.96 -18.54 -41.75
C VAL J 24 -30.22 -17.78 -42.12
N ASP J 25 -30.36 -17.37 -43.39
CA ASP J 25 -31.54 -16.63 -43.82
C ASP J 25 -32.78 -17.50 -43.97
N ARG J 26 -32.64 -18.82 -43.91
CA ARG J 26 -33.77 -19.74 -43.99
C ARG J 26 -34.27 -20.19 -42.63
N ILE J 27 -33.58 -19.83 -41.55
CA ILE J 27 -33.96 -20.22 -40.21
C ILE J 27 -34.35 -18.97 -39.43
N ASP J 28 -35.15 -19.17 -38.39
CA ASP J 28 -35.54 -18.01 -37.61
C ASP J 28 -34.69 -17.87 -36.37
N PRO J 29 -34.44 -16.65 -35.91
CA PRO J 29 -33.70 -16.47 -34.64
C PRO J 29 -34.43 -17.09 -33.46
N ARG J 30 -35.76 -17.04 -33.45
CA ARG J 30 -36.58 -17.65 -32.41
C ARG J 30 -36.65 -19.17 -32.50
N ASP J 31 -35.84 -19.78 -33.37
CA ASP J 31 -35.83 -21.22 -33.53
C ASP J 31 -34.56 -21.89 -33.01
N CYS J 32 -33.42 -21.18 -33.01
CA CYS J 32 -32.15 -21.78 -32.62
C CYS J 32 -31.13 -20.67 -32.41
N ARG J 33 -30.00 -21.06 -31.82
CA ARG J 33 -28.81 -20.23 -31.71
C ARG J 33 -27.70 -20.84 -32.54
N LEU J 34 -26.62 -20.08 -32.74
CA LEU J 34 -25.60 -20.43 -33.70
C LEU J 34 -24.23 -20.52 -33.06
N LYS J 35 -23.40 -21.43 -33.56
CA LYS J 35 -22.04 -21.64 -33.07
C LYS J 35 -21.05 -21.45 -34.21
N VAL J 36 -20.06 -20.59 -33.99
CA VAL J 36 -18.99 -20.32 -34.95
C VAL J 36 -17.77 -21.11 -34.51
N GLY J 37 -17.37 -22.11 -35.30
CA GLY J 37 -16.14 -22.83 -35.06
C GLY J 37 -14.94 -22.05 -35.55
N LYS J 38 -13.76 -22.63 -35.33
CA LYS J 38 -12.51 -22.00 -35.76
C LYS J 38 -12.42 -21.90 -37.28
N GLU J 39 -13.20 -22.71 -38.01
CA GLU J 39 -13.17 -22.65 -39.46
C GLU J 39 -13.68 -21.30 -39.97
N MET J 40 -14.78 -20.83 -39.41
CA MET J 40 -15.41 -19.61 -39.90
C MET J 40 -14.84 -18.34 -39.31
N PHE J 41 -14.24 -18.40 -38.12
CA PHE J 41 -13.63 -17.20 -37.57
C PHE J 41 -12.24 -16.94 -38.15
N THR J 42 -11.52 -17.99 -38.52
CA THR J 42 -10.22 -17.78 -39.15
C THR J 42 -10.36 -17.14 -40.53
N LEU J 43 -11.51 -17.31 -41.18
CA LEU J 43 -11.72 -16.79 -42.53
C LEU J 43 -12.43 -15.44 -42.55
N LEU J 44 -13.43 -15.24 -41.69
CA LEU J 44 -14.23 -14.02 -41.68
C LEU J 44 -13.93 -13.10 -40.51
N GLY J 45 -13.63 -13.66 -39.34
CA GLY J 45 -13.26 -12.86 -38.19
C GLY J 45 -14.44 -12.41 -37.34
N PRO J 46 -14.24 -11.33 -36.58
CA PRO J 46 -15.34 -10.82 -35.73
C PRO J 46 -16.52 -10.28 -36.52
N GLN J 47 -16.32 -9.88 -37.78
CA GLN J 47 -17.40 -9.27 -38.55
C GLN J 47 -18.55 -10.24 -38.80
N PHE J 48 -18.24 -11.53 -38.99
CA PHE J 48 -19.31 -12.50 -39.22
C PHE J 48 -20.22 -12.62 -38.00
N VAL J 49 -19.64 -12.56 -36.80
CA VAL J 49 -20.45 -12.62 -35.58
C VAL J 49 -21.35 -11.39 -35.50
N ARG J 50 -20.82 -10.21 -35.85
CA ARG J 50 -21.64 -9.01 -35.89
C ARG J 50 -22.72 -9.09 -36.96
N ASP J 51 -22.54 -9.91 -37.99
CA ASP J 51 -23.59 -10.11 -38.99
C ASP J 51 -24.66 -11.06 -38.50
N LEU J 52 -24.29 -12.07 -37.69
CA LEU J 52 -25.30 -12.92 -37.08
C LEU J 52 -26.07 -12.18 -36.01
N HIS J 53 -25.45 -11.18 -35.37
CA HIS J 53 -26.14 -10.37 -34.38
C HIS J 53 -27.11 -9.39 -35.04
N GLN J 54 -26.79 -8.93 -36.25
CA GLN J 54 -27.73 -8.07 -36.97
C GLN J 54 -28.98 -8.82 -37.39
N ARG J 55 -28.86 -10.13 -37.64
CA ARG J 55 -30.01 -10.95 -38.00
C ARG J 55 -30.81 -11.41 -36.79
N GLY J 56 -30.34 -11.16 -35.58
CA GLY J 56 -31.07 -11.51 -34.38
C GLY J 56 -30.66 -12.81 -33.72
N PHE J 57 -29.48 -13.34 -34.04
CA PHE J 57 -29.02 -14.62 -33.51
C PHE J 57 -27.98 -14.42 -32.42
N GLU J 58 -28.07 -15.23 -31.36
CA GLU J 58 -27.07 -15.24 -30.30
C GLU J 58 -26.01 -16.30 -30.63
N VAL J 59 -24.75 -15.90 -30.55
CA VAL J 59 -23.63 -16.68 -31.08
C VAL J 59 -22.84 -17.31 -29.94
N PHE J 60 -22.57 -18.61 -30.07
CA PHE J 60 -21.61 -19.32 -29.22
C PHE J 60 -20.28 -19.34 -29.99
N LEU J 61 -19.37 -18.45 -29.60
CA LEU J 61 -18.05 -18.40 -30.19
C LEU J 61 -17.21 -19.59 -29.72
N ASP J 62 -17.22 -20.67 -30.50
CA ASP J 62 -16.51 -21.90 -30.15
C ASP J 62 -15.10 -21.81 -30.71
N LEU J 63 -14.22 -21.18 -29.95
CA LEU J 63 -12.80 -21.14 -30.28
C LEU J 63 -11.95 -22.04 -29.40
N LYS J 64 -12.50 -22.54 -28.29
CA LYS J 64 -11.79 -23.42 -27.35
C LYS J 64 -10.45 -22.83 -26.93
N PHE J 65 -10.45 -21.53 -26.64
CA PHE J 65 -9.24 -20.81 -26.28
C PHE J 65 -8.44 -21.58 -25.21
N HIS J 66 -7.22 -21.93 -25.57
CA HIS J 66 -6.33 -22.71 -24.70
C HIS J 66 -4.95 -22.06 -24.85
N ASP J 67 -4.64 -21.14 -23.94
CA ASP J 67 -3.38 -20.40 -24.03
C ASP J 67 -2.89 -20.09 -22.62
N ILE J 68 -1.97 -19.15 -22.52
CA ILE J 68 -1.50 -18.63 -21.25
C ILE J 68 -2.69 -17.99 -20.53
N PRO J 69 -2.67 -17.85 -19.20
CA PRO J 69 -3.81 -17.26 -18.51
C PRO J 69 -4.14 -15.85 -18.98
N ASN J 70 -3.19 -14.93 -18.86
CA ASN J 70 -3.45 -13.53 -19.17
C ASN J 70 -3.83 -13.33 -20.63
N THR J 71 -3.29 -14.17 -21.52
CA THR J 71 -3.63 -14.08 -22.94
C THR J 71 -5.03 -14.60 -23.20
N THR J 72 -5.34 -15.80 -22.71
CA THR J 72 -6.70 -16.30 -22.77
C THR J 72 -7.69 -15.29 -22.22
N ALA J 73 -7.34 -14.67 -21.09
CA ALA J 73 -8.19 -13.62 -20.53
C ALA J 73 -8.34 -12.46 -21.50
N ARG J 74 -7.25 -12.06 -22.16
CA ARG J 74 -7.35 -10.99 -23.15
C ARG J 74 -8.19 -11.41 -24.34
N ALA J 75 -8.20 -12.70 -24.68
CA ALA J 75 -9.00 -13.16 -25.81
C ALA J 75 -10.47 -13.30 -25.44
N VAL J 76 -10.76 -13.78 -24.23
CA VAL J 76 -12.15 -13.92 -23.79
C VAL J 76 -12.79 -12.56 -23.63
N ALA J 77 -12.04 -11.59 -23.10
CA ALA J 77 -12.56 -10.22 -22.99
C ALA J 77 -12.83 -9.63 -24.36
N ALA J 78 -11.97 -9.92 -25.35
CA ALA J 78 -12.21 -9.46 -26.71
C ALA J 78 -13.45 -10.12 -27.29
N ALA J 79 -13.67 -11.41 -26.97
CA ALA J 79 -14.90 -12.06 -27.37
C ALA J 79 -16.11 -11.49 -26.64
N ALA J 80 -15.89 -10.93 -25.45
CA ALA J 80 -16.99 -10.34 -24.70
C ALA J 80 -17.38 -8.97 -25.23
N GLU J 81 -16.40 -8.19 -25.71
CA GLU J 81 -16.70 -6.92 -26.36
C GLU J 81 -17.47 -7.13 -27.65
N LEU J 82 -17.35 -8.31 -28.26
CA LEU J 82 -18.14 -8.67 -29.43
C LEU J 82 -19.59 -8.94 -29.09
N GLY J 83 -19.94 -8.96 -27.81
CA GLY J 83 -21.31 -9.23 -27.43
C GLY J 83 -21.75 -10.66 -27.65
N VAL J 84 -20.82 -11.60 -27.68
CA VAL J 84 -21.20 -12.99 -27.90
C VAL J 84 -21.98 -13.50 -26.70
N TRP J 85 -22.73 -14.59 -26.92
CA TRP J 85 -23.58 -15.17 -25.90
C TRP J 85 -22.85 -16.22 -25.05
N MET J 86 -21.83 -16.86 -25.60
CA MET J 86 -21.12 -17.91 -24.89
C MET J 86 -19.77 -18.12 -25.55
N VAL J 87 -18.73 -18.31 -24.73
CA VAL J 87 -17.40 -18.65 -25.20
C VAL J 87 -16.89 -19.82 -24.37
N ASN J 88 -16.12 -20.71 -25.01
CA ASN J 88 -15.68 -21.95 -24.39
C ASN J 88 -14.16 -22.04 -24.35
N VAL J 89 -13.65 -22.54 -23.24
CA VAL J 89 -12.20 -22.68 -23.05
C VAL J 89 -11.86 -24.18 -22.98
N HIS J 90 -10.58 -24.48 -22.84
CA HIS J 90 -10.11 -25.85 -22.62
C HIS J 90 -9.84 -26.05 -21.13
N ALA J 91 -10.55 -27.01 -20.52
CA ALA J 91 -10.33 -27.29 -19.10
C ALA J 91 -8.87 -27.65 -18.83
N SER J 92 -8.26 -28.44 -19.71
CA SER J 92 -6.85 -28.78 -19.55
C SER J 92 -5.94 -27.57 -19.72
N GLY J 93 -6.48 -26.39 -19.99
CA GLY J 93 -5.69 -25.18 -20.12
C GLY J 93 -5.16 -24.63 -18.80
N GLY J 94 -5.61 -25.16 -17.68
CA GLY J 94 -5.10 -24.76 -16.38
C GLY J 94 -6.17 -24.06 -15.57
N ALA J 95 -6.16 -24.30 -14.26
CA ALA J 95 -7.11 -23.62 -13.37
C ALA J 95 -6.90 -22.12 -13.43
N ARG J 96 -5.66 -21.66 -13.26
CA ARG J 96 -5.36 -20.24 -13.32
C ARG J 96 -5.78 -19.63 -14.66
N MET J 97 -5.69 -20.40 -15.75
CA MET J 97 -6.14 -19.91 -17.05
C MET J 97 -7.65 -19.70 -17.07
N MET J 98 -8.40 -20.60 -16.43
CA MET J 98 -9.84 -20.43 -16.37
C MET J 98 -10.22 -19.33 -15.39
N THR J 99 -9.56 -19.27 -14.24
CA THR J 99 -9.84 -18.24 -13.24
C THR J 99 -9.60 -16.85 -13.82
N ALA J 100 -8.51 -16.67 -14.57
CA ALA J 100 -8.27 -15.40 -15.24
C ALA J 100 -9.32 -15.13 -16.30
N ALA J 101 -9.89 -16.18 -16.90
CA ALA J 101 -10.95 -15.99 -17.88
C ALA J 101 -12.23 -15.51 -17.22
N ARG J 102 -12.56 -16.06 -16.05
CA ARG J 102 -13.73 -15.57 -15.31
C ARG J 102 -13.53 -14.12 -14.88
N GLU J 103 -12.34 -13.79 -14.39
CA GLU J 103 -12.06 -12.43 -13.93
C GLU J 103 -12.16 -11.43 -15.08
N ALA J 104 -11.76 -11.83 -16.29
CA ALA J 104 -11.88 -10.94 -17.43
C ALA J 104 -13.34 -10.61 -17.78
N LEU J 105 -14.27 -11.47 -17.38
CA LEU J 105 -15.69 -11.23 -17.62
C LEU J 105 -16.35 -10.40 -16.53
N LEU J 106 -15.67 -10.18 -15.40
CA LEU J 106 -16.24 -9.35 -14.35
C LEU J 106 -16.55 -7.93 -14.80
N PRO J 107 -15.71 -7.23 -15.57
CA PRO J 107 -16.12 -5.91 -16.05
C PRO J 107 -17.34 -5.95 -16.95
N PHE J 108 -17.53 -7.02 -17.72
CA PHE J 108 -18.68 -7.12 -18.60
C PHE J 108 -19.98 -7.37 -17.84
N GLY J 109 -19.90 -7.72 -16.56
CA GLY J 109 -21.08 -7.71 -15.71
C GLY J 109 -22.13 -8.73 -16.10
N LYS J 110 -23.40 -8.31 -16.03
CA LYS J 110 -24.51 -9.19 -16.40
C LYS J 110 -24.52 -9.47 -17.89
N ASP J 111 -24.04 -8.53 -18.70
CA ASP J 111 -23.93 -8.72 -20.14
C ASP J 111 -22.75 -9.59 -20.54
N ALA J 112 -22.08 -10.22 -19.57
CA ALA J 112 -20.97 -11.09 -19.89
C ALA J 112 -21.47 -12.37 -20.57
N PRO J 113 -20.69 -12.93 -21.49
CA PRO J 113 -21.07 -14.20 -22.11
C PRO J 113 -20.88 -15.38 -21.16
N LEU J 114 -21.51 -16.50 -21.54
CA LEU J 114 -21.33 -17.75 -20.80
C LEU J 114 -19.91 -18.26 -21.02
N LEU J 115 -19.18 -18.50 -19.93
CA LEU J 115 -17.82 -19.01 -19.99
C LEU J 115 -17.87 -20.51 -19.77
N ILE J 116 -17.60 -21.28 -20.82
CA ILE J 116 -17.66 -22.73 -20.78
C ILE J 116 -16.25 -23.29 -20.98
N ALA J 117 -16.05 -24.53 -20.55
CA ALA J 117 -14.76 -25.19 -20.72
C ALA J 117 -14.96 -26.53 -21.39
N VAL J 118 -14.15 -26.81 -22.41
CA VAL J 118 -14.07 -28.16 -22.97
C VAL J 118 -13.30 -29.05 -22.02
N THR J 119 -13.82 -30.25 -21.75
CA THR J 119 -13.10 -31.21 -20.94
C THR J 119 -12.12 -32.01 -21.80
N VAL J 120 -12.54 -33.21 -22.20
CA VAL J 120 -11.80 -34.04 -23.14
C VAL J 120 -12.53 -33.98 -24.48
N LEU J 121 -11.77 -33.74 -25.56
CA LEU J 121 -12.37 -33.55 -26.88
C LEU J 121 -13.28 -34.72 -27.23
N THR J 122 -14.36 -34.41 -27.96
CA THR J 122 -15.39 -35.39 -28.30
C THR J 122 -14.86 -36.42 -29.28
N SER J 123 -13.61 -36.25 -29.70
CA SER J 123 -12.95 -37.17 -30.62
C SER J 123 -11.83 -37.97 -29.96
N MET J 124 -11.51 -37.71 -28.70
CA MET J 124 -10.39 -38.36 -28.02
C MET J 124 -10.92 -39.52 -27.19
N GLU J 125 -10.75 -40.74 -27.71
CA GLU J 125 -11.07 -41.94 -26.95
C GLU J 125 -9.91 -42.26 -26.00
N SER J 126 -9.90 -43.46 -25.44
CA SER J 126 -8.84 -43.83 -24.51
C SER J 126 -7.51 -44.00 -25.24
N SER J 127 -7.53 -44.62 -26.42
CA SER J 127 -6.29 -44.86 -27.16
C SER J 127 -5.61 -43.54 -27.53
N ASP J 128 -6.39 -42.54 -27.94
CA ASP J 128 -5.82 -41.24 -28.25
C ASP J 128 -5.13 -40.63 -27.02
N LEU J 129 -5.73 -40.81 -25.84
CA LEU J 129 -5.11 -40.29 -24.62
C LEU J 129 -3.89 -41.09 -24.21
N GLN J 130 -3.83 -42.38 -24.58
CA GLN J 130 -2.74 -43.24 -24.11
C GLN J 130 -1.39 -42.80 -24.67
N ASP J 131 -1.37 -42.15 -25.83
CA ASP J 131 -0.12 -41.71 -26.44
C ASP J 131 0.43 -40.44 -25.82
N LEU J 132 -0.38 -39.72 -25.04
CA LEU J 132 0.09 -38.52 -24.35
C LEU J 132 0.54 -38.78 -22.92
N GLY J 133 0.28 -39.98 -22.40
CA GLY J 133 0.64 -40.34 -21.04
C GLY J 133 -0.53 -40.46 -20.08
N ILE J 134 -1.69 -39.88 -20.44
CA ILE J 134 -2.86 -39.98 -19.57
C ILE J 134 -3.27 -41.44 -19.43
N THR J 135 -3.74 -41.79 -18.24
CA THR J 135 -4.03 -43.17 -17.89
C THR J 135 -5.46 -43.44 -17.49
N LEU J 136 -6.17 -42.46 -16.92
CA LEU J 136 -7.56 -42.65 -16.53
C LEU J 136 -8.48 -42.61 -17.74
N SER J 137 -9.67 -43.18 -17.59
CA SER J 137 -10.59 -43.30 -18.70
C SER J 137 -10.99 -41.91 -19.21
N PRO J 138 -11.48 -41.82 -20.44
CA PRO J 138 -12.05 -40.55 -20.90
C PRO J 138 -13.11 -40.01 -19.96
N ALA J 139 -13.93 -40.88 -19.38
CA ALA J 139 -14.93 -40.44 -18.41
C ALA J 139 -14.28 -39.94 -17.13
N ASP J 140 -13.31 -40.69 -16.60
CA ASP J 140 -12.66 -40.30 -15.36
C ASP J 140 -11.88 -39.01 -15.52
N TYR J 141 -11.14 -38.87 -16.63
CA TYR J 141 -10.37 -37.65 -16.83
C TYR J 141 -11.27 -36.45 -17.08
N ALA J 142 -12.42 -36.65 -17.71
CA ALA J 142 -13.35 -35.55 -17.90
C ALA J 142 -14.03 -35.18 -16.58
N ALA J 143 -14.32 -36.18 -15.76
CA ALA J 143 -14.99 -35.91 -14.48
C ALA J 143 -14.13 -35.00 -13.60
N LYS J 144 -12.84 -35.30 -13.49
CA LYS J 144 -11.95 -34.41 -12.74
C LYS J 144 -11.84 -33.05 -13.41
N LEU J 145 -11.78 -33.02 -14.75
CA LEU J 145 -11.70 -31.75 -15.45
C LEU J 145 -12.96 -30.92 -15.24
N ALA J 146 -14.13 -31.57 -15.29
CA ALA J 146 -15.38 -30.84 -15.15
C ALA J 146 -15.54 -30.25 -13.74
N ALA J 147 -15.13 -30.99 -12.72
CA ALA J 147 -15.21 -30.48 -11.36
C ALA J 147 -14.24 -29.34 -11.14
N LEU J 148 -13.06 -29.39 -11.76
CA LEU J 148 -12.11 -28.30 -11.66
C LEU J 148 -12.68 -27.02 -12.27
N THR J 149 -13.40 -27.15 -13.37
CA THR J 149 -14.03 -26.00 -14.01
C THR J 149 -15.14 -25.42 -13.14
N GLN J 150 -15.90 -26.30 -12.47
CA GLN J 150 -16.96 -25.83 -11.58
C GLN J 150 -16.37 -25.10 -10.38
N ARG J 151 -15.25 -25.60 -9.84
CA ARG J 151 -14.60 -24.91 -8.74
C ARG J 151 -13.85 -23.65 -9.19
N CYS J 152 -13.72 -23.43 -10.50
CA CYS J 152 -13.12 -22.21 -11.05
C CYS J 152 -14.14 -21.11 -11.31
N GLY J 153 -15.43 -21.39 -11.18
CA GLY J 153 -16.44 -20.37 -11.34
C GLY J 153 -17.02 -20.25 -12.72
N LEU J 154 -16.90 -21.27 -13.55
CA LEU J 154 -17.41 -21.25 -14.91
C LEU J 154 -18.80 -21.87 -14.98
N ASP J 155 -19.57 -21.43 -15.97
CA ASP J 155 -20.99 -21.75 -16.02
C ASP J 155 -21.27 -23.20 -16.36
N GLY J 156 -20.30 -23.91 -16.92
CA GLY J 156 -20.52 -25.28 -17.33
C GLY J 156 -19.40 -25.77 -18.22
N VAL J 157 -19.50 -27.04 -18.59
CA VAL J 157 -18.46 -27.70 -19.37
C VAL J 157 -19.03 -28.13 -20.72
N VAL J 158 -18.14 -28.18 -21.72
CA VAL J 158 -18.43 -28.86 -22.97
C VAL J 158 -18.17 -30.34 -22.72
N CYS J 159 -19.22 -31.09 -22.42
CA CYS J 159 -19.12 -32.50 -22.12
C CYS J 159 -19.92 -33.32 -23.14
N SER J 160 -19.96 -34.62 -22.92
CA SER J 160 -20.73 -35.55 -23.72
C SER J 160 -22.08 -35.85 -23.06
N ALA J 161 -23.04 -36.24 -23.88
CA ALA J 161 -24.31 -36.70 -23.34
C ALA J 161 -24.19 -38.05 -22.65
N GLN J 162 -23.13 -38.82 -22.98
CA GLN J 162 -22.87 -40.05 -22.24
C GLN J 162 -22.50 -39.75 -20.79
N GLU J 163 -21.81 -38.64 -20.56
CA GLU J 163 -21.40 -38.24 -19.22
C GLU J 163 -22.44 -37.37 -18.52
N ALA J 164 -23.59 -37.16 -19.15
CA ALA J 164 -24.56 -36.18 -18.64
C ALA J 164 -25.20 -36.63 -17.34
N VAL J 165 -25.65 -37.90 -17.28
CA VAL J 165 -26.41 -38.36 -16.13
C VAL J 165 -25.57 -38.30 -14.86
N ARG J 166 -24.36 -38.85 -14.91
CA ARG J 166 -23.47 -38.76 -13.76
C ARG J 166 -23.01 -37.34 -13.51
N PHE J 167 -23.06 -36.46 -14.52
CA PHE J 167 -22.68 -35.07 -14.30
C PHE J 167 -23.73 -34.33 -13.48
N LYS J 168 -24.99 -34.38 -13.93
CA LYS J 168 -26.07 -33.70 -13.20
C LYS J 168 -26.19 -34.23 -11.78
N HIS J 169 -25.95 -35.52 -11.58
CA HIS J 169 -26.00 -36.08 -10.23
C HIS J 169 -24.83 -35.59 -9.40
N GLU J 170 -23.62 -35.58 -9.98
CA GLU J 170 -22.43 -35.18 -9.23
C GLU J 170 -22.30 -33.67 -9.11
N LEU J 171 -22.61 -32.93 -10.18
CA LEU J 171 -22.24 -31.51 -10.26
C LEU J 171 -23.41 -30.56 -10.00
N GLY J 172 -24.64 -31.02 -10.08
CA GLY J 172 -25.78 -30.17 -9.79
C GLY J 172 -26.51 -29.72 -11.05
N GLN J 173 -27.75 -29.27 -10.85
CA GLN J 173 -28.59 -28.85 -11.97
C GLN J 173 -28.13 -27.52 -12.55
N ALA J 174 -27.66 -26.61 -11.69
CA ALA J 174 -27.24 -25.30 -12.15
C ALA J 174 -26.03 -25.36 -13.08
N PHE J 175 -25.28 -26.45 -13.06
CA PHE J 175 -24.06 -26.56 -13.87
C PHE J 175 -24.45 -26.96 -15.29
N LYS J 176 -24.29 -26.03 -16.24
CA LYS J 176 -24.74 -26.25 -17.59
C LYS J 176 -23.92 -27.34 -18.27
N LEU J 177 -24.57 -28.09 -19.16
CA LEU J 177 -23.92 -29.16 -19.90
C LEU J 177 -24.27 -29.02 -21.37
N VAL J 178 -23.26 -28.77 -22.20
CA VAL J 178 -23.42 -28.62 -23.65
C VAL J 178 -22.79 -29.84 -24.32
N THR J 179 -23.56 -30.51 -25.17
CA THR J 179 -23.17 -31.80 -25.73
C THR J 179 -23.41 -31.82 -27.24
N PRO J 180 -22.36 -31.94 -28.07
CA PRO J 180 -22.53 -31.93 -29.53
C PRO J 180 -23.19 -33.20 -30.07
N PRO J 221 -35.00 -26.34 -43.51
CA PRO J 221 -34.16 -25.72 -42.48
C PRO J 221 -34.93 -25.44 -41.20
N ALA J 222 -35.79 -24.43 -41.22
CA ALA J 222 -36.65 -24.16 -40.08
C ALA J 222 -37.69 -25.24 -39.85
N ALA J 223 -37.84 -26.19 -40.78
CA ALA J 223 -38.79 -27.28 -40.60
C ALA J 223 -38.30 -28.29 -39.58
N THR J 224 -37.03 -28.70 -39.70
CA THR J 224 -36.44 -29.58 -38.70
C THR J 224 -36.33 -28.91 -37.33
N LEU J 225 -36.37 -27.57 -37.29
CA LEU J 225 -36.35 -26.86 -36.01
C LEU J 225 -37.72 -26.91 -35.33
N ARG J 226 -38.79 -26.82 -36.10
CA ARG J 226 -40.12 -26.98 -35.53
C ARG J 226 -40.33 -28.41 -35.01
N ALA J 227 -39.75 -29.39 -35.70
CA ALA J 227 -39.85 -30.78 -35.23
C ALA J 227 -39.13 -30.96 -33.91
N ILE J 228 -37.89 -30.47 -33.82
CA ILE J 228 -37.11 -30.63 -32.58
C ILE J 228 -37.75 -29.87 -31.44
N ASN J 229 -38.15 -28.62 -31.68
CA ASN J 229 -38.74 -27.80 -30.63
C ASN J 229 -40.02 -28.44 -30.08
N ASP J 230 -40.77 -29.14 -30.94
CA ASP J 230 -42.03 -29.75 -30.48
C ASP J 230 -41.77 -30.91 -29.54
N SER J 231 -40.78 -31.74 -29.84
CA SER J 231 -40.46 -32.88 -28.99
C SER J 231 -39.78 -32.45 -27.70
N1 U5P K . 55.96 4.92 -10.68
C2 U5P K . 55.15 4.28 -11.59
N3 U5P K . 54.22 3.41 -11.05
C4 U5P K . 54.03 3.13 -9.72
C5 U5P K . 54.90 3.83 -8.82
C6 U5P K . 55.82 4.69 -9.31
O2 U5P K . 55.21 4.47 -12.80
O4 U5P K . 53.17 2.29 -9.38
C1' U5P K . 56.95 5.89 -11.15
C2' U5P K . 57.94 5.36 -12.21
O2' U5P K . 59.10 4.81 -11.61
C3' U5P K . 58.19 6.59 -13.08
C4' U5P K . 56.88 7.37 -12.99
O3' U5P K . 59.24 7.38 -12.53
O4' U5P K . 56.23 6.96 -11.76
C5' U5P K . 55.93 7.19 -14.15
O5' U5P K . 56.37 7.92 -15.29
P U5P K . 55.86 7.56 -16.75
O1P U5P K . 57.05 7.88 -17.68
O2P U5P K . 55.64 6.04 -16.78
O3P U5P K . 54.69 8.45 -16.99
N1 U5P L . 68.89 -7.25 4.53
C2 U5P L . 68.41 -8.07 5.53
N3 U5P L . 67.54 -9.06 5.11
C4 U5P L . 67.11 -9.28 3.82
C5 U5P L . 67.62 -8.37 2.85
C6 U5P L . 68.48 -7.40 3.22
O2 U5P L . 68.73 -7.96 6.70
O4 U5P L . 66.37 -10.25 3.58
C1' U5P L . 69.92 -6.25 4.85
C2' U5P L . 69.50 -5.25 5.93
O2' U5P L . 68.77 -4.17 5.37
C3' U5P L . 70.84 -4.87 6.54
C4' U5P L . 71.62 -6.18 6.46
O3' U5P L . 71.49 -3.90 5.73
O4' U5P L . 71.05 -6.92 5.36
C5' U5P L . 71.58 -7.05 7.71
O5' U5P L . 72.23 -6.42 8.81
P U5P L . 72.02 -6.94 10.31
O1P U5P L . 73.00 -8.07 10.50
O2P U5P L . 70.53 -7.26 10.51
O3P U5P L . 72.36 -5.73 11.19
C1 EDO M . 87.65 5.38 -7.67
O1 EDO M . 86.94 6.56 -8.08
C2 EDO M . 87.23 4.14 -8.48
O2 EDO M . 88.10 3.05 -8.13
N1 U5P N . 15.89 27.76 -8.90
C2 U5P N . 16.98 28.33 -9.52
N3 U5P N . 16.82 29.65 -9.87
C4 U5P N . 15.69 30.43 -9.68
C5 U5P N . 14.60 29.76 -9.03
C6 U5P N . 14.74 28.47 -8.66
O2 U5P N . 18.00 27.72 -9.79
O4 U5P N . 15.68 31.60 -10.09
C1' U5P N . 15.98 26.33 -8.48
C2' U5P N . 16.33 25.35 -9.59
O2' U5P N . 15.20 24.95 -10.31
C3' U5P N . 17.03 24.23 -8.80
C4' U5P N . 17.73 24.99 -7.68
O3' U5P N . 16.07 23.33 -8.24
O4' U5P N . 17.01 26.23 -7.50
C5' U5P N . 19.18 25.29 -7.93
O5' U5P N . 19.91 24.10 -8.22
P U5P N . 21.47 24.13 -8.48
O1P U5P N . 21.66 24.93 -9.75
O2P U5P N . 22.14 24.62 -7.27
O3P U5P N . 21.77 22.67 -8.79
C1 EDO O . 3.03 13.59 8.29
O1 EDO O . 2.06 13.44 7.25
C2 EDO O . 3.22 15.07 8.63
O2 EDO O . 4.19 15.16 9.71
N1 U5P P . -12.19 -1.54 7.56
C2 U5P P . -12.37 -0.98 6.30
N3 U5P P . -13.69 -0.90 5.89
C4 U5P P . -14.81 -1.30 6.60
C5 U5P P . -14.54 -1.86 7.90
C6 U5P P . -13.26 -1.97 8.32
O2 U5P P . -11.45 -0.57 5.61
O4 U5P P . -15.93 -1.15 6.10
C1' U5P P . -10.82 -1.62 8.10
C2' U5P P . -9.80 -2.40 7.26
O2' U5P P . -9.94 -3.80 7.43
C3' U5P P . -8.49 -1.82 7.79
C4' U5P P . -8.86 -0.35 8.06
O3' U5P P . -8.17 -2.45 9.02
O4' U5P P . -10.30 -0.30 8.18
C5' U5P P . -8.41 0.65 7.02
O5' U5P P . -7.02 0.94 7.12
P U5P P . -6.24 1.73 5.97
O1P U5P P . -4.84 1.07 5.91
O2P U5P P . -6.95 1.44 4.61
O3P U5P P . -6.16 3.18 6.39
C1 EDO Q . -13.98 -13.37 14.38
O1 EDO Q . -13.70 -13.79 15.72
C2 EDO Q . -15.48 -13.15 14.16
O2 EDO Q . -15.75 -13.04 12.76
N1 U5P R . -24.43 -23.24 14.91
C2 U5P R . -25.80 -23.07 14.93
N3 U5P R . -26.33 -22.48 13.80
C4 U5P R . -25.65 -22.08 12.67
C5 U5P R . -24.22 -22.28 12.72
C6 U5P R . -23.68 -22.84 13.81
O2 U5P R . -26.51 -23.43 15.87
O4 U5P R . -26.27 -21.59 11.72
C1' U5P R . -23.76 -23.91 16.05
C2' U5P R . -24.08 -23.39 17.44
O2' U5P R . -23.43 -22.17 17.71
C3' U5P R . -23.63 -24.56 18.30
C4' U5P R . -23.91 -25.78 17.41
O3' U5P R . -22.22 -24.47 18.53
O4' U5P R . -24.12 -25.27 16.08
C5' U5P R . -25.09 -26.64 17.82
O5' U5P R . -24.93 -27.15 19.14
P U5P R . -26.12 -27.95 19.85
O1P U5P R . -26.06 -29.34 19.26
O2P U5P R . -27.41 -27.15 19.64
O3P U5P R . -25.80 -27.91 21.36
#